data_7M7A
#
_entry.id   7M7A
#
_cell.length_a   69.399
_cell.length_b   210.235
_cell.length_c   499.861
_cell.angle_alpha   90.000
_cell.angle_beta   90.000
_cell.angle_gamma   90.000
#
_symmetry.space_group_name_H-M   'C 2 2 21'
#
loop_
_entity.id
_entity.type
_entity.pdbx_description
1 polymer 'Phosphoinositide 3-kinase MavQ'
2 non-polymer "ADENOSINE-5'-DIPHOSPHATE"
3 non-polymer 'MAGNESIUM ION'
#
_entity_poly.entity_id   1
_entity_poly.type   'polypeptide(L)'
_entity_poly.pdbx_seq_one_letter_code
;SEFELRRQASMGLPKKALKESQLQFLTAGTAVSDSSHQTYKVSFIENGVIKNAFYKKLDPKNHYPELLAKISVAVSLFKR
IFQGRRSAEERLVFDDEERLVGTLSISVDGFKGFNFHKESVPQESSAKEQVIPSTRTLIEKSFMEILLGRWFLDDDDGHP
HNLSLAGDIDFDMFFYWFTIYMKEPRPAIGIPKTRVNLTVRDWEGFPNVKDSKPFHWPTYKNPGQETLPTVLPVQDKLVN
LILEKTYPDPGQFEQLAHEPVAQEQKFAAALKILLTYQPEMIRKRLTELFGEMTLNYTSLDETDVALRNQYEKTFPHLCN
ENTNIKPFVDFIMNLYQMHYDNLYRVVVFYMGCENNGYGVPLPATNSALYHKPSFYKDIVEWARTQNITIFSKDDSSIKF
DEDELRRRYHQVWRDAYAPTFRDLLHDSYSLTNKLLQQVSTFHVVLDEVEGKKPTDDTLTNAWELFGTMPELSLEKITPL
ISVDKDSKLRTALILLVEFTTQFHAVAKTYYQKDRKDLTEEDNLEFSEQLVQLYTNYNLKIRQSLAHTSTLAGEFNRIAV
GLKQYTERANFQLHLTTTDEQMKEATVATT
;
_entity_poly.pdbx_strand_id   A,B,C,D
#
# COMPACT_ATOMS: atom_id res chain seq x y z
N GLY A 12 -51.97 -21.07 28.05
CA GLY A 12 -53.06 -21.93 27.58
C GLY A 12 -52.71 -22.64 26.29
N LEU A 13 -53.30 -22.19 25.18
CA LEU A 13 -53.07 -22.77 23.87
C LEU A 13 -52.69 -21.66 22.89
N PRO A 14 -51.96 -22.01 21.82
CA PRO A 14 -51.38 -20.98 20.94
C PRO A 14 -52.37 -19.95 20.41
N LYS A 15 -51.82 -18.82 19.97
CA LYS A 15 -52.64 -17.71 19.48
C LYS A 15 -53.38 -18.09 18.20
N LYS A 16 -52.66 -18.70 17.25
CA LYS A 16 -53.24 -19.06 15.96
C LYS A 16 -53.67 -20.52 15.91
N ALA A 17 -53.95 -21.12 17.06
CA ALA A 17 -54.46 -22.48 17.12
C ALA A 17 -55.97 -22.46 17.23
N LEU A 18 -56.60 -23.53 16.75
CA LEU A 18 -58.04 -23.68 16.80
C LEU A 18 -58.41 -24.82 17.74
N LYS A 19 -59.70 -24.96 18.01
CA LYS A 19 -60.23 -26.07 18.78
C LYS A 19 -61.22 -26.85 17.93
N GLU A 20 -61.17 -28.18 18.04
CA GLU A 20 -62.08 -29.02 17.26
C GLU A 20 -63.54 -28.62 17.48
N SER A 21 -63.84 -28.06 18.66
CA SER A 21 -65.20 -27.61 18.93
C SER A 21 -65.59 -26.39 18.11
N GLN A 22 -64.61 -25.70 17.52
CA GLN A 22 -64.86 -24.48 16.75
C GLN A 22 -65.03 -24.74 15.26
N LEU A 23 -65.18 -26.01 14.85
CA LEU A 23 -65.15 -26.39 13.45
C LEU A 23 -66.52 -26.89 13.01
N GLN A 24 -67.05 -26.31 11.94
CA GLN A 24 -68.30 -26.76 11.32
C GLN A 24 -67.95 -27.76 10.23
N PHE A 25 -68.26 -29.03 10.47
CA PHE A 25 -67.97 -30.08 9.50
C PHE A 25 -68.98 -30.04 8.36
N LEU A 26 -68.48 -30.16 7.13
CA LEU A 26 -69.31 -30.07 5.94
C LEU A 26 -69.69 -31.44 5.38
N THR A 27 -69.35 -32.52 6.08
CA THR A 27 -69.64 -33.88 5.61
C THR A 27 -70.87 -34.49 6.26
N ALA A 28 -71.07 -34.28 7.56
CA ALA A 28 -72.21 -34.86 8.27
C ALA A 28 -73.44 -33.97 8.15
N HIS A 37 -55.38 -40.88 5.34
CA HIS A 37 -55.63 -40.64 6.76
C HIS A 37 -57.08 -40.19 6.98
N GLN A 38 -57.42 -39.94 8.24
CA GLN A 38 -58.79 -39.54 8.63
C GLN A 38 -58.98 -38.09 8.22
N THR A 39 -59.25 -37.88 6.94
CA THR A 39 -59.37 -36.55 6.36
C THR A 39 -60.83 -36.13 6.28
N TYR A 40 -61.19 -35.05 6.97
CA TYR A 40 -62.54 -34.50 6.92
C TYR A 40 -62.51 -33.09 6.35
N LYS A 41 -63.59 -32.72 5.66
CA LYS A 41 -63.75 -31.36 5.15
C LYS A 41 -64.34 -30.47 6.24
N VAL A 42 -63.75 -29.30 6.43
CA VAL A 42 -64.07 -28.43 7.57
C VAL A 42 -64.15 -26.98 7.11
N SER A 43 -64.93 -26.19 7.86
CA SER A 43 -64.97 -24.74 7.73
C SER A 43 -64.89 -24.14 9.13
N PHE A 44 -64.44 -22.89 9.20
CA PHE A 44 -64.36 -22.20 10.48
C PHE A 44 -64.26 -20.70 10.22
N ILE A 45 -64.31 -19.93 11.31
CA ILE A 45 -64.35 -18.47 11.25
C ILE A 45 -62.97 -17.92 11.62
N GLU A 46 -62.52 -16.93 10.85
CA GLU A 46 -61.22 -16.31 11.06
C GLU A 46 -61.30 -14.86 10.60
N ASN A 47 -60.97 -13.93 11.50
CA ASN A 47 -60.99 -12.50 11.19
C ASN A 47 -62.28 -12.09 10.51
N GLY A 48 -63.40 -12.61 11.02
CA GLY A 48 -64.71 -12.19 10.55
C GLY A 48 -65.13 -12.75 9.21
N VAL A 49 -64.46 -13.80 8.72
CA VAL A 49 -64.83 -14.42 7.45
C VAL A 49 -64.54 -15.91 7.55
N ILE A 50 -65.33 -16.70 6.83
CA ILE A 50 -65.20 -18.15 6.85
C ILE A 50 -64.02 -18.57 5.96
N LYS A 51 -63.32 -19.62 6.38
CA LYS A 51 -62.21 -20.19 5.62
C LYS A 51 -62.40 -21.70 5.57
N ASN A 52 -62.66 -22.23 4.38
CA ASN A 52 -62.71 -23.68 4.22
C ASN A 52 -61.32 -24.26 4.41
N ALA A 53 -61.27 -25.55 4.74
CA ALA A 53 -60.00 -26.21 5.04
C ALA A 53 -60.22 -27.71 5.05
N PHE A 54 -59.12 -28.45 5.29
CA PHE A 54 -59.14 -29.90 5.37
C PHE A 54 -58.53 -30.31 6.72
N TYR A 55 -59.19 -31.23 7.40
CA TYR A 55 -58.86 -31.61 8.77
C TYR A 55 -58.23 -32.99 8.78
N LYS A 56 -57.09 -33.12 9.45
CA LYS A 56 -56.48 -34.42 9.70
C LYS A 56 -56.45 -34.64 11.20
N LYS A 57 -56.70 -35.88 11.61
CA LYS A 57 -56.78 -36.22 13.03
C LYS A 57 -55.56 -37.05 13.41
N LEU A 58 -54.97 -36.74 14.57
CA LEU A 58 -53.82 -37.50 15.04
C LEU A 58 -54.19 -38.98 15.16
N ASP A 59 -53.28 -39.84 14.70
CA ASP A 59 -53.45 -41.29 14.78
C ASP A 59 -52.13 -41.90 15.23
N PRO A 60 -51.74 -41.66 16.49
CA PRO A 60 -50.41 -42.10 16.95
C PRO A 60 -50.09 -43.55 16.63
N LYS A 61 -51.10 -44.42 16.54
CA LYS A 61 -50.88 -45.83 16.25
C LYS A 61 -50.96 -46.16 14.77
N ASN A 62 -51.01 -45.15 13.91
CA ASN A 62 -51.05 -45.35 12.46
C ASN A 62 -50.20 -44.27 11.80
N HIS A 63 -48.98 -44.09 12.31
CA HIS A 63 -48.12 -43.01 11.85
C HIS A 63 -48.75 -41.68 12.25
N TYR A 64 -48.33 -40.59 11.62
CA TYR A 64 -48.75 -39.23 11.96
C TYR A 64 -48.88 -39.03 13.47
N PRO A 65 -47.78 -39.17 14.24
CA PRO A 65 -47.87 -38.91 15.70
C PRO A 65 -48.05 -37.43 16.02
N GLU A 66 -47.85 -37.06 17.28
CA GLU A 66 -47.94 -35.65 17.66
C GLU A 66 -46.79 -34.84 17.08
N LEU A 67 -45.54 -35.29 17.29
CA LEU A 67 -44.39 -34.51 16.85
C LEU A 67 -44.16 -34.59 15.35
N LEU A 68 -44.74 -35.57 14.66
CA LEU A 68 -44.72 -35.49 13.19
C LEU A 68 -45.77 -34.50 12.72
N ALA A 69 -46.96 -34.54 13.31
CA ALA A 69 -47.98 -33.56 12.98
C ALA A 69 -47.55 -32.16 13.38
N LYS A 70 -46.77 -32.06 14.45
CA LYS A 70 -46.31 -30.74 14.90
C LYS A 70 -45.25 -30.17 13.94
N ILE A 71 -44.49 -31.04 13.28
CA ILE A 71 -43.51 -30.57 12.30
C ILE A 71 -44.18 -30.19 10.99
N SER A 72 -45.31 -30.84 10.65
CA SER A 72 -45.99 -30.53 9.40
C SER A 72 -46.54 -29.11 9.41
N VAL A 73 -46.93 -28.59 10.58
CA VAL A 73 -47.48 -27.25 10.64
C VAL A 73 -46.38 -26.20 10.59
N ALA A 74 -45.20 -26.51 11.12
CA ALA A 74 -44.09 -25.56 11.01
C ALA A 74 -43.59 -25.49 9.58
N VAL A 75 -43.60 -26.62 8.86
CA VAL A 75 -43.20 -26.62 7.46
C VAL A 75 -44.13 -25.73 6.65
N SER A 76 -45.43 -25.81 6.93
CA SER A 76 -46.40 -24.98 6.20
C SER A 76 -46.10 -23.50 6.35
N LEU A 77 -45.59 -23.08 7.52
CA LEU A 77 -45.22 -21.68 7.71
C LEU A 77 -43.91 -21.35 7.01
N PHE A 78 -42.86 -22.13 7.27
CA PHE A 78 -41.58 -21.93 6.59
C PHE A 78 -41.78 -21.75 5.10
N LYS A 79 -42.62 -22.58 4.49
CA LYS A 79 -42.80 -22.51 3.04
C LYS A 79 -43.59 -21.29 2.63
N ARG A 80 -44.60 -20.90 3.41
CA ARG A 80 -45.37 -19.71 3.06
C ARG A 80 -44.55 -18.42 3.14
N ILE A 81 -43.40 -18.45 3.82
CA ILE A 81 -42.59 -17.23 3.91
C ILE A 81 -41.98 -16.90 2.56
N PHE A 82 -41.59 -17.91 1.79
CA PHE A 82 -41.01 -17.71 0.47
C PHE A 82 -41.91 -18.19 -0.67
N GLN A 83 -43.06 -18.79 -0.37
CA GLN A 83 -44.01 -19.17 -1.41
C GLN A 83 -45.33 -18.41 -1.37
N GLY A 84 -45.73 -17.86 -0.22
CA GLY A 84 -46.95 -17.07 -0.16
C GLY A 84 -48.19 -17.94 -0.18
N ARG A 85 -49.15 -17.57 -1.02
CA ARG A 85 -50.41 -18.30 -1.12
C ARG A 85 -50.27 -19.65 -1.82
N ARG A 86 -49.11 -19.95 -2.39
CA ARG A 86 -48.93 -21.22 -3.11
C ARG A 86 -48.63 -22.39 -2.17
N SER A 87 -48.52 -22.14 -0.86
CA SER A 87 -48.30 -23.20 0.11
C SER A 87 -49.39 -23.11 1.18
N ALA A 88 -50.18 -24.16 1.31
CA ALA A 88 -51.25 -24.18 2.30
C ALA A 88 -50.69 -23.91 3.68
N GLU A 89 -51.36 -23.02 4.43
CA GLU A 89 -51.04 -22.81 5.83
C GLU A 89 -51.79 -23.83 6.68
N GLU A 90 -51.08 -24.48 7.59
CA GLU A 90 -51.64 -25.46 8.49
C GLU A 90 -51.72 -24.86 9.90
N ARG A 91 -52.65 -25.40 10.69
CA ARG A 91 -52.88 -24.93 12.05
C ARG A 91 -52.90 -26.13 12.99
N LEU A 92 -52.77 -25.83 14.28
CA LEU A 92 -52.91 -26.84 15.32
C LEU A 92 -54.31 -26.75 15.92
N VAL A 93 -54.99 -27.89 15.97
CA VAL A 93 -56.34 -27.97 16.53
C VAL A 93 -56.28 -28.79 17.82
N PHE A 94 -56.89 -28.27 18.87
CA PHE A 94 -56.95 -28.93 20.17
C PHE A 94 -58.38 -29.32 20.48
N ASP A 95 -58.53 -30.18 21.49
CA ASP A 95 -59.86 -30.45 22.02
C ASP A 95 -60.22 -29.39 23.05
N ASP A 96 -61.39 -29.52 23.65
CA ASP A 96 -61.86 -28.52 24.60
C ASP A 96 -61.08 -28.55 25.91
N GLU A 97 -60.13 -29.46 26.10
CA GLU A 97 -59.34 -29.55 27.32
C GLU A 97 -57.85 -29.29 27.06
N GLU A 98 -57.55 -28.51 26.01
CA GLU A 98 -56.18 -28.13 25.66
C GLU A 98 -55.29 -29.36 25.47
N ARG A 99 -55.70 -30.21 24.53
CA ARG A 99 -54.94 -31.39 24.15
C ARG A 99 -54.95 -31.51 22.64
N LEU A 100 -53.77 -31.67 22.05
CA LEU A 100 -53.68 -31.73 20.59
C LEU A 100 -54.44 -32.94 20.07
N VAL A 101 -55.12 -32.76 18.93
CA VAL A 101 -55.99 -33.79 18.39
C VAL A 101 -55.79 -33.93 16.88
N GLY A 102 -55.21 -32.93 16.24
CA GLY A 102 -54.97 -33.02 14.81
C GLY A 102 -54.36 -31.75 14.27
N THR A 103 -54.39 -31.64 12.94
CA THR A 103 -53.91 -30.46 12.24
C THR A 103 -54.93 -30.05 11.19
N LEU A 104 -54.76 -28.83 10.70
CA LEU A 104 -55.63 -28.26 9.68
C LEU A 104 -54.78 -27.90 8.46
N SER A 105 -55.46 -27.58 7.35
CA SER A 105 -54.75 -27.20 6.13
C SER A 105 -55.72 -26.36 5.29
N ILE A 106 -55.64 -25.04 5.46
CA ILE A 106 -56.58 -24.15 4.80
C ILE A 106 -56.52 -24.35 3.30
N SER A 107 -57.68 -24.46 2.67
CA SER A 107 -57.76 -24.78 1.26
C SER A 107 -56.98 -23.76 0.43
N VAL A 108 -56.26 -24.26 -0.56
CA VAL A 108 -55.49 -23.41 -1.46
C VAL A 108 -56.40 -22.96 -2.60
N ASP A 109 -56.67 -21.66 -2.67
CA ASP A 109 -57.55 -21.14 -3.70
C ASP A 109 -57.01 -21.50 -5.08
N GLY A 110 -57.80 -22.23 -5.85
CA GLY A 110 -57.39 -22.62 -7.19
C GLY A 110 -56.54 -23.87 -7.22
N PHE A 111 -56.89 -24.87 -6.41
CA PHE A 111 -56.16 -26.13 -6.34
C PHE A 111 -56.94 -27.19 -7.10
N LYS A 112 -56.36 -27.72 -8.17
CA LYS A 112 -56.98 -28.80 -8.95
C LYS A 112 -56.13 -30.06 -8.97
N GLY A 113 -55.02 -30.10 -8.24
CA GLY A 113 -54.19 -31.30 -8.14
C GLY A 113 -53.75 -31.87 -9.48
N PHE A 114 -53.01 -32.97 -9.43
CA PHE A 114 -52.51 -33.64 -10.63
C PHE A 114 -53.11 -35.04 -10.73
N ASN A 115 -53.13 -35.54 -11.96
CA ASN A 115 -53.79 -36.80 -12.26
C ASN A 115 -52.89 -37.99 -11.98
N PHE A 116 -53.50 -39.12 -11.68
CA PHE A 116 -52.84 -40.42 -11.74
C PHE A 116 -53.06 -41.02 -13.12
N HIS A 117 -52.17 -41.94 -13.50
CA HIS A 117 -52.34 -42.61 -14.79
C HIS A 117 -53.56 -43.52 -14.82
N LYS A 118 -54.21 -43.73 -13.67
CA LYS A 118 -55.42 -44.55 -13.60
C LYS A 118 -56.69 -43.74 -13.63
N GLU A 119 -56.60 -42.42 -13.66
CA GLU A 119 -57.76 -41.55 -13.57
C GLU A 119 -58.15 -41.06 -14.96
N SER A 120 -59.32 -40.45 -15.05
CA SER A 120 -59.83 -40.00 -16.33
C SER A 120 -58.96 -38.88 -16.88
N VAL A 121 -59.03 -38.70 -18.20
CA VAL A 121 -58.31 -37.64 -18.89
C VAL A 121 -59.37 -36.69 -19.45
N PRO A 122 -59.58 -35.52 -18.83
CA PRO A 122 -60.67 -34.65 -19.27
C PRO A 122 -60.66 -34.46 -20.78
N GLN A 123 -61.84 -34.17 -21.33
CA GLN A 123 -62.00 -34.07 -22.78
C GLN A 123 -61.84 -32.65 -23.29
N GLU A 124 -61.80 -31.66 -22.40
CA GLU A 124 -61.40 -30.30 -22.77
C GLU A 124 -59.91 -30.20 -22.54
N SER A 125 -59.15 -29.93 -23.61
CA SER A 125 -57.70 -29.88 -23.47
C SER A 125 -57.26 -28.79 -22.49
N SER A 126 -58.09 -27.79 -22.26
CA SER A 126 -57.76 -26.71 -21.35
C SER A 126 -57.98 -27.07 -19.88
N ALA A 127 -58.70 -28.17 -19.62
CA ALA A 127 -58.89 -28.65 -18.26
C ALA A 127 -57.92 -29.74 -17.86
N LYS A 128 -57.43 -30.55 -18.82
CA LYS A 128 -56.42 -31.54 -18.50
C LYS A 128 -55.01 -30.95 -18.52
N GLU A 129 -54.82 -29.79 -19.15
CA GLU A 129 -53.55 -29.08 -19.00
C GLU A 129 -53.34 -28.59 -17.58
N GLN A 130 -54.39 -28.61 -16.76
CA GLN A 130 -54.28 -28.31 -15.34
C GLN A 130 -54.11 -29.57 -14.50
N VAL A 131 -54.68 -30.68 -14.96
CA VAL A 131 -54.62 -31.94 -14.23
C VAL A 131 -53.39 -32.75 -14.63
N ILE A 132 -53.09 -32.81 -15.93
CA ILE A 132 -51.84 -33.37 -16.43
C ILE A 132 -51.18 -32.31 -17.31
N PRO A 133 -50.28 -31.49 -16.77
CA PRO A 133 -49.82 -30.31 -17.50
C PRO A 133 -48.78 -30.62 -18.56
N SER A 134 -48.79 -29.79 -19.60
CA SER A 134 -47.75 -29.83 -20.62
C SER A 134 -46.52 -29.06 -20.14
N THR A 135 -45.34 -29.55 -20.52
CA THR A 135 -44.10 -28.98 -20.01
C THR A 135 -44.02 -27.47 -20.24
N ARG A 136 -44.62 -26.97 -21.31
CA ARG A 136 -44.61 -25.53 -21.57
C ARG A 136 -45.64 -24.78 -20.72
N THR A 137 -46.70 -25.44 -20.27
CA THR A 137 -47.65 -24.80 -19.37
C THR A 137 -47.16 -24.76 -17.94
N LEU A 138 -46.21 -25.65 -17.58
CA LEU A 138 -45.58 -25.59 -16.26
C LEU A 138 -44.73 -24.34 -16.10
N ILE A 139 -44.10 -23.88 -17.19
CA ILE A 139 -43.28 -22.67 -17.11
C ILE A 139 -44.14 -21.42 -17.12
N GLU A 140 -45.32 -21.47 -17.72
CA GLU A 140 -46.20 -20.31 -17.72
C GLU A 140 -46.80 -20.07 -16.34
N LYS A 141 -46.98 -21.13 -15.56
CA LYS A 141 -47.58 -21.06 -14.24
C LYS A 141 -46.54 -21.14 -13.12
N SER A 142 -45.26 -21.11 -13.46
CA SER A 142 -44.17 -21.11 -12.48
C SER A 142 -44.33 -22.25 -11.48
N PHE A 143 -44.13 -23.47 -11.98
CA PHE A 143 -44.15 -24.66 -11.15
C PHE A 143 -42.76 -25.04 -10.64
N MET A 144 -41.70 -24.43 -11.18
CA MET A 144 -40.36 -24.71 -10.70
C MET A 144 -40.18 -24.22 -9.26
N GLU A 145 -40.86 -23.12 -8.91
CA GLU A 145 -40.79 -22.62 -7.54
C GLU A 145 -41.30 -23.65 -6.55
N ILE A 146 -42.34 -24.40 -6.92
CA ILE A 146 -42.94 -25.36 -6.01
C ILE A 146 -42.04 -26.58 -5.84
N LEU A 147 -41.56 -27.12 -6.95
CA LEU A 147 -40.75 -28.33 -6.90
C LEU A 147 -39.46 -28.10 -6.12
N LEU A 148 -38.88 -26.91 -6.24
CA LEU A 148 -37.65 -26.61 -5.49
C LEU A 148 -37.91 -26.58 -3.99
N GLY A 149 -39.04 -26.00 -3.57
CA GLY A 149 -39.35 -25.97 -2.15
C GLY A 149 -39.45 -27.35 -1.54
N ARG A 150 -40.06 -28.29 -2.27
CA ARG A 150 -40.17 -29.66 -1.79
C ARG A 150 -38.78 -30.30 -1.66
N TRP A 151 -37.91 -30.03 -2.64
CA TRP A 151 -36.54 -30.54 -2.57
C TRP A 151 -35.72 -29.82 -1.50
N PHE A 152 -36.01 -28.54 -1.25
CA PHE A 152 -35.25 -27.78 -0.28
C PHE A 152 -35.38 -28.37 1.11
N LEU A 153 -36.57 -28.86 1.46
CA LEU A 153 -36.85 -29.41 2.79
C LEU A 153 -36.95 -30.93 2.77
N ASP A 154 -36.40 -31.57 1.74
CA ASP A 154 -36.33 -33.03 1.64
C ASP A 154 -37.71 -33.67 1.83
N ASP A 155 -38.57 -33.39 0.86
CA ASP A 155 -39.88 -34.03 0.81
C ASP A 155 -39.77 -35.36 0.08
N ASP A 156 -40.47 -36.37 0.60
CA ASP A 156 -40.44 -37.70 0.03
C ASP A 156 -41.73 -38.06 -0.71
N ASP A 157 -42.80 -37.31 -0.49
CA ASP A 157 -44.11 -37.60 -1.09
C ASP A 157 -44.43 -36.52 -2.12
N GLY A 158 -43.71 -36.56 -3.23
CA GLY A 158 -43.99 -35.66 -4.34
C GLY A 158 -44.88 -36.32 -5.36
N HIS A 159 -45.91 -37.01 -4.89
CA HIS A 159 -46.82 -37.77 -5.71
C HIS A 159 -47.98 -36.89 -6.18
N PRO A 160 -48.64 -37.27 -7.28
CA PRO A 160 -49.50 -36.32 -8.01
C PRO A 160 -50.50 -35.53 -7.17
N HIS A 161 -51.22 -36.15 -6.23
CA HIS A 161 -52.29 -35.44 -5.56
C HIS A 161 -51.80 -34.42 -4.54
N ASN A 162 -50.53 -34.49 -4.14
CA ASN A 162 -49.96 -33.51 -3.23
C ASN A 162 -49.39 -32.29 -3.95
N LEU A 163 -49.53 -32.22 -5.28
CA LEU A 163 -49.00 -31.13 -6.08
C LEU A 163 -50.10 -30.57 -6.97
N SER A 164 -50.05 -29.26 -7.20
CA SER A 164 -51.01 -28.58 -8.06
C SER A 164 -50.29 -27.55 -8.89
N LEU A 165 -50.99 -27.06 -9.92
CA LEU A 165 -50.45 -26.01 -10.78
C LEU A 165 -50.43 -24.64 -10.10
N ALA A 166 -50.97 -24.53 -8.88
CA ALA A 166 -50.99 -23.27 -8.16
C ALA A 166 -50.47 -23.38 -6.73
N GLY A 167 -50.06 -24.56 -6.28
CA GLY A 167 -49.51 -24.69 -4.95
C GLY A 167 -49.43 -26.13 -4.51
N ASP A 168 -48.86 -26.33 -3.33
CA ASP A 168 -48.75 -27.64 -2.69
C ASP A 168 -49.45 -27.60 -1.35
N ILE A 169 -49.78 -28.78 -0.83
CA ILE A 169 -50.67 -28.87 0.33
C ILE A 169 -50.17 -29.87 1.36
N ASP A 170 -49.62 -31.00 0.90
CA ASP A 170 -49.26 -32.09 1.81
C ASP A 170 -47.83 -31.94 2.30
N PHE A 171 -47.64 -31.96 3.62
CA PHE A 171 -46.32 -31.84 4.21
C PHE A 171 -46.02 -32.94 5.24
N ASP A 172 -46.85 -33.99 5.31
CA ASP A 172 -46.64 -35.00 6.34
C ASP A 172 -45.38 -35.84 6.10
N MET A 173 -44.71 -35.69 4.97
CA MET A 173 -43.48 -36.41 4.65
C MET A 173 -42.38 -35.42 4.26
N PHE A 174 -42.20 -34.39 5.08
CA PHE A 174 -41.07 -33.47 4.93
C PHE A 174 -40.00 -33.83 5.96
N PHE A 175 -38.83 -33.23 5.80
CA PHE A 175 -37.65 -33.57 6.62
C PHE A 175 -37.43 -35.08 6.63
N TYR A 176 -37.33 -35.64 5.41
CA TYR A 176 -37.25 -37.09 5.25
C TYR A 176 -36.14 -37.71 6.10
N TRP A 177 -35.01 -37.00 6.23
CA TRP A 177 -33.88 -37.55 6.96
C TRP A 177 -34.18 -37.72 8.45
N PHE A 178 -35.12 -36.94 8.99
CA PHE A 178 -35.46 -36.99 10.41
C PHE A 178 -36.84 -37.55 10.70
N THR A 179 -37.71 -37.67 9.68
CA THR A 179 -39.09 -38.04 9.89
C THR A 179 -39.45 -39.39 9.27
N ILE A 180 -38.51 -40.03 8.58
CA ILE A 180 -38.82 -41.29 7.90
C ILE A 180 -39.22 -42.37 8.89
N TYR A 181 -38.74 -42.27 10.14
CA TYR A 181 -38.95 -43.35 11.10
C TYR A 181 -40.39 -43.44 11.62
N MET A 182 -41.23 -42.44 11.35
CA MET A 182 -42.61 -42.48 11.79
C MET A 182 -43.57 -42.83 10.65
N LYS A 183 -43.07 -43.41 9.56
CA LYS A 183 -43.90 -43.70 8.39
C LYS A 183 -43.80 -45.16 7.98
N GLU A 184 -42.65 -45.78 8.18
CA GLU A 184 -42.44 -47.17 7.76
C GLU A 184 -41.32 -47.82 8.56
N VAL A 196 -29.60 -34.21 6.15
CA VAL A 196 -29.92 -33.56 4.88
C VAL A 196 -28.65 -33.37 4.06
N ASN A 197 -28.77 -33.59 2.75
CA ASN A 197 -27.63 -33.48 1.84
C ASN A 197 -28.15 -33.02 0.47
N LEU A 198 -28.34 -31.71 0.34
CA LEU A 198 -28.63 -31.10 -0.95
C LEU A 198 -27.28 -30.76 -1.59
N THR A 199 -26.97 -31.42 -2.70
CA THR A 199 -25.66 -31.32 -3.32
C THR A 199 -25.72 -30.45 -4.57
N VAL A 200 -24.56 -29.89 -4.93
CA VAL A 200 -24.45 -29.09 -6.14
C VAL A 200 -24.91 -29.90 -7.34
N ARG A 201 -24.64 -31.20 -7.34
CA ARG A 201 -24.98 -32.03 -8.49
C ARG A 201 -26.49 -32.05 -8.72
N ASP A 202 -27.29 -31.97 -7.66
CA ASP A 202 -28.74 -31.89 -7.82
C ASP A 202 -29.19 -30.48 -8.19
N TRP A 203 -28.46 -29.46 -7.76
CA TRP A 203 -28.82 -28.09 -8.11
C TRP A 203 -28.56 -27.82 -9.58
N GLU A 204 -27.58 -28.50 -10.18
CA GLU A 204 -27.30 -28.34 -11.60
C GLU A 204 -28.44 -28.91 -12.42
N GLY A 205 -28.64 -30.22 -12.37
CA GLY A 205 -29.64 -30.88 -13.18
C GLY A 205 -30.98 -31.01 -12.48
N PHE A 206 -31.51 -29.89 -12.00
CA PHE A 206 -32.81 -29.86 -11.33
C PHE A 206 -33.91 -29.60 -12.37
N PRO A 207 -35.09 -30.24 -12.26
CA PRO A 207 -35.63 -31.07 -11.19
C PRO A 207 -35.25 -32.55 -11.24
N ASN A 208 -34.34 -32.94 -12.13
CA ASN A 208 -33.90 -34.33 -12.18
C ASN A 208 -32.99 -34.65 -11.00
N VAL A 209 -33.54 -34.63 -9.78
CA VAL A 209 -32.75 -34.94 -8.60
C VAL A 209 -32.40 -36.43 -8.63
N LYS A 210 -31.20 -36.76 -8.18
CA LYS A 210 -30.73 -38.15 -8.20
C LYS A 210 -29.89 -38.45 -6.96
N ASP A 211 -29.00 -37.54 -6.57
CA ASP A 211 -28.30 -37.73 -5.30
C ASP A 211 -29.27 -37.68 -4.14
N SER A 212 -30.14 -36.67 -4.12
CA SER A 212 -31.26 -36.62 -3.18
C SER A 212 -32.37 -37.49 -3.75
N LYS A 213 -32.61 -38.65 -3.12
CA LYS A 213 -33.48 -39.66 -3.68
C LYS A 213 -34.84 -39.65 -3.00
N PRO A 214 -35.84 -38.98 -3.55
CA PRO A 214 -37.21 -39.13 -3.05
C PRO A 214 -37.81 -40.43 -3.57
N PHE A 215 -39.03 -40.72 -3.11
CA PHE A 215 -39.76 -41.88 -3.57
C PHE A 215 -40.74 -41.55 -4.68
N HIS A 216 -41.46 -40.44 -4.57
CA HIS A 216 -42.36 -39.94 -5.60
C HIS A 216 -41.82 -38.62 -6.10
N TRP A 217 -41.63 -38.49 -7.41
CA TRP A 217 -41.12 -37.26 -7.98
C TRP A 217 -41.67 -37.12 -9.40
N PRO A 218 -41.98 -35.90 -9.84
CA PRO A 218 -42.57 -35.75 -11.17
C PRO A 218 -41.67 -36.23 -12.30
N THR A 219 -40.35 -36.10 -12.16
CA THR A 219 -39.46 -36.55 -13.22
C THR A 219 -39.40 -38.07 -13.29
N TYR A 220 -39.62 -38.75 -12.17
CA TYR A 220 -39.59 -40.21 -12.17
C TYR A 220 -40.68 -40.75 -13.08
N LYS A 221 -40.34 -41.82 -13.81
CA LYS A 221 -41.36 -42.54 -14.57
C LYS A 221 -41.96 -43.67 -13.76
N ASN A 222 -41.18 -44.28 -12.88
CA ASN A 222 -41.66 -45.35 -12.01
C ASN A 222 -41.31 -44.95 -10.58
N PRO A 223 -42.30 -44.79 -9.69
CA PRO A 223 -41.99 -44.42 -8.31
C PRO A 223 -40.93 -45.34 -7.70
N GLY A 224 -40.02 -44.74 -6.94
CA GLY A 224 -38.87 -45.47 -6.45
C GLY A 224 -37.79 -45.62 -7.49
N GLN A 225 -37.76 -44.74 -8.50
CA GLN A 225 -36.81 -44.88 -9.59
C GLN A 225 -35.38 -44.80 -9.09
N GLU A 226 -35.13 -43.96 -8.09
CA GLU A 226 -33.80 -43.82 -7.50
C GLU A 226 -33.82 -44.26 -6.04
N THR A 246 -47.78 -42.93 -9.74
CA THR A 246 -47.10 -42.81 -11.03
C THR A 246 -47.75 -41.71 -11.88
N TYR A 247 -46.91 -40.80 -12.38
CA TYR A 247 -47.42 -39.73 -13.22
C TYR A 247 -47.72 -40.26 -14.61
N PRO A 248 -48.78 -39.77 -15.27
CA PRO A 248 -49.10 -40.29 -16.60
C PRO A 248 -48.14 -39.79 -17.67
N ASP A 249 -47.59 -38.59 -17.50
CA ASP A 249 -46.62 -38.02 -18.43
C ASP A 249 -45.49 -37.44 -17.58
N PRO A 250 -44.57 -38.29 -17.11
CA PRO A 250 -43.45 -37.77 -16.32
C PRO A 250 -42.43 -37.01 -17.14
N GLY A 251 -42.25 -37.38 -18.41
CA GLY A 251 -41.28 -36.69 -19.25
C GLY A 251 -41.54 -35.21 -19.38
N GLN A 252 -42.77 -34.76 -19.14
CA GLN A 252 -43.07 -33.34 -19.21
C GLN A 252 -42.34 -32.57 -18.11
N PHE A 253 -42.08 -33.22 -16.97
CA PHE A 253 -41.32 -32.61 -15.90
C PHE A 253 -39.82 -32.81 -16.08
N GLU A 254 -39.42 -33.91 -16.73
CA GLU A 254 -38.00 -34.15 -16.98
C GLU A 254 -37.41 -33.08 -17.91
N GLN A 255 -38.22 -32.52 -18.81
CA GLN A 255 -37.70 -31.54 -19.76
C GLN A 255 -37.43 -30.18 -19.13
N LEU A 256 -37.89 -29.94 -17.90
CA LEU A 256 -37.64 -28.64 -17.28
C LEU A 256 -36.16 -28.42 -17.00
N ALA A 257 -35.37 -29.48 -16.86
CA ALA A 257 -33.93 -29.33 -16.70
C ALA A 257 -33.24 -28.96 -18.01
N HIS A 258 -33.87 -29.27 -19.15
CA HIS A 258 -33.29 -28.94 -20.44
C HIS A 258 -33.55 -27.48 -20.82
N GLU A 259 -34.73 -26.96 -20.47
CA GLU A 259 -35.11 -25.61 -20.88
C GLU A 259 -34.32 -24.58 -20.07
N PRO A 260 -33.68 -23.59 -20.71
CA PRO A 260 -32.97 -22.58 -19.93
C PRO A 260 -33.89 -21.62 -19.19
N VAL A 261 -35.06 -21.29 -19.75
CA VAL A 261 -35.98 -20.40 -19.05
C VAL A 261 -36.42 -21.03 -17.73
N ALA A 262 -36.54 -22.36 -17.69
CA ALA A 262 -36.91 -23.03 -16.45
C ALA A 262 -35.81 -22.91 -15.41
N GLN A 263 -34.54 -22.84 -15.84
CA GLN A 263 -33.45 -22.71 -14.88
C GLN A 263 -33.41 -21.30 -14.28
N GLU A 264 -33.80 -20.28 -15.06
CA GLU A 264 -33.86 -18.94 -14.48
C GLU A 264 -34.93 -18.86 -13.40
N GLN A 265 -36.06 -19.54 -13.60
CA GLN A 265 -37.07 -19.59 -12.56
C GLN A 265 -36.56 -20.35 -11.34
N LYS A 266 -35.73 -21.37 -11.56
CA LYS A 266 -35.14 -22.10 -10.43
C LYS A 266 -34.24 -21.20 -9.61
N PHE A 267 -33.43 -20.38 -10.28
CA PHE A 267 -32.57 -19.46 -9.55
C PHE A 267 -33.39 -18.41 -8.82
N ALA A 268 -34.38 -17.83 -9.49
CA ALA A 268 -35.25 -16.87 -8.82
C ALA A 268 -35.96 -17.48 -7.62
N ALA A 269 -36.19 -18.80 -7.66
CA ALA A 269 -36.79 -19.48 -6.52
C ALA A 269 -35.77 -19.65 -5.39
N ALA A 270 -34.56 -20.09 -5.72
CA ALA A 270 -33.54 -20.26 -4.69
C ALA A 270 -33.18 -18.94 -4.03
N LEU A 271 -33.16 -17.85 -4.82
CA LEU A 271 -32.86 -16.55 -4.23
C LEU A 271 -33.98 -16.07 -3.33
N LYS A 272 -35.22 -16.43 -3.65
CA LYS A 272 -36.33 -16.09 -2.77
C LYS A 272 -36.20 -16.80 -1.42
N ILE A 273 -35.83 -18.08 -1.44
CA ILE A 273 -35.68 -18.82 -0.19
C ILE A 273 -34.59 -18.20 0.67
N LEU A 274 -33.52 -17.70 0.04
CA LEU A 274 -32.39 -17.16 0.78
C LEU A 274 -32.65 -15.75 1.30
N LEU A 275 -33.39 -14.94 0.56
CA LEU A 275 -33.56 -13.53 0.92
C LEU A 275 -34.77 -13.29 1.81
N THR A 276 -35.83 -14.09 1.68
CA THR A 276 -37.00 -13.93 2.54
C THR A 276 -36.74 -14.43 3.96
N TYR A 277 -35.63 -15.12 4.19
CA TYR A 277 -35.33 -15.70 5.50
C TYR A 277 -34.99 -14.61 6.50
N GLN A 278 -36.00 -14.05 7.15
CA GLN A 278 -35.82 -13.11 8.24
C GLN A 278 -36.12 -13.82 9.55
N PRO A 279 -35.13 -14.45 10.18
CA PRO A 279 -35.43 -15.32 11.33
C PRO A 279 -36.08 -14.58 12.49
N GLU A 280 -35.80 -13.29 12.64
CA GLU A 280 -36.35 -12.55 13.77
C GLU A 280 -37.87 -12.55 13.75
N MET A 281 -38.49 -12.54 12.57
CA MET A 281 -39.95 -12.62 12.50
C MET A 281 -40.45 -14.06 12.44
N ILE A 282 -39.77 -14.92 11.68
CA ILE A 282 -40.23 -16.31 11.56
C ILE A 282 -40.32 -16.95 12.93
N ARG A 283 -39.46 -16.55 13.86
CA ARG A 283 -39.57 -17.03 15.23
C ARG A 283 -40.82 -16.47 15.89
N LYS A 284 -41.13 -15.20 15.65
CA LYS A 284 -42.35 -14.61 16.19
C LYS A 284 -43.59 -15.24 15.57
N ARG A 285 -43.56 -15.49 14.26
CA ARG A 285 -44.74 -16.04 13.60
C ARG A 285 -44.97 -17.49 13.97
N LEU A 286 -43.89 -18.26 14.18
CA LEU A 286 -44.04 -19.65 14.61
C LEU A 286 -44.66 -19.73 16.00
N THR A 287 -44.25 -18.85 16.91
CA THR A 287 -44.86 -18.83 18.24
C THR A 287 -46.33 -18.45 18.17
N GLU A 288 -46.79 -17.83 17.09
CA GLU A 288 -48.21 -17.59 16.92
C GLU A 288 -48.96 -18.88 16.65
N LEU A 289 -48.28 -19.90 16.09
CA LEU A 289 -48.90 -21.18 15.80
C LEU A 289 -48.62 -22.24 16.87
N PHE A 290 -47.60 -22.05 17.70
CA PHE A 290 -47.19 -23.07 18.68
C PHE A 290 -47.14 -22.51 20.10
N GLY A 291 -46.86 -21.23 20.23
CA GLY A 291 -46.76 -20.64 21.56
C GLY A 291 -45.53 -21.17 22.28
N GLU A 292 -45.70 -21.55 23.54
CA GLU A 292 -44.63 -22.08 24.36
C GLU A 292 -44.56 -23.60 24.31
N MET A 293 -45.19 -24.23 23.31
CA MET A 293 -45.14 -25.69 23.21
C MET A 293 -43.70 -26.18 23.20
N THR A 294 -43.42 -27.16 24.05
CA THR A 294 -42.10 -27.76 24.09
C THR A 294 -41.95 -28.78 22.96
N LEU A 295 -40.70 -29.13 22.67
CA LEU A 295 -40.43 -30.20 21.70
C LEU A 295 -41.24 -31.45 22.05
N ASN A 296 -41.00 -31.99 23.24
CA ASN A 296 -41.78 -33.10 23.77
C ASN A 296 -41.81 -34.27 22.78
N TYR A 297 -40.61 -34.76 22.45
CA TYR A 297 -40.54 -35.98 21.64
C TYR A 297 -40.89 -37.21 22.46
N THR A 298 -41.03 -37.07 23.78
CA THR A 298 -41.47 -38.19 24.62
C THR A 298 -42.88 -38.63 24.27
N SER A 299 -43.67 -37.79 23.59
CA SER A 299 -44.99 -38.21 23.16
C SER A 299 -44.96 -39.45 22.26
N LEU A 300 -43.79 -39.80 21.74
CA LEU A 300 -43.66 -41.03 20.96
C LEU A 300 -44.02 -42.27 21.77
N ASP A 301 -43.94 -42.19 23.11
CA ASP A 301 -44.36 -43.31 23.94
C ASP A 301 -45.81 -43.68 23.65
N GLU A 302 -46.66 -42.68 23.42
CA GLU A 302 -48.06 -42.93 23.12
C GLU A 302 -48.22 -43.77 21.85
N THR A 303 -47.24 -43.68 20.93
CA THR A 303 -47.23 -44.52 19.74
C THR A 303 -46.59 -45.86 20.03
N ASP A 304 -45.36 -45.83 20.55
CA ASP A 304 -44.58 -47.01 20.86
C ASP A 304 -43.27 -46.54 21.47
N VAL A 305 -42.94 -47.01 22.67
CA VAL A 305 -41.75 -46.51 23.35
C VAL A 305 -40.49 -46.85 22.56
N ALA A 306 -40.52 -47.94 21.79
CA ALA A 306 -39.36 -48.31 21.00
C ALA A 306 -38.99 -47.23 19.98
N LEU A 307 -39.97 -46.46 19.51
CA LEU A 307 -39.65 -45.39 18.56
C LEU A 307 -38.88 -44.27 19.22
N ARG A 308 -39.29 -43.85 20.42
CA ARG A 308 -38.51 -42.86 21.15
C ARG A 308 -37.08 -43.32 21.34
N ASN A 309 -36.90 -44.60 21.70
CA ASN A 309 -35.54 -45.12 21.84
C ASN A 309 -34.79 -45.05 20.52
N GLN A 310 -35.49 -45.23 19.40
CA GLN A 310 -34.84 -45.11 18.09
C GLN A 310 -34.33 -43.69 17.85
N TYR A 311 -35.11 -42.68 18.26
CA TYR A 311 -34.73 -41.30 17.99
C TYR A 311 -33.61 -40.82 18.91
N GLU A 312 -33.70 -41.13 20.21
CA GLU A 312 -32.66 -40.68 21.13
C GLU A 312 -31.33 -41.37 20.88
N LYS A 313 -31.34 -42.51 20.17
CA LYS A 313 -30.11 -43.20 19.81
C LYS A 313 -29.60 -42.81 18.44
N THR A 314 -30.50 -42.52 17.49
CA THR A 314 -30.08 -42.16 16.14
C THR A 314 -29.73 -40.68 16.03
N PHE A 315 -30.51 -39.81 16.68
CA PHE A 315 -30.26 -38.37 16.72
C PHE A 315 -30.07 -37.97 18.18
N PRO A 316 -28.87 -38.17 18.74
CA PRO A 316 -28.67 -37.79 20.15
C PRO A 316 -28.50 -36.30 20.36
N HIS A 317 -28.10 -35.56 19.33
CA HIS A 317 -27.80 -34.13 19.46
C HIS A 317 -29.01 -33.26 19.24
N LEU A 318 -30.18 -33.82 18.92
CA LEU A 318 -31.37 -33.05 18.60
C LEU A 318 -32.53 -33.30 19.54
N CYS A 319 -32.84 -34.56 19.85
CA CYS A 319 -33.97 -34.92 20.71
C CYS A 319 -33.47 -35.81 21.83
N ASN A 320 -33.14 -35.20 22.98
CA ASN A 320 -32.72 -35.93 24.15
C ASN A 320 -33.44 -35.41 25.39
N GLU A 321 -33.05 -35.89 26.57
CA GLU A 321 -33.70 -35.47 27.80
C GLU A 321 -33.63 -33.95 28.00
N ASN A 322 -32.55 -33.32 27.54
CA ASN A 322 -32.36 -31.89 27.78
C ASN A 322 -33.16 -31.05 26.79
N THR A 323 -33.23 -31.47 25.52
CA THR A 323 -33.99 -30.74 24.52
C THR A 323 -35.48 -31.03 24.56
N ASN A 324 -35.89 -32.11 25.23
CA ASN A 324 -37.30 -32.49 25.25
C ASN A 324 -38.16 -31.48 25.98
N ILE A 325 -37.59 -30.67 26.88
CA ILE A 325 -38.35 -29.67 27.62
C ILE A 325 -38.20 -28.27 27.02
N LYS A 326 -37.40 -28.11 25.98
CA LYS A 326 -37.15 -26.82 25.37
C LYS A 326 -38.19 -26.51 24.31
N PRO A 327 -38.36 -25.24 23.94
CA PRO A 327 -39.45 -24.88 23.01
C PRO A 327 -39.32 -25.61 21.68
N PHE A 328 -40.46 -26.05 21.16
CA PHE A 328 -40.48 -26.67 19.83
C PHE A 328 -40.05 -25.68 18.76
N VAL A 329 -40.24 -24.38 19.00
CA VAL A 329 -39.77 -23.37 18.04
C VAL A 329 -38.26 -23.47 17.89
N ASP A 330 -37.54 -23.44 19.02
CA ASP A 330 -36.08 -23.49 18.96
C ASP A 330 -35.59 -24.77 18.30
N PHE A 331 -36.35 -25.85 18.41
CA PHE A 331 -35.92 -27.12 17.82
C PHE A 331 -35.99 -27.07 16.30
N ILE A 332 -37.14 -26.68 15.75
CA ILE A 332 -37.30 -26.71 14.30
C ILE A 332 -36.61 -25.53 13.62
N MET A 333 -36.41 -24.41 14.33
CA MET A 333 -35.58 -23.34 13.79
C MET A 333 -34.13 -23.80 13.65
N ASN A 334 -33.59 -24.40 14.70
CA ASN A 334 -32.26 -24.98 14.62
C ASN A 334 -32.21 -26.07 13.55
N LEU A 335 -33.35 -26.73 13.30
CA LEU A 335 -33.42 -27.75 12.27
C LEU A 335 -33.53 -27.12 10.88
N TYR A 336 -34.26 -26.01 10.78
CA TYR A 336 -34.42 -25.33 9.49
C TYR A 336 -33.11 -24.69 9.05
N GLN A 337 -32.35 -24.11 9.98
CA GLN A 337 -31.10 -23.46 9.61
C GLN A 337 -30.11 -24.45 8.99
N MET A 338 -30.23 -25.75 9.31
CA MET A 338 -29.40 -26.73 8.62
C MET A 338 -29.69 -26.72 7.12
N HIS A 339 -30.97 -26.82 6.75
CA HIS A 339 -31.33 -26.78 5.34
C HIS A 339 -30.90 -25.47 4.69
N TYR A 340 -31.08 -24.35 5.40
CA TYR A 340 -30.72 -23.05 4.86
C TYR A 340 -29.23 -22.97 4.58
N ASP A 341 -28.41 -23.22 5.61
CA ASP A 341 -26.97 -23.21 5.41
C ASP A 341 -26.55 -24.16 4.30
N ASN A 342 -27.25 -25.30 4.15
CA ASN A 342 -26.92 -26.24 3.09
C ASN A 342 -27.29 -25.67 1.72
N LEU A 343 -28.51 -25.14 1.58
CA LEU A 343 -28.87 -24.50 0.32
C LEU A 343 -28.01 -23.27 0.06
N TYR A 344 -27.60 -22.57 1.12
CA TYR A 344 -26.75 -21.40 0.96
C TYR A 344 -25.40 -21.79 0.38
N ARG A 345 -24.80 -22.88 0.88
CA ARG A 345 -23.51 -23.32 0.36
C ARG A 345 -23.61 -23.70 -1.11
N VAL A 346 -24.69 -24.37 -1.49
CA VAL A 346 -24.80 -24.87 -2.86
C VAL A 346 -24.94 -23.73 -3.85
N VAL A 347 -25.87 -22.81 -3.57
CA VAL A 347 -26.27 -21.81 -4.55
C VAL A 347 -25.36 -20.59 -4.52
N VAL A 348 -25.22 -19.95 -3.36
CA VAL A 348 -24.49 -18.70 -3.29
C VAL A 348 -23.05 -18.88 -3.77
N PHE A 349 -22.47 -20.05 -3.56
CA PHE A 349 -21.09 -20.31 -3.94
C PHE A 349 -20.97 -21.03 -5.27
N TYR A 350 -22.08 -21.31 -5.95
CA TYR A 350 -22.01 -21.99 -7.24
C TYR A 350 -21.16 -21.19 -8.22
N MET A 351 -20.31 -21.89 -8.96
CA MET A 351 -19.32 -21.24 -9.82
C MET A 351 -19.52 -21.54 -11.30
N GLY A 352 -20.63 -22.16 -11.68
CA GLY A 352 -21.00 -22.29 -13.06
C GLY A 352 -20.85 -23.71 -13.59
N CYS A 353 -21.33 -23.88 -14.81
CA CYS A 353 -21.33 -25.18 -15.48
C CYS A 353 -21.45 -24.94 -16.98
N GLU A 354 -20.65 -25.67 -17.76
CA GLU A 354 -20.72 -25.54 -19.21
C GLU A 354 -21.94 -26.25 -19.78
N ASN A 355 -22.36 -27.35 -19.15
CA ASN A 355 -23.52 -28.09 -19.62
C ASN A 355 -24.01 -28.98 -18.48
N ASN A 356 -25.25 -28.78 -18.04
CA ASN A 356 -25.83 -29.73 -17.12
C ASN A 356 -25.85 -31.11 -17.78
N GLY A 357 -26.22 -32.11 -16.99
CA GLY A 357 -26.43 -33.41 -17.60
C GLY A 357 -27.60 -33.45 -18.55
N TYR A 358 -28.28 -32.33 -18.77
CA TYR A 358 -29.51 -32.32 -19.55
C TYR A 358 -29.61 -31.16 -20.53
N GLY A 359 -28.54 -30.39 -20.76
CA GLY A 359 -28.47 -29.53 -21.93
C GLY A 359 -28.19 -28.06 -21.73
N VAL A 360 -28.43 -27.49 -20.55
CA VAL A 360 -28.34 -26.04 -20.38
C VAL A 360 -27.09 -25.64 -19.60
N PRO A 361 -26.37 -24.59 -20.02
CA PRO A 361 -25.28 -24.08 -19.20
C PRO A 361 -25.78 -23.15 -18.10
N LEU A 362 -25.21 -23.32 -16.90
CA LEU A 362 -25.58 -22.52 -15.74
C LEU A 362 -24.49 -21.51 -15.41
N PRO A 363 -24.81 -20.24 -15.17
CA PRO A 363 -23.79 -19.27 -14.80
C PRO A 363 -23.43 -19.37 -13.32
N ALA A 364 -22.30 -18.76 -12.99
CA ALA A 364 -21.95 -18.55 -11.59
C ALA A 364 -22.87 -17.49 -10.98
N THR A 365 -23.31 -17.73 -9.75
CA THR A 365 -24.26 -16.81 -9.12
C THR A 365 -23.69 -15.40 -8.99
N ASN A 366 -22.36 -15.27 -8.96
CA ASN A 366 -21.76 -13.93 -8.98
C ASN A 366 -22.00 -13.24 -10.31
N SER A 367 -22.12 -14.01 -11.39
CA SER A 367 -22.43 -13.46 -12.70
C SER A 367 -23.93 -13.31 -12.93
N ALA A 368 -24.73 -14.25 -12.40
CA ALA A 368 -26.18 -14.15 -12.57
C ALA A 368 -26.74 -12.96 -11.83
N LEU A 369 -26.25 -12.70 -10.61
CA LEU A 369 -26.68 -11.52 -9.87
C LEU A 369 -26.21 -10.24 -10.55
N TYR A 370 -24.96 -10.22 -11.02
CA TYR A 370 -24.42 -9.02 -11.66
C TYR A 370 -25.11 -8.74 -12.99
N HIS A 371 -25.33 -9.79 -13.80
CA HIS A 371 -25.90 -9.59 -15.12
C HIS A 371 -27.39 -9.28 -15.07
N LYS A 372 -28.12 -9.80 -14.07
CA LYS A 372 -29.57 -9.63 -13.96
C LYS A 372 -29.89 -9.03 -12.59
N PRO A 373 -29.77 -7.71 -12.44
CA PRO A 373 -30.13 -7.09 -11.15
C PRO A 373 -31.61 -7.16 -10.83
N SER A 374 -32.45 -7.58 -11.79
CA SER A 374 -33.89 -7.64 -11.54
C SER A 374 -34.25 -8.72 -10.54
N PHE A 375 -33.43 -9.76 -10.40
CA PHE A 375 -33.70 -10.81 -9.43
C PHE A 375 -34.01 -10.21 -8.06
N TYR A 376 -33.12 -9.37 -7.55
CA TYR A 376 -33.35 -8.74 -6.26
C TYR A 376 -34.51 -7.75 -6.32
N LYS A 377 -34.62 -6.99 -7.41
CA LYS A 377 -35.70 -6.03 -7.52
C LYS A 377 -37.06 -6.72 -7.54
N ASP A 378 -37.13 -7.96 -8.03
CA ASP A 378 -38.39 -8.69 -8.05
C ASP A 378 -38.74 -9.25 -6.67
N ILE A 379 -37.74 -9.71 -5.93
CA ILE A 379 -38.01 -10.22 -4.58
C ILE A 379 -38.48 -9.10 -3.68
N VAL A 380 -37.95 -7.89 -3.85
CA VAL A 380 -38.39 -6.75 -3.05
C VAL A 380 -39.84 -6.40 -3.39
N GLU A 381 -40.18 -6.40 -4.68
CA GLU A 381 -41.56 -6.10 -5.06
C GLU A 381 -42.50 -7.20 -4.58
N TRP A 382 -42.11 -8.46 -4.77
CA TRP A 382 -42.92 -9.57 -4.30
C TRP A 382 -43.08 -9.55 -2.78
N ALA A 383 -42.10 -9.00 -2.06
CA ALA A 383 -42.22 -8.93 -0.60
C ALA A 383 -43.22 -7.86 -0.18
N ARG A 384 -43.10 -6.65 -0.72
CA ARG A 384 -44.09 -5.62 -0.42
C ARG A 384 -45.49 -6.08 -0.83
N THR A 385 -45.60 -6.77 -1.95
CA THR A 385 -46.89 -7.29 -2.36
C THR A 385 -47.46 -8.24 -1.30
N GLN A 386 -46.65 -9.20 -0.86
CA GLN A 386 -47.10 -10.11 0.19
C GLN A 386 -47.33 -9.40 1.52
N ASN A 387 -46.68 -8.25 1.73
CA ASN A 387 -46.92 -7.50 2.97
C ASN A 387 -48.34 -6.94 3.01
N ILE A 388 -48.85 -6.48 1.86
CA ILE A 388 -50.20 -5.92 1.78
C ILE A 388 -51.21 -6.95 1.31
N THR A 389 -50.81 -8.20 1.12
CA THR A 389 -51.71 -9.23 0.63
C THR A 389 -52.11 -10.16 1.78
N ILE A 390 -51.26 -11.13 2.11
CA ILE A 390 -51.60 -12.09 3.14
C ILE A 390 -51.21 -11.60 4.53
N PHE A 391 -50.30 -10.63 4.63
CA PHE A 391 -49.89 -10.07 5.90
C PHE A 391 -50.62 -8.77 6.22
N SER A 392 -51.59 -8.37 5.39
CA SER A 392 -52.28 -7.11 5.61
C SER A 392 -52.85 -7.02 7.01
N LYS A 393 -53.49 -8.09 7.48
CA LYS A 393 -54.06 -8.12 8.82
C LYS A 393 -53.04 -8.43 9.91
N ASP A 394 -51.82 -8.82 9.54
CA ASP A 394 -50.80 -9.10 10.53
C ASP A 394 -50.14 -7.79 10.99
N ASP A 395 -49.43 -7.87 12.11
CA ASP A 395 -48.83 -6.69 12.69
C ASP A 395 -47.55 -6.30 11.93
N SER A 396 -47.12 -5.05 12.15
CA SER A 396 -45.92 -4.56 11.48
C SER A 396 -44.68 -5.33 11.90
N SER A 397 -44.67 -5.89 13.11
CA SER A 397 -43.49 -6.57 13.62
C SER A 397 -43.30 -7.96 13.03
N ILE A 398 -44.27 -8.47 12.28
CA ILE A 398 -44.14 -9.77 11.63
C ILE A 398 -44.35 -9.61 10.13
N LYS A 399 -43.94 -8.47 9.58
CA LYS A 399 -43.98 -8.22 8.15
C LYS A 399 -42.57 -8.22 7.58
N PHE A 400 -42.49 -8.27 6.26
CA PHE A 400 -41.20 -8.20 5.57
C PHE A 400 -40.57 -6.84 5.81
N ASP A 401 -39.40 -6.83 6.43
CA ASP A 401 -38.67 -5.59 6.69
C ASP A 401 -37.75 -5.33 5.51
N GLU A 402 -38.07 -4.30 4.73
CA GLU A 402 -37.29 -4.02 3.53
C GLU A 402 -35.82 -3.79 3.85
N ASP A 403 -35.53 -3.08 4.94
CA ASP A 403 -34.14 -2.82 5.30
C ASP A 403 -33.40 -4.14 5.58
N GLU A 404 -34.02 -5.03 6.35
CA GLU A 404 -33.41 -6.34 6.61
C GLU A 404 -33.28 -7.14 5.33
N LEU A 405 -34.28 -7.05 4.44
CA LEU A 405 -34.19 -7.75 3.17
C LEU A 405 -33.04 -7.22 2.33
N ARG A 406 -32.73 -5.92 2.46
CA ARG A 406 -31.62 -5.35 1.69
C ARG A 406 -30.29 -5.85 2.22
N ARG A 407 -30.10 -5.83 3.54
CA ARG A 407 -28.86 -6.35 4.11
C ARG A 407 -28.67 -7.82 3.77
N ARG A 408 -29.77 -8.58 3.75
CA ARG A 408 -29.68 -10.00 3.40
C ARG A 408 -29.14 -10.16 1.99
N TYR A 409 -29.68 -9.39 1.04
CA TYR A 409 -29.14 -9.44 -0.32
C TYR A 409 -27.70 -8.96 -0.35
N HIS A 410 -27.38 -7.95 0.46
CA HIS A 410 -26.00 -7.49 0.53
C HIS A 410 -25.07 -8.61 0.97
N GLN A 411 -25.51 -9.44 1.92
CA GLN A 411 -24.72 -10.61 2.30
C GLN A 411 -24.60 -11.58 1.13
N VAL A 412 -25.73 -11.98 0.55
CA VAL A 412 -25.68 -12.92 -0.57
C VAL A 412 -24.83 -12.36 -1.70
N TRP A 413 -24.83 -11.04 -1.87
CA TRP A 413 -23.97 -10.42 -2.87
C TRP A 413 -22.50 -10.63 -2.52
N ARG A 414 -22.11 -10.20 -1.31
CA ARG A 414 -20.73 -10.37 -0.86
C ARG A 414 -20.31 -11.83 -0.91
N ASP A 415 -21.07 -12.71 -0.26
CA ASP A 415 -20.67 -14.11 -0.18
C ASP A 415 -20.67 -14.78 -1.55
N ALA A 416 -21.49 -14.31 -2.48
CA ALA A 416 -21.50 -14.86 -3.83
C ALA A 416 -20.20 -14.60 -4.58
N TYR A 417 -19.38 -13.67 -4.09
CA TYR A 417 -18.08 -13.37 -4.67
C TYR A 417 -16.92 -13.97 -3.89
N ALA A 418 -17.20 -14.62 -2.76
CA ALA A 418 -16.10 -15.15 -1.95
C ALA A 418 -15.21 -16.10 -2.72
N PRO A 419 -15.72 -17.02 -3.53
CA PRO A 419 -14.83 -17.88 -4.34
C PRO A 419 -13.86 -17.10 -5.20
N THR A 420 -14.36 -16.20 -6.05
CA THR A 420 -13.46 -15.51 -6.97
C THR A 420 -12.49 -14.59 -6.26
N PHE A 421 -12.71 -14.28 -4.98
CA PHE A 421 -11.75 -13.51 -4.20
C PHE A 421 -10.81 -14.40 -3.39
N ARG A 422 -11.27 -15.59 -2.99
CA ARG A 422 -10.35 -16.60 -2.50
C ARG A 422 -9.40 -17.04 -3.59
N ASP A 423 -9.93 -17.28 -4.80
CA ASP A 423 -9.08 -17.70 -5.91
C ASP A 423 -7.99 -16.67 -6.20
N LEU A 424 -8.35 -15.39 -6.21
CA LEU A 424 -7.36 -14.35 -6.46
C LEU A 424 -6.34 -14.25 -5.33
N LEU A 425 -6.77 -14.49 -4.09
CA LEU A 425 -5.82 -14.49 -2.98
C LEU A 425 -4.95 -15.73 -2.99
N HIS A 426 -5.52 -16.88 -3.40
CA HIS A 426 -4.71 -18.09 -3.52
C HIS A 426 -3.73 -17.98 -4.68
N ASP A 427 -4.17 -17.43 -5.82
CA ASP A 427 -3.24 -17.20 -6.92
C ASP A 427 -2.21 -16.14 -6.52
N SER A 428 -2.61 -15.16 -5.72
CA SER A 428 -1.67 -14.15 -5.27
C SER A 428 -0.69 -14.72 -4.26
N TYR A 429 -1.16 -15.61 -3.39
CA TYR A 429 -0.27 -16.33 -2.48
C TYR A 429 0.74 -17.16 -3.26
N SER A 430 0.25 -17.99 -4.20
CA SER A 430 1.12 -18.93 -4.89
C SER A 430 2.24 -18.22 -5.64
N LEU A 431 1.99 -17.00 -6.11
CA LEU A 431 3.02 -16.27 -6.84
C LEU A 431 4.04 -15.65 -5.89
N THR A 432 3.63 -15.36 -4.65
CA THR A 432 4.58 -14.85 -3.67
C THR A 432 5.54 -15.94 -3.20
N ASN A 433 5.14 -17.21 -3.29
CA ASN A 433 6.06 -18.29 -2.97
C ASN A 433 7.14 -18.42 -4.03
N LYS A 434 6.74 -18.43 -5.30
CA LYS A 434 7.72 -18.55 -6.39
C LYS A 434 8.74 -17.42 -6.35
N LEU A 435 8.34 -16.24 -5.88
CA LEU A 435 9.29 -15.15 -5.72
C LEU A 435 10.14 -15.33 -4.48
N LEU A 436 9.60 -15.94 -3.43
CA LEU A 436 10.39 -16.19 -2.23
C LEU A 436 11.39 -17.32 -2.47
N GLN A 437 11.10 -18.23 -3.41
CA GLN A 437 12.07 -19.25 -3.76
C GLN A 437 13.27 -18.65 -4.50
N GLN A 438 13.03 -17.71 -5.40
CA GLN A 438 14.08 -17.19 -6.27
C GLN A 438 14.88 -16.07 -5.63
N VAL A 439 14.51 -15.62 -4.43
CA VAL A 439 15.16 -14.47 -3.82
C VAL A 439 15.72 -14.84 -2.46
N SER A 440 15.07 -15.77 -1.76
CA SER A 440 15.52 -16.13 -0.43
C SER A 440 16.81 -16.96 -0.49
N THR A 441 17.57 -16.90 0.60
CA THR A 441 18.80 -17.69 0.69
C THR A 441 18.48 -19.18 0.77
N PHE A 442 17.58 -19.55 1.68
CA PHE A 442 17.23 -20.95 1.93
C PHE A 442 16.12 -21.46 1.03
N HIS A 443 15.81 -20.76 -0.05
CA HIS A 443 14.71 -21.14 -0.94
C HIS A 443 13.47 -21.47 -0.12
N VAL A 444 13.05 -20.49 0.68
CA VAL A 444 11.92 -20.67 1.58
C VAL A 444 10.64 -20.75 0.77
N VAL A 445 9.89 -21.84 0.95
CA VAL A 445 8.54 -21.97 0.42
C VAL A 445 7.60 -21.93 1.63
N LEU A 446 6.55 -21.12 1.52
CA LEU A 446 5.64 -20.93 2.64
C LEU A 446 4.39 -21.78 2.42
N ASP A 447 3.90 -22.37 3.50
CA ASP A 447 2.74 -23.25 3.45
C ASP A 447 1.46 -22.45 3.60
N GLU A 448 0.44 -22.85 2.86
CA GLU A 448 -0.85 -22.17 2.84
C GLU A 448 -1.89 -23.07 3.47
N VAL A 449 -2.45 -22.61 4.59
CA VAL A 449 -3.56 -23.32 5.23
C VAL A 449 -4.81 -23.10 4.37
N GLU A 450 -5.30 -24.17 3.75
CA GLU A 450 -6.48 -24.05 2.90
C GLU A 450 -7.72 -23.84 3.76
N GLY A 451 -8.70 -23.14 3.18
CA GLY A 451 -9.96 -22.93 3.85
C GLY A 451 -10.92 -24.07 3.59
N LYS A 452 -12.01 -24.08 4.34
CA LYS A 452 -12.99 -25.15 4.22
C LYS A 452 -13.60 -25.15 2.81
N LYS A 453 -13.86 -26.34 2.30
CA LYS A 453 -14.43 -26.49 0.96
C LYS A 453 -15.87 -25.98 0.95
N PRO A 454 -16.40 -25.67 -0.23
CA PRO A 454 -17.76 -25.11 -0.29
C PRO A 454 -18.86 -26.07 0.14
N THR A 455 -18.60 -27.37 0.20
CA THR A 455 -19.61 -28.36 0.53
C THR A 455 -19.43 -28.96 1.92
N ASP A 456 -18.42 -28.54 2.68
CA ASP A 456 -18.25 -29.01 4.04
C ASP A 456 -19.44 -28.60 4.89
N ASP A 457 -20.11 -29.57 5.51
CA ASP A 457 -21.34 -29.30 6.23
C ASP A 457 -21.13 -28.46 7.49
N THR A 458 -19.89 -28.17 7.87
CA THR A 458 -19.62 -27.30 9.00
C THR A 458 -19.39 -25.85 8.58
N LEU A 459 -19.60 -25.53 7.31
CA LEU A 459 -19.39 -24.19 6.78
C LEU A 459 -20.66 -23.36 6.94
N THR A 460 -20.52 -22.18 7.54
CA THR A 460 -21.65 -21.27 7.75
C THR A 460 -21.45 -19.95 7.01
N ASN A 461 -20.46 -19.16 7.40
CA ASN A 461 -20.16 -17.89 6.76
C ASN A 461 -19.07 -18.06 5.72
N ALA A 462 -18.95 -17.05 4.85
CA ALA A 462 -18.09 -17.18 3.68
C ALA A 462 -16.61 -16.96 4.00
N TRP A 463 -16.28 -16.24 5.07
CA TRP A 463 -14.88 -15.95 5.35
C TRP A 463 -14.08 -17.20 5.62
N GLU A 464 -14.74 -18.31 5.94
CA GLU A 464 -14.06 -19.58 6.18
C GLU A 464 -13.60 -20.27 4.90
N LEU A 465 -13.95 -19.72 3.73
CA LEU A 465 -13.48 -20.25 2.46
C LEU A 465 -12.08 -19.78 2.11
N PHE A 466 -11.59 -18.75 2.77
CA PHE A 466 -10.32 -18.12 2.42
C PHE A 466 -9.19 -18.81 3.17
N GLY A 467 -8.20 -19.30 2.42
CA GLY A 467 -6.99 -19.82 3.03
C GLY A 467 -6.17 -18.69 3.65
N THR A 468 -5.14 -19.09 4.39
CA THR A 468 -4.27 -18.14 5.06
C THR A 468 -2.83 -18.62 5.01
N MET A 469 -1.90 -17.66 4.99
CA MET A 469 -0.47 -17.92 5.05
C MET A 469 0.05 -17.31 6.35
N PRO A 470 0.08 -18.09 7.44
CA PRO A 470 0.33 -17.47 8.75
C PRO A 470 1.63 -16.69 8.84
N GLU A 471 2.68 -17.12 8.12
CA GLU A 471 3.98 -16.49 8.22
C GLU A 471 4.22 -15.45 7.12
N LEU A 472 3.18 -15.03 6.40
CA LEU A 472 3.33 -14.04 5.33
C LEU A 472 3.18 -12.65 5.92
N SER A 473 4.30 -12.08 6.37
CA SER A 473 4.35 -10.74 6.90
C SER A 473 5.63 -10.09 6.43
N LEU A 474 5.57 -8.78 6.15
CA LEU A 474 6.79 -8.09 5.75
C LEU A 474 7.86 -8.20 6.83
N GLU A 475 7.45 -8.24 8.10
CA GLU A 475 8.39 -8.36 9.20
C GLU A 475 9.01 -9.75 9.27
N LYS A 476 8.37 -10.76 8.67
CA LYS A 476 8.83 -12.14 8.73
C LYS A 476 9.53 -12.60 7.46
N ILE A 477 9.50 -11.81 6.39
CA ILE A 477 10.12 -12.20 5.13
C ILE A 477 11.35 -11.36 4.80
N THR A 478 11.43 -10.11 5.29
CA THR A 478 12.60 -9.28 5.02
C THR A 478 13.92 -9.95 5.42
N PRO A 479 14.05 -10.56 6.61
CA PRO A 479 15.32 -11.23 6.95
C PRO A 479 15.60 -12.47 6.12
N LEU A 480 14.61 -13.01 5.40
CA LEU A 480 14.80 -14.22 4.62
C LEU A 480 15.34 -13.94 3.21
N ILE A 481 15.56 -12.67 2.86
CA ILE A 481 15.96 -12.31 1.51
C ILE A 481 17.48 -12.23 1.45
N SER A 482 18.03 -12.59 0.29
CA SER A 482 19.46 -12.53 0.04
C SER A 482 19.78 -11.26 -0.72
N VAL A 483 20.88 -10.61 -0.35
CA VAL A 483 21.33 -9.39 -1.01
C VAL A 483 22.13 -9.75 -2.26
N ASP A 484 21.88 -10.95 -2.82
CA ASP A 484 22.65 -11.43 -3.96
C ASP A 484 21.78 -11.92 -5.14
N LYS A 485 20.48 -11.63 -5.17
CA LYS A 485 19.62 -12.19 -6.19
C LYS A 485 18.58 -11.19 -6.69
N ASP A 486 18.96 -9.93 -6.86
CA ASP A 486 18.03 -8.93 -7.35
C ASP A 486 18.16 -8.80 -8.86
N SER A 487 17.38 -9.60 -9.58
CA SER A 487 17.14 -9.35 -11.00
C SER A 487 15.96 -8.42 -11.22
N LYS A 488 15.65 -7.58 -10.23
CA LYS A 488 14.40 -6.85 -10.03
C LYS A 488 13.36 -7.77 -9.40
N LEU A 489 13.65 -9.06 -9.25
CA LEU A 489 12.76 -9.97 -8.53
C LEU A 489 12.79 -9.74 -7.03
N ARG A 490 13.89 -9.16 -6.52
CA ARG A 490 13.95 -8.84 -5.10
C ARG A 490 13.00 -7.70 -4.76
N THR A 491 12.94 -6.68 -5.63
CA THR A 491 11.98 -5.59 -5.41
C THR A 491 10.55 -6.02 -5.72
N ALA A 492 10.38 -7.04 -6.57
CA ALA A 492 9.04 -7.53 -6.87
C ALA A 492 8.46 -8.32 -5.70
N LEU A 493 9.30 -9.11 -5.03
CA LEU A 493 8.83 -9.86 -3.87
C LEU A 493 8.31 -8.93 -2.79
N ILE A 494 9.10 -7.92 -2.43
CA ILE A 494 8.68 -6.99 -1.38
C ILE A 494 7.39 -6.29 -1.77
N LEU A 495 7.23 -5.95 -3.05
CA LEU A 495 5.99 -5.33 -3.51
C LEU A 495 4.84 -6.32 -3.45
N LEU A 496 5.05 -7.53 -3.96
CA LEU A 496 3.97 -8.51 -4.00
C LEU A 496 3.61 -9.01 -2.60
N VAL A 497 4.50 -8.84 -1.62
CA VAL A 497 4.15 -9.16 -0.24
C VAL A 497 3.26 -8.07 0.33
N GLU A 498 3.64 -6.80 0.16
CA GLU A 498 2.77 -5.71 0.59
C GLU A 498 1.42 -5.76 -0.10
N PHE A 499 1.42 -6.13 -1.38
CA PHE A 499 0.17 -6.21 -2.13
C PHE A 499 -0.74 -7.29 -1.58
N THR A 500 -0.21 -8.51 -1.41
CA THR A 500 -1.04 -9.62 -0.98
C THR A 500 -1.49 -9.44 0.47
N THR A 501 -0.67 -8.82 1.31
CA THR A 501 -1.07 -8.56 2.69
C THR A 501 -2.25 -7.58 2.73
N GLN A 502 -2.10 -6.43 2.08
CA GLN A 502 -3.20 -5.47 2.02
C GLN A 502 -4.44 -6.10 1.40
N PHE A 503 -4.28 -6.85 0.31
CA PHE A 503 -5.40 -7.51 -0.34
C PHE A 503 -6.17 -8.36 0.67
N HIS A 504 -5.48 -9.28 1.35
CA HIS A 504 -6.15 -10.14 2.30
C HIS A 504 -6.75 -9.34 3.44
N ALA A 505 -6.07 -8.26 3.86
CA ALA A 505 -6.58 -7.45 4.97
C ALA A 505 -7.90 -6.79 4.61
N VAL A 506 -8.02 -6.28 3.38
CA VAL A 506 -9.24 -5.62 2.97
C VAL A 506 -10.36 -6.64 2.80
N ALA A 507 -10.05 -7.81 2.27
CA ALA A 507 -11.06 -8.87 2.18
C ALA A 507 -11.57 -9.25 3.56
N LYS A 508 -10.67 -9.34 4.54
CA LYS A 508 -11.05 -9.76 5.88
C LYS A 508 -12.02 -8.74 6.50
N THR A 509 -11.60 -7.48 6.58
CA THR A 509 -12.43 -6.47 7.23
C THR A 509 -13.84 -6.47 6.68
N TYR A 510 -13.99 -6.72 5.38
CA TYR A 510 -15.29 -6.67 4.72
C TYR A 510 -16.03 -8.00 4.78
N TYR A 511 -15.32 -9.12 4.82
CA TYR A 511 -15.97 -10.42 4.89
C TYR A 511 -16.26 -10.87 6.31
N GLN A 512 -15.66 -10.24 7.32
CA GLN A 512 -15.97 -10.57 8.70
C GLN A 512 -17.15 -9.78 9.25
N LYS A 513 -17.54 -8.69 8.58
CA LYS A 513 -18.75 -7.98 8.98
C LYS A 513 -19.94 -8.90 8.84
N ASP A 514 -20.60 -9.19 9.95
CA ASP A 514 -21.77 -10.06 9.95
C ASP A 514 -23.01 -9.29 9.49
N ARG A 515 -24.05 -10.05 9.13
CA ARG A 515 -25.22 -9.48 8.47
C ARG A 515 -25.86 -8.36 9.29
N LYS A 516 -25.78 -8.43 10.61
CA LYS A 516 -26.42 -7.40 11.43
C LYS A 516 -25.62 -6.09 11.47
N ASP A 517 -24.36 -6.12 11.05
CA ASP A 517 -23.52 -4.92 11.01
C ASP A 517 -23.01 -4.62 9.61
N LEU A 518 -23.72 -5.09 8.58
CA LEU A 518 -23.25 -5.01 7.20
C LEU A 518 -23.85 -3.75 6.57
N THR A 519 -23.08 -2.67 6.53
CA THR A 519 -23.50 -1.43 5.91
C THR A 519 -23.16 -1.43 4.43
N GLU A 520 -24.03 -0.79 3.64
CA GLU A 520 -23.69 -0.59 2.23
C GLU A 520 -22.42 0.22 2.08
N GLU A 521 -22.04 1.00 3.10
CA GLU A 521 -20.75 1.68 3.08
C GLU A 521 -19.59 0.69 3.21
N ASP A 522 -19.80 -0.44 3.88
CA ASP A 522 -18.74 -1.43 3.99
C ASP A 522 -18.32 -1.93 2.62
N ASN A 523 -19.29 -2.15 1.73
CA ASN A 523 -18.94 -2.56 0.37
C ASN A 523 -18.21 -1.47 -0.38
N LEU A 524 -18.53 -0.20 -0.11
CA LEU A 524 -17.77 0.90 -0.70
C LEU A 524 -16.33 0.88 -0.20
N GLU A 525 -16.16 0.80 1.12
CA GLU A 525 -14.82 0.69 1.69
C GLU A 525 -14.03 -0.41 1.01
N PHE A 526 -14.65 -1.59 0.87
CA PHE A 526 -13.98 -2.71 0.24
C PHE A 526 -13.59 -2.40 -1.20
N SER A 527 -14.49 -1.77 -1.96
CA SER A 527 -14.21 -1.47 -3.35
C SER A 527 -13.24 -0.30 -3.49
N GLU A 528 -13.36 0.71 -2.64
CA GLU A 528 -12.47 1.86 -2.74
C GLU A 528 -11.04 1.53 -2.37
N GLN A 529 -10.82 0.45 -1.59
CA GLN A 529 -9.46 0.06 -1.26
C GLN A 529 -8.86 -0.86 -2.32
N LEU A 530 -9.61 -1.84 -2.82
CA LEU A 530 -9.09 -2.67 -3.89
C LEU A 530 -8.74 -1.86 -5.13
N VAL A 531 -9.54 -0.84 -5.43
CA VAL A 531 -9.20 0.03 -6.55
C VAL A 531 -7.98 0.87 -6.21
N GLN A 532 -7.80 1.23 -4.93
CA GLN A 532 -6.58 1.90 -4.50
C GLN A 532 -5.41 0.93 -4.47
N LEU A 533 -5.68 -0.33 -4.10
CA LEU A 533 -4.65 -1.35 -4.14
C LEU A 533 -4.15 -1.57 -5.56
N TYR A 534 -5.08 -1.72 -6.51
CA TYR A 534 -4.71 -1.95 -7.90
C TYR A 534 -3.87 -0.80 -8.45
N THR A 535 -4.28 0.44 -8.16
CA THR A 535 -3.59 1.58 -8.74
C THR A 535 -2.19 1.78 -8.17
N ASN A 536 -1.93 1.26 -6.96
CA ASN A 536 -0.64 1.49 -6.33
C ASN A 536 0.41 0.44 -6.68
N TYR A 537 -0.01 -0.79 -6.95
CA TYR A 537 0.92 -1.89 -7.16
C TYR A 537 0.88 -2.50 -8.55
N ASN A 538 -0.18 -2.26 -9.33
CA ASN A 538 -0.31 -2.95 -10.61
C ASN A 538 0.85 -2.64 -11.54
N LEU A 539 1.22 -1.37 -11.65
CA LEU A 539 2.30 -1.00 -12.56
C LEU A 539 3.65 -1.37 -11.98
N LYS A 540 3.93 -0.94 -10.74
CA LYS A 540 5.24 -1.18 -10.14
C LYS A 540 5.57 -2.67 -10.14
N ILE A 541 4.57 -3.53 -9.88
CA ILE A 541 4.85 -4.96 -9.77
C ILE A 541 5.08 -5.57 -11.14
N ARG A 542 4.22 -5.28 -12.10
CA ARG A 542 4.40 -5.87 -13.43
C ARG A 542 5.54 -5.20 -14.20
N GLN A 543 6.04 -4.06 -13.73
CA GLN A 543 7.29 -3.53 -14.26
C GLN A 543 8.50 -4.25 -13.68
N SER A 544 8.40 -4.67 -12.41
CA SER A 544 9.47 -5.43 -11.77
C SER A 544 9.51 -6.87 -12.24
N LEU A 545 8.44 -7.37 -12.85
CA LEU A 545 8.41 -8.69 -13.44
C LEU A 545 8.50 -8.63 -14.96
N ALA A 546 8.84 -7.48 -15.52
CA ALA A 546 8.82 -7.31 -16.98
C ALA A 546 9.78 -8.28 -17.66
N HIS A 547 10.93 -8.56 -17.04
CA HIS A 547 11.95 -9.39 -17.67
C HIS A 547 11.62 -10.87 -17.60
N THR A 548 10.82 -11.31 -16.64
CA THR A 548 10.45 -12.71 -16.53
C THR A 548 9.42 -13.07 -17.59
N SER A 549 9.11 -14.37 -17.67
CA SER A 549 8.20 -14.88 -18.68
C SER A 549 6.95 -15.36 -17.98
N THR A 550 6.85 -16.65 -17.62
CA THR A 550 5.64 -17.16 -16.99
C THR A 550 5.36 -16.50 -15.66
N LEU A 551 6.39 -15.96 -15.00
CA LEU A 551 6.18 -15.31 -13.71
C LEU A 551 5.40 -14.00 -13.87
N ALA A 552 5.67 -13.26 -14.95
CA ALA A 552 4.95 -12.02 -15.20
C ALA A 552 3.51 -12.31 -15.61
N GLY A 553 3.31 -13.17 -16.61
CA GLY A 553 1.98 -13.51 -17.02
C GLY A 553 1.12 -14.05 -15.90
N GLU A 554 1.73 -14.67 -14.90
CA GLU A 554 0.97 -15.16 -13.75
C GLU A 554 0.39 -14.00 -12.94
N PHE A 555 1.12 -12.89 -12.84
CA PHE A 555 0.59 -11.72 -12.15
C PHE A 555 -0.35 -10.92 -13.03
N ASN A 556 -0.25 -11.08 -14.36
CA ASN A 556 -1.21 -10.42 -15.24
C ASN A 556 -2.62 -10.90 -14.96
N ARG A 557 -2.79 -12.21 -14.77
CA ARG A 557 -4.13 -12.74 -14.51
C ARG A 557 -4.65 -12.31 -13.15
N ILE A 558 -3.76 -12.14 -12.17
CA ILE A 558 -4.19 -11.72 -10.85
C ILE A 558 -4.63 -10.26 -10.89
N ALA A 559 -3.94 -9.43 -11.65
CA ALA A 559 -4.31 -8.02 -11.74
C ALA A 559 -5.57 -7.83 -12.59
N VAL A 560 -5.65 -8.51 -13.73
CA VAL A 560 -6.84 -8.41 -14.58
C VAL A 560 -8.08 -8.82 -13.82
N GLY A 561 -8.01 -9.96 -13.10
CA GLY A 561 -9.14 -10.39 -12.31
C GLY A 561 -9.47 -9.42 -11.20
N LEU A 562 -8.44 -8.86 -10.55
CA LEU A 562 -8.66 -7.91 -9.47
C LEU A 562 -9.43 -6.69 -9.96
N LYS A 563 -9.01 -6.11 -11.09
CA LYS A 563 -9.72 -4.97 -11.66
C LYS A 563 -11.17 -5.34 -11.97
N GLN A 564 -11.37 -6.45 -12.70
CA GLN A 564 -12.70 -6.82 -13.14
C GLN A 564 -13.65 -6.99 -11.96
N TYR A 565 -13.23 -7.74 -10.95
CA TYR A 565 -14.09 -8.05 -9.82
C TYR A 565 -14.02 -7.01 -8.71
N THR A 566 -13.18 -5.99 -8.85
CA THR A 566 -13.29 -4.83 -7.98
C THR A 566 -14.47 -3.96 -8.38
N GLU A 567 -14.82 -3.95 -9.66
CA GLU A 567 -15.94 -3.18 -10.17
C GLU A 567 -17.24 -3.98 -10.18
N ARG A 568 -17.17 -5.24 -10.59
CA ARG A 568 -18.38 -6.07 -10.60
C ARG A 568 -18.95 -6.24 -9.20
N ALA A 569 -18.12 -6.12 -8.17
CA ALA A 569 -18.56 -6.32 -6.80
C ALA A 569 -19.11 -5.05 -6.17
N ASN A 570 -19.03 -3.90 -6.84
CA ASN A 570 -19.53 -2.66 -6.28
C ASN A 570 -21.03 -2.73 -6.11
N PHE A 571 -21.49 -2.74 -4.86
CA PHE A 571 -22.90 -3.00 -4.56
C PHE A 571 -23.75 -1.76 -4.82
N GLN A 572 -23.30 -0.59 -4.37
CA GLN A 572 -24.06 0.63 -4.61
C GLN A 572 -24.29 0.85 -6.09
N LEU A 573 -23.28 0.55 -6.91
CA LEU A 573 -23.42 0.71 -8.36
C LEU A 573 -24.32 -0.37 -8.96
N HIS A 574 -24.34 -1.55 -8.35
CA HIS A 574 -25.16 -2.64 -8.86
C HIS A 574 -26.65 -2.37 -8.70
N LEU A 575 -27.03 -1.67 -7.63
CA LEU A 575 -28.44 -1.43 -7.37
C LEU A 575 -29.06 -0.44 -8.35
N THR A 576 -28.23 0.30 -9.08
CA THR A 576 -28.73 1.29 -10.04
C THR A 576 -28.82 0.76 -11.46
N THR A 577 -28.57 -0.53 -11.68
CA THR A 577 -28.52 -1.09 -13.01
C THR A 577 -29.82 -1.78 -13.38
N THR A 578 -30.02 -1.97 -14.68
CA THR A 578 -31.16 -2.68 -15.23
C THR A 578 -30.65 -3.83 -16.09
N ASP A 579 -31.50 -4.83 -16.28
CA ASP A 579 -31.09 -6.01 -17.02
C ASP A 579 -30.57 -5.65 -18.41
N GLU A 580 -31.19 -4.65 -19.04
CA GLU A 580 -30.74 -4.24 -20.37
C GLU A 580 -29.45 -3.44 -20.30
N GLN A 581 -29.30 -2.58 -19.28
CA GLN A 581 -28.05 -1.85 -19.12
C GLN A 581 -26.88 -2.81 -18.97
N MET A 582 -27.08 -3.92 -18.26
CA MET A 582 -26.01 -4.89 -18.05
C MET A 582 -25.82 -5.82 -19.25
N LYS A 583 -26.79 -5.88 -20.16
CA LYS A 583 -26.62 -6.67 -21.37
C LYS A 583 -25.86 -5.92 -22.45
N GLU A 584 -25.92 -4.58 -22.44
CA GLU A 584 -25.16 -3.77 -23.38
C GLU A 584 -23.81 -3.33 -22.84
N ALA A 585 -23.61 -3.40 -21.53
CA ALA A 585 -22.32 -3.03 -20.95
C ALA A 585 -21.26 -4.10 -21.20
N THR A 586 -21.65 -5.33 -21.50
CA THR A 586 -20.70 -6.41 -21.74
C THR A 586 -20.24 -6.49 -23.19
N VAL A 587 -20.85 -5.73 -24.09
CA VAL A 587 -20.45 -5.72 -25.49
C VAL A 587 -19.93 -4.36 -25.89
N GLY B 12 30.19 22.96 -53.16
CA GLY B 12 29.75 23.10 -54.53
C GLY B 12 29.10 21.85 -55.09
N LEU B 13 29.46 20.71 -54.53
CA LEU B 13 28.93 19.42 -54.96
C LEU B 13 28.40 18.64 -53.76
N PRO B 14 27.31 17.89 -53.91
CA PRO B 14 26.77 17.16 -52.76
C PRO B 14 27.81 16.25 -52.13
N LYS B 15 27.61 15.96 -50.84
CA LYS B 15 28.58 15.15 -50.11
C LYS B 15 28.60 13.71 -50.63
N LYS B 16 27.43 13.12 -50.86
CA LYS B 16 27.30 11.73 -51.28
C LYS B 16 27.04 11.59 -52.77
N ALA B 17 27.42 12.57 -53.58
CA ALA B 17 27.29 12.50 -55.02
C ALA B 17 28.62 12.07 -55.64
N LEU B 18 28.54 11.46 -56.82
CA LEU B 18 29.70 10.94 -57.51
C LEU B 18 29.95 11.72 -58.80
N LYS B 19 31.08 11.40 -59.42
CA LYS B 19 31.46 11.92 -60.73
C LYS B 19 31.47 10.79 -61.74
N GLU B 20 30.95 11.05 -62.94
CA GLU B 20 30.92 10.02 -63.97
C GLU B 20 32.31 9.51 -64.29
N SER B 21 33.33 10.36 -64.17
CA SER B 21 34.70 9.94 -64.42
C SER B 21 35.21 8.96 -63.39
N GLN B 22 34.55 8.86 -62.23
CA GLN B 22 34.96 7.93 -61.18
C GLN B 22 34.31 6.56 -61.32
N LEU B 23 33.56 6.33 -62.40
CA LEU B 23 32.76 5.12 -62.55
C LEU B 23 33.43 4.18 -63.54
N GLN B 24 33.74 2.98 -63.09
CA GLN B 24 34.29 1.93 -63.94
C GLN B 24 33.13 1.16 -64.55
N PHE B 25 32.90 1.34 -65.85
CA PHE B 25 31.80 0.69 -66.55
C PHE B 25 32.13 -0.77 -66.82
N THR B 39 21.32 1.79 -68.48
CA THR B 39 21.34 0.57 -67.68
C THR B 39 22.61 -0.24 -67.94
N TYR B 40 23.73 0.26 -67.44
CA TYR B 40 25.02 -0.41 -67.57
C TYR B 40 25.51 -0.80 -66.18
N LYS B 41 26.29 -1.87 -66.11
CA LYS B 41 26.90 -2.26 -64.85
C LYS B 41 28.08 -1.34 -64.56
N VAL B 42 28.11 -0.79 -63.36
CA VAL B 42 29.09 0.21 -62.95
C VAL B 42 29.61 -0.16 -61.58
N SER B 43 30.87 0.21 -61.32
CA SER B 43 31.47 0.06 -60.01
C SER B 43 32.14 1.36 -59.62
N PHE B 44 32.30 1.55 -58.32
CA PHE B 44 33.01 2.69 -57.79
C PHE B 44 33.40 2.38 -56.36
N ILE B 45 34.26 3.21 -55.80
CA ILE B 45 34.78 3.02 -54.45
C ILE B 45 34.09 4.03 -53.53
N GLU B 46 33.68 3.55 -52.36
CA GLU B 46 33.01 4.40 -51.38
C GLU B 46 33.37 3.88 -49.99
N ASN B 47 33.81 4.80 -49.14
CA ASN B 47 34.27 4.45 -47.79
C ASN B 47 35.27 3.30 -47.84
N GLY B 48 36.19 3.37 -48.80
CA GLY B 48 37.29 2.43 -48.88
C GLY B 48 36.95 1.06 -49.41
N VAL B 49 35.78 0.88 -50.05
CA VAL B 49 35.36 -0.41 -50.56
C VAL B 49 34.59 -0.21 -51.86
N ILE B 50 34.70 -1.20 -52.76
CA ILE B 50 34.06 -1.12 -54.06
C ILE B 50 32.60 -1.56 -53.93
N LYS B 51 31.72 -0.89 -54.68
CA LYS B 51 30.30 -1.19 -54.69
C LYS B 51 29.81 -1.24 -56.14
N ASN B 52 29.36 -2.42 -56.56
CA ASN B 52 28.73 -2.54 -57.87
C ASN B 52 27.41 -1.77 -57.89
N ALA B 53 26.96 -1.43 -59.09
CA ALA B 53 25.73 -0.64 -59.24
C ALA B 53 25.27 -0.72 -60.69
N PHE B 54 24.13 -0.08 -60.96
CA PHE B 54 23.55 0.01 -62.29
C PHE B 54 23.36 1.47 -62.66
N TYR B 55 23.84 1.85 -63.85
CA TYR B 55 23.89 3.24 -64.27
C TYR B 55 22.88 3.47 -65.39
N LYS B 56 21.98 4.42 -65.16
CA LYS B 56 21.02 4.86 -66.17
C LYS B 56 21.20 6.35 -66.40
N LYS B 57 21.17 6.74 -67.67
CA LYS B 57 21.48 8.11 -68.06
C LYS B 57 20.22 8.85 -68.49
N LEU B 58 20.24 10.18 -68.31
CA LEU B 58 19.18 11.06 -68.74
C LEU B 58 18.85 10.85 -70.22
N TYR B 64 12.75 10.43 -69.08
CA TYR B 64 13.73 10.43 -67.99
C TYR B 64 14.39 11.81 -67.82
N PRO B 65 13.59 12.83 -67.48
CA PRO B 65 14.14 14.18 -67.37
C PRO B 65 15.11 14.36 -66.21
N GLU B 66 15.47 15.62 -65.94
CA GLU B 66 16.37 15.91 -64.83
C GLU B 66 15.65 15.78 -63.48
N LEU B 67 14.52 16.45 -63.32
CA LEU B 67 13.84 16.48 -62.03
C LEU B 67 13.13 15.16 -61.73
N LEU B 68 12.78 14.37 -62.75
CA LEU B 68 12.24 13.04 -62.48
C LEU B 68 13.33 12.11 -61.98
N ALA B 69 14.53 12.21 -62.57
CA ALA B 69 15.66 11.42 -62.09
C ALA B 69 16.10 11.86 -60.70
N LYS B 70 15.97 13.15 -60.40
CA LYS B 70 16.39 13.67 -59.11
C LYS B 70 15.39 13.34 -58.00
N ILE B 71 14.11 13.15 -58.34
CA ILE B 71 13.15 12.70 -57.35
C ILE B 71 13.29 11.20 -57.11
N SER B 72 13.73 10.45 -58.12
CA SER B 72 13.88 9.00 -57.96
C SER B 72 14.91 8.65 -56.89
N VAL B 73 15.95 9.48 -56.73
CA VAL B 73 16.94 9.20 -55.70
C VAL B 73 16.45 9.69 -54.34
N ALA B 74 15.56 10.68 -54.31
CA ALA B 74 15.05 11.16 -53.03
C ALA B 74 14.15 10.12 -52.38
N VAL B 75 13.29 9.45 -53.16
CA VAL B 75 12.46 8.39 -52.60
C VAL B 75 13.31 7.21 -52.17
N SER B 76 14.39 6.91 -52.90
CA SER B 76 15.27 5.82 -52.51
C SER B 76 15.71 5.99 -51.05
N LEU B 77 15.85 7.23 -50.60
CA LEU B 77 16.16 7.48 -49.19
C LEU B 77 14.94 7.23 -48.31
N PHE B 78 13.82 7.87 -48.63
CA PHE B 78 12.60 7.67 -47.85
C PHE B 78 12.31 6.20 -47.63
N LYS B 79 12.40 5.41 -48.70
CA LYS B 79 12.16 3.97 -48.59
C LYS B 79 13.27 3.28 -47.81
N ARG B 80 14.53 3.69 -48.02
CA ARG B 80 15.62 3.08 -47.28
C ARG B 80 15.48 3.29 -45.77
N ILE B 81 14.70 4.28 -45.36
CA ILE B 81 14.53 4.55 -43.94
C ILE B 81 13.61 3.53 -43.29
N PHE B 82 12.54 3.13 -43.98
CA PHE B 82 11.59 2.17 -43.43
C PHE B 82 11.64 0.81 -44.10
N GLN B 83 12.48 0.62 -45.12
CA GLN B 83 12.66 -0.70 -45.69
C GLN B 83 14.06 -1.29 -45.48
N GLY B 84 15.07 -0.46 -45.28
CA GLY B 84 16.41 -0.97 -45.04
C GLY B 84 17.10 -1.34 -46.34
N ARG B 85 17.75 -2.51 -46.37
CA ARG B 85 18.44 -2.93 -47.58
C ARG B 85 17.48 -3.40 -48.67
N ARG B 86 16.18 -3.48 -48.39
CA ARG B 86 15.21 -3.92 -49.38
C ARG B 86 14.87 -2.84 -50.39
N SER B 87 15.45 -1.65 -50.25
CA SER B 87 15.23 -0.54 -51.16
C SER B 87 16.57 -0.14 -51.78
N ALA B 88 16.65 -0.23 -53.10
CA ALA B 88 17.89 0.12 -53.79
C ALA B 88 18.31 1.55 -53.43
N GLU B 89 19.59 1.71 -53.11
CA GLU B 89 20.15 3.02 -52.81
C GLU B 89 20.58 3.68 -54.12
N GLU B 90 20.06 4.87 -54.38
CA GLU B 90 20.37 5.60 -55.60
C GLU B 90 21.11 6.90 -55.26
N ARG B 91 21.97 7.33 -56.18
CA ARG B 91 22.83 8.49 -56.00
C ARG B 91 22.74 9.41 -57.21
N LEU B 92 23.29 10.61 -57.05
CA LEU B 92 23.43 11.58 -58.14
C LEU B 92 24.86 11.56 -58.64
N VAL B 93 25.02 11.45 -59.96
CA VAL B 93 26.33 11.46 -60.60
C VAL B 93 26.43 12.72 -61.46
N PHE B 94 27.54 13.42 -61.36
CA PHE B 94 27.80 14.62 -62.13
C PHE B 94 28.99 14.39 -63.06
N ASP B 95 29.14 15.30 -64.03
CA ASP B 95 30.35 15.35 -64.83
C ASP B 95 31.38 16.22 -64.11
N ASP B 96 32.53 16.43 -64.73
CA ASP B 96 33.54 17.29 -64.14
C ASP B 96 33.17 18.76 -64.19
N GLU B 97 32.02 19.11 -64.76
CA GLU B 97 31.55 20.49 -64.84
C GLU B 97 30.34 20.73 -63.95
N GLU B 98 30.13 19.86 -62.96
CA GLU B 98 29.05 20.01 -61.98
C GLU B 98 27.70 20.17 -62.68
N ARG B 99 27.35 19.17 -63.49
CA ARG B 99 26.06 19.12 -64.15
C ARG B 99 25.54 17.70 -64.11
N LEU B 100 24.29 17.54 -63.67
CA LEU B 100 23.72 16.20 -63.56
C LEU B 100 23.63 15.54 -64.93
N VAL B 101 23.88 14.23 -64.96
CA VAL B 101 23.92 13.49 -66.22
C VAL B 101 23.17 12.15 -66.05
N GLY B 102 22.99 11.71 -64.83
CA GLY B 102 22.29 10.46 -64.60
C GLY B 102 22.18 10.15 -63.12
N THR B 103 21.74 8.93 -62.84
CA THR B 103 21.57 8.46 -61.47
C THR B 103 22.11 7.04 -61.35
N LEU B 104 22.28 6.60 -60.11
CA LEU B 104 22.82 5.29 -59.80
C LEU B 104 21.77 4.47 -59.06
N SER B 105 22.08 3.18 -58.89
CA SER B 105 21.21 2.28 -58.14
C SER B 105 22.06 1.09 -57.72
N ILE B 106 22.61 1.16 -56.50
CA ILE B 106 23.50 0.11 -56.02
C ILE B 106 22.76 -1.22 -56.04
N SER B 107 23.43 -2.26 -56.55
CA SER B 107 22.78 -3.54 -56.76
C SER B 107 22.20 -4.10 -55.46
N VAL B 108 20.98 -4.61 -55.56
CA VAL B 108 20.30 -5.23 -54.42
C VAL B 108 20.68 -6.71 -54.38
N ASP B 109 21.34 -7.12 -53.29
CA ASP B 109 21.82 -8.49 -53.18
C ASP B 109 20.67 -9.48 -53.29
N GLY B 110 20.79 -10.41 -54.24
CA GLY B 110 19.78 -11.45 -54.38
C GLY B 110 18.56 -11.03 -55.16
N PHE B 111 18.74 -10.30 -56.25
CA PHE B 111 17.63 -9.76 -57.02
C PHE B 111 17.41 -10.61 -58.27
N LYS B 112 16.30 -11.34 -58.28
CA LYS B 112 15.80 -12.04 -59.48
C LYS B 112 14.42 -11.46 -59.73
N GLY B 113 14.36 -10.39 -60.52
CA GLY B 113 13.10 -9.76 -60.82
C GLY B 113 12.04 -10.78 -61.18
N PHE B 114 10.80 -10.57 -60.74
CA PHE B 114 9.75 -11.53 -61.01
C PHE B 114 9.67 -11.77 -62.52
N ASN B 115 9.29 -12.98 -62.90
CA ASN B 115 9.29 -13.34 -64.31
C ASN B 115 8.11 -12.70 -65.03
N PHE B 116 8.29 -12.49 -66.32
CA PHE B 116 7.20 -12.06 -67.17
C PHE B 116 6.39 -13.28 -67.62
N HIS B 117 5.19 -13.00 -68.11
CA HIS B 117 4.32 -14.05 -68.63
C HIS B 117 4.93 -14.80 -69.81
N LYS B 118 6.07 -14.33 -70.33
CA LYS B 118 6.75 -15.01 -71.42
C LYS B 118 7.99 -15.78 -70.98
N GLU B 119 8.68 -15.33 -69.94
CA GLU B 119 9.95 -15.94 -69.57
C GLU B 119 9.77 -17.41 -69.22
N SER B 120 10.89 -18.13 -69.20
CA SER B 120 10.87 -19.56 -68.95
C SER B 120 10.61 -19.85 -67.48
N VAL B 121 10.23 -21.10 -67.21
CA VAL B 121 10.00 -21.58 -65.86
C VAL B 121 11.00 -22.72 -65.59
N PRO B 122 12.13 -22.41 -64.93
CA PRO B 122 13.13 -23.46 -64.65
C PRO B 122 12.52 -24.67 -63.96
N GLN B 123 13.25 -25.80 -63.95
CA GLN B 123 12.70 -27.03 -63.39
C GLN B 123 12.85 -27.05 -61.87
N GLU B 124 14.04 -26.76 -61.36
CA GLU B 124 14.24 -26.72 -59.93
C GLU B 124 13.29 -25.71 -59.28
N SER B 125 12.40 -26.21 -58.41
CA SER B 125 11.49 -25.34 -57.70
C SER B 125 12.23 -24.40 -56.77
N SER B 126 13.46 -24.75 -56.36
CA SER B 126 14.23 -23.89 -55.48
C SER B 126 14.62 -22.59 -56.16
N ALA B 127 14.64 -22.57 -57.49
CA ALA B 127 14.88 -21.36 -58.26
C ALA B 127 13.65 -20.80 -58.94
N LYS B 128 12.63 -21.63 -59.19
CA LYS B 128 11.42 -21.16 -59.85
C LYS B 128 10.47 -20.46 -58.90
N GLU B 129 10.45 -20.85 -57.63
CA GLU B 129 9.55 -20.21 -56.67
C GLU B 129 9.97 -18.80 -56.31
N GLN B 130 11.17 -18.36 -56.72
CA GLN B 130 11.60 -16.99 -56.49
C GLN B 130 11.28 -16.08 -57.66
N VAL B 131 11.20 -16.61 -58.87
CA VAL B 131 10.95 -15.79 -60.05
C VAL B 131 9.46 -15.62 -60.31
N ILE B 132 8.69 -16.69 -60.18
CA ILE B 132 7.23 -16.61 -60.16
C ILE B 132 6.78 -17.14 -58.81
N PRO B 133 6.61 -16.28 -57.81
CA PRO B 133 6.45 -16.77 -56.43
C PRO B 133 5.06 -17.30 -56.14
N SER B 134 5.02 -18.31 -55.28
CA SER B 134 3.77 -18.89 -54.82
C SER B 134 3.19 -18.04 -53.70
N THR B 135 1.86 -17.92 -53.70
CA THR B 135 1.20 -17.07 -52.70
C THR B 135 1.61 -17.44 -51.28
N ARG B 136 2.04 -18.68 -51.06
CA ARG B 136 2.44 -19.10 -49.73
C ARG B 136 3.80 -18.56 -49.34
N THR B 137 4.67 -18.29 -50.32
CA THR B 137 6.01 -17.78 -50.03
C THR B 137 6.06 -16.26 -49.88
N LEU B 138 5.08 -15.52 -50.40
CA LEU B 138 5.05 -14.09 -50.19
C LEU B 138 4.87 -13.75 -48.71
N ILE B 139 4.14 -14.59 -47.98
CA ILE B 139 3.97 -14.37 -46.55
C ILE B 139 5.21 -14.83 -45.79
N GLU B 140 5.93 -15.83 -46.31
CA GLU B 140 7.13 -16.31 -45.64
C GLU B 140 8.33 -15.38 -45.83
N LYS B 141 8.39 -14.67 -46.96
CA LYS B 141 9.49 -13.76 -47.26
C LYS B 141 9.13 -12.30 -46.99
N SER B 142 7.96 -12.05 -46.39
CA SER B 142 7.51 -10.70 -46.05
C SER B 142 7.66 -9.75 -47.24
N PHE B 143 6.83 -10.00 -48.25
CA PHE B 143 6.84 -9.20 -49.46
C PHE B 143 5.81 -8.06 -49.44
N MET B 144 4.86 -8.08 -48.52
CA MET B 144 3.88 -7.00 -48.49
C MET B 144 4.49 -5.68 -48.05
N GLU B 145 5.54 -5.73 -47.24
CA GLU B 145 6.23 -4.50 -46.85
C GLU B 145 6.63 -3.70 -48.09
N ILE B 146 7.01 -4.38 -49.16
CA ILE B 146 7.42 -3.70 -50.37
C ILE B 146 6.21 -3.13 -51.11
N LEU B 147 5.16 -3.94 -51.26
CA LEU B 147 3.99 -3.48 -51.98
C LEU B 147 3.34 -2.29 -51.27
N LEU B 148 3.33 -2.31 -49.95
CA LEU B 148 2.81 -1.15 -49.21
C LEU B 148 3.68 0.07 -49.46
N GLY B 149 5.00 -0.13 -49.56
CA GLY B 149 5.87 0.98 -49.88
C GLY B 149 5.53 1.63 -51.21
N ARG B 150 5.22 0.81 -52.21
CA ARG B 150 4.82 1.35 -53.51
C ARG B 150 3.52 2.13 -53.39
N TRP B 151 2.54 1.58 -52.66
CA TRP B 151 1.26 2.25 -52.51
C TRP B 151 1.38 3.51 -51.67
N PHE B 152 2.29 3.52 -50.69
CA PHE B 152 2.42 4.68 -49.81
C PHE B 152 2.83 5.91 -50.60
N LEU B 153 3.71 5.76 -51.58
CA LEU B 153 4.25 6.87 -52.36
C LEU B 153 3.66 6.92 -53.76
N ASP B 154 2.54 6.25 -54.00
CA ASP B 154 1.81 6.29 -55.26
C ASP B 154 2.74 5.94 -56.43
N ASP B 155 3.21 4.70 -56.42
CA ASP B 155 4.01 4.17 -57.51
C ASP B 155 3.08 3.61 -58.59
N ASP B 156 3.45 3.84 -59.86
CA ASP B 156 2.63 3.44 -60.98
C ASP B 156 3.13 2.22 -61.73
N ASP B 157 4.41 1.88 -61.61
CA ASP B 157 4.98 0.74 -62.34
C ASP B 157 5.37 -0.33 -61.31
N GLY B 158 4.39 -1.09 -60.86
CA GLY B 158 4.64 -2.25 -60.03
C GLY B 158 4.85 -3.47 -60.90
N HIS B 159 5.66 -3.31 -61.95
CA HIS B 159 5.86 -4.34 -62.96
C HIS B 159 6.93 -5.32 -62.50
N PRO B 160 6.86 -6.57 -62.98
CA PRO B 160 7.66 -7.65 -62.36
C PRO B 160 9.14 -7.36 -62.17
N HIS B 161 9.84 -6.83 -63.17
CA HIS B 161 11.29 -6.67 -63.06
C HIS B 161 11.71 -5.53 -62.15
N ASN B 162 10.78 -4.66 -61.74
CA ASN B 162 11.07 -3.68 -60.71
C ASN B 162 10.83 -4.24 -59.31
N LEU B 163 10.44 -5.50 -59.21
CA LEU B 163 10.15 -6.16 -57.94
C LEU B 163 10.95 -7.45 -57.84
N SER B 164 11.41 -7.76 -56.63
CA SER B 164 12.15 -8.98 -56.37
C SER B 164 11.69 -9.55 -55.03
N LEU B 165 12.09 -10.80 -54.78
CA LEU B 165 11.75 -11.44 -53.52
C LEU B 165 12.53 -10.85 -52.35
N ALA B 166 13.44 -9.90 -52.59
CA ALA B 166 14.22 -9.28 -51.53
C ALA B 166 14.23 -7.76 -51.59
N GLY B 167 13.56 -7.15 -52.55
CA GLY B 167 13.50 -5.70 -52.62
C GLY B 167 13.00 -5.23 -53.96
N ASP B 168 12.85 -3.90 -54.05
CA ASP B 168 12.48 -3.22 -55.28
C ASP B 168 13.58 -2.24 -55.67
N ILE B 169 13.57 -1.81 -56.93
CA ILE B 169 14.72 -1.09 -57.49
C ILE B 169 14.31 0.20 -58.19
N ASP B 170 13.25 0.15 -58.98
CA ASP B 170 12.90 1.26 -59.86
C ASP B 170 11.98 2.24 -59.13
N PHE B 171 12.36 3.51 -59.10
CA PHE B 171 11.54 4.55 -58.50
C PHE B 171 11.30 5.73 -59.46
N ASP B 172 11.65 5.58 -60.75
CA ASP B 172 11.47 6.68 -61.68
C ASP B 172 10.01 6.98 -61.97
N MET B 173 9.08 6.18 -61.47
CA MET B 173 7.64 6.38 -61.65
C MET B 173 6.94 6.41 -60.31
N PHE B 174 7.52 7.15 -59.36
CA PHE B 174 6.91 7.40 -58.07
C PHE B 174 6.25 8.78 -58.07
N PHE B 175 5.50 9.06 -57.00
CA PHE B 175 4.69 10.28 -56.94
C PHE B 175 3.86 10.44 -58.20
N TYR B 176 3.15 9.36 -58.57
CA TYR B 176 2.48 9.31 -59.87
C TYR B 176 1.57 10.50 -60.10
N TRP B 177 0.91 10.98 -59.04
CA TRP B 177 0.01 12.13 -59.21
C TRP B 177 0.76 13.38 -59.63
N PHE B 178 2.08 13.42 -59.42
CA PHE B 178 2.88 14.59 -59.75
C PHE B 178 3.80 14.39 -60.95
N THR B 179 4.01 13.15 -61.40
CA THR B 179 4.94 12.85 -62.48
C THR B 179 4.28 12.14 -63.66
N ILE B 180 2.95 11.99 -63.66
CA ILE B 180 2.24 11.27 -64.72
C ILE B 180 2.56 11.86 -66.08
N TYR B 181 2.94 13.13 -66.13
CA TYR B 181 3.17 13.77 -67.42
C TYR B 181 4.48 13.29 -68.05
N MET B 182 5.54 13.21 -67.26
CA MET B 182 6.85 12.83 -67.77
C MET B 182 7.16 11.37 -67.46
N VAL B 196 -2.63 13.63 -53.79
CA VAL B 196 -2.49 12.52 -52.86
C VAL B 196 -3.86 11.93 -52.56
N ASN B 197 -3.96 10.61 -52.59
CA ASN B 197 -5.25 9.95 -52.34
C ASN B 197 -5.07 8.51 -51.85
N LEU B 198 -4.69 8.35 -50.58
CA LEU B 198 -4.72 7.05 -49.91
C LEU B 198 -6.02 6.98 -49.11
N THR B 199 -6.92 6.09 -49.52
CA THR B 199 -8.25 6.00 -48.93
C THR B 199 -8.35 4.76 -48.05
N VAL B 200 -9.29 4.82 -47.10
CA VAL B 200 -9.53 3.71 -46.19
C VAL B 200 -9.90 2.44 -46.97
N ARG B 201 -10.64 2.59 -48.07
CA ARG B 201 -11.06 1.43 -48.84
C ARG B 201 -9.86 0.67 -49.40
N ASP B 202 -8.77 1.39 -49.71
CA ASP B 202 -7.56 0.73 -50.19
C ASP B 202 -6.79 0.08 -49.06
N TRP B 203 -6.86 0.64 -47.85
CA TRP B 203 -6.15 0.07 -46.72
C TRP B 203 -6.80 -1.23 -46.26
N GLU B 204 -8.12 -1.37 -46.44
CA GLU B 204 -8.81 -2.59 -46.05
C GLU B 204 -8.44 -3.76 -46.95
N GLY B 205 -8.72 -3.64 -48.25
CA GLY B 205 -8.52 -4.74 -49.17
C GLY B 205 -7.17 -4.76 -49.86
N PHE B 206 -6.15 -4.21 -49.22
CA PHE B 206 -4.81 -4.26 -49.77
C PHE B 206 -4.36 -5.72 -49.89
N PRO B 207 -3.65 -6.10 -50.97
CA PRO B 207 -3.12 -5.29 -52.07
C PRO B 207 -4.09 -5.08 -53.22
N ASN B 208 -5.29 -5.67 -53.15
CA ASN B 208 -6.25 -5.51 -54.22
C ASN B 208 -6.76 -4.08 -54.23
N VAL B 209 -5.85 -3.15 -54.51
CA VAL B 209 -6.14 -1.72 -54.48
C VAL B 209 -7.02 -1.37 -55.67
N LYS B 210 -7.86 -0.35 -55.51
CA LYS B 210 -8.82 0.01 -56.55
C LYS B 210 -8.95 1.53 -56.71
N ASP B 211 -9.08 2.26 -55.59
CA ASP B 211 -9.15 3.71 -55.68
C ASP B 211 -7.82 4.27 -56.21
N SER B 212 -6.72 3.71 -55.74
CA SER B 212 -5.41 3.99 -56.34
C SER B 212 -5.22 3.12 -57.57
N LYS B 213 -5.06 3.76 -58.73
CA LYS B 213 -5.01 3.04 -60.00
C LYS B 213 -3.58 2.95 -60.52
N PRO B 214 -2.82 1.92 -60.14
CA PRO B 214 -1.50 1.72 -60.74
C PRO B 214 -1.61 1.07 -62.11
N PHE B 215 -0.60 1.31 -62.95
CA PHE B 215 -0.65 0.81 -64.32
C PHE B 215 -0.22 -0.64 -64.39
N HIS B 216 0.85 -1.00 -63.70
CA HIS B 216 1.30 -2.38 -63.55
C HIS B 216 1.24 -2.73 -62.07
N TRP B 217 0.61 -3.86 -61.74
CA TRP B 217 0.47 -4.28 -60.36
C TRP B 217 0.40 -5.79 -60.32
N PRO B 218 0.97 -6.44 -59.29
CA PRO B 218 0.97 -7.90 -59.26
C PRO B 218 -0.41 -8.51 -59.16
N THR B 219 -1.36 -7.82 -58.51
CA THR B 219 -2.70 -8.36 -58.36
C THR B 219 -3.45 -8.37 -59.69
N TYR B 220 -3.02 -7.56 -60.65
CA TYR B 220 -3.69 -7.50 -61.94
C TYR B 220 -3.40 -8.74 -62.80
N LYS B 221 -4.39 -9.13 -63.58
CA LYS B 221 -4.18 -10.15 -64.62
C LYS B 221 -3.82 -9.53 -65.96
N ASN B 222 -4.30 -8.31 -66.21
CA ASN B 222 -3.94 -7.54 -67.41
C ASN B 222 -3.59 -6.12 -66.99
N PRO B 223 -2.47 -5.57 -67.44
CA PRO B 223 -2.11 -4.19 -67.07
C PRO B 223 -3.26 -3.20 -67.31
N GLY B 224 -3.33 -2.19 -66.45
CA GLY B 224 -4.36 -1.18 -66.55
C GLY B 224 -5.70 -1.56 -65.97
N GLN B 225 -5.74 -2.49 -65.03
CA GLN B 225 -6.99 -2.96 -64.45
C GLN B 225 -7.73 -1.81 -63.77
N TYR B 247 2.00 -10.45 -65.76
CA TYR B 247 2.28 -11.36 -64.66
C TYR B 247 1.80 -12.78 -65.00
N PRO B 248 2.57 -13.82 -64.59
CA PRO B 248 2.15 -15.19 -64.90
C PRO B 248 1.09 -15.74 -63.96
N ASP B 249 1.18 -15.41 -62.67
CA ASP B 249 0.23 -15.88 -61.66
C ASP B 249 -0.14 -14.72 -60.76
N PRO B 250 -1.08 -13.88 -61.19
CA PRO B 250 -1.52 -12.77 -60.34
C PRO B 250 -2.40 -13.22 -59.19
N GLY B 251 -3.16 -14.30 -59.37
CA GLY B 251 -4.01 -14.79 -58.30
C GLY B 251 -3.25 -15.08 -57.03
N GLN B 252 -1.94 -15.33 -57.13
CA GLN B 252 -1.14 -15.54 -55.94
C GLN B 252 -1.01 -14.26 -55.13
N PHE B 253 -1.04 -13.10 -55.79
CA PHE B 253 -1.00 -11.81 -55.12
C PHE B 253 -2.39 -11.34 -54.70
N GLU B 254 -3.43 -11.75 -55.43
CA GLU B 254 -4.79 -11.45 -55.00
C GLU B 254 -5.10 -12.11 -53.66
N GLN B 255 -4.43 -13.22 -53.35
CA GLN B 255 -4.68 -13.94 -52.11
C GLN B 255 -4.13 -13.22 -50.88
N LEU B 256 -3.27 -12.22 -51.06
CA LEU B 256 -2.70 -11.53 -49.92
C LEU B 256 -3.75 -10.76 -49.12
N ALA B 257 -4.84 -10.36 -49.75
CA ALA B 257 -5.92 -9.70 -49.02
C ALA B 257 -6.80 -10.69 -48.26
N HIS B 258 -6.83 -11.95 -48.70
CA HIS B 258 -7.66 -12.96 -48.03
C HIS B 258 -6.96 -13.52 -46.80
N GLU B 259 -5.65 -13.74 -46.87
CA GLU B 259 -4.94 -14.36 -45.77
C GLU B 259 -4.82 -13.36 -44.61
N PRO B 260 -5.20 -13.75 -43.39
CA PRO B 260 -5.05 -12.79 -42.27
C PRO B 260 -3.60 -12.55 -41.89
N VAL B 261 -2.75 -13.57 -41.96
CA VAL B 261 -1.35 -13.39 -41.60
C VAL B 261 -0.72 -12.33 -42.50
N ALA B 262 -1.11 -12.28 -43.77
CA ALA B 262 -0.60 -11.24 -44.65
C ALA B 262 -1.12 -9.87 -44.25
N GLN B 263 -2.33 -9.81 -43.68
CA GLN B 263 -2.89 -8.53 -43.23
C GLN B 263 -2.24 -8.07 -41.94
N GLU B 264 -1.75 -9.00 -41.10
CA GLU B 264 -0.92 -8.61 -39.97
C GLU B 264 0.41 -8.03 -40.46
N GLN B 265 0.87 -8.47 -41.63
CA GLN B 265 2.12 -7.94 -42.18
C GLN B 265 1.97 -6.51 -42.70
N LYS B 266 0.82 -6.14 -43.30
CA LYS B 266 0.68 -4.75 -43.74
C LYS B 266 0.49 -3.81 -42.57
N PHE B 267 -0.06 -4.29 -41.44
CA PHE B 267 -0.12 -3.40 -40.28
C PHE B 267 1.28 -3.14 -39.75
N ALA B 268 2.09 -4.20 -39.61
CA ALA B 268 3.46 -4.02 -39.15
C ALA B 268 4.29 -3.19 -40.11
N ALA B 269 3.97 -3.26 -41.40
CA ALA B 269 4.67 -2.45 -42.40
C ALA B 269 4.19 -1.01 -42.36
N ALA B 270 2.86 -0.80 -42.29
CA ALA B 270 2.34 0.56 -42.23
C ALA B 270 2.76 1.27 -40.95
N LEU B 271 2.86 0.54 -39.83
CA LEU B 271 3.28 1.18 -38.59
C LEU B 271 4.76 1.53 -38.62
N LYS B 272 5.59 0.73 -39.28
CA LYS B 272 7.00 1.07 -39.41
C LYS B 272 7.18 2.34 -40.23
N ILE B 273 6.39 2.49 -41.31
CA ILE B 273 6.40 3.73 -42.07
C ILE B 273 6.01 4.90 -41.18
N LEU B 274 5.15 4.66 -40.19
CA LEU B 274 4.68 5.73 -39.32
C LEU B 274 5.70 6.11 -38.26
N LEU B 275 6.43 5.13 -37.73
CA LEU B 275 7.29 5.36 -36.58
C LEU B 275 8.72 5.72 -36.96
N THR B 276 9.19 5.27 -38.12
CA THR B 276 10.55 5.60 -38.55
C THR B 276 10.69 7.05 -39.00
N TYR B 277 9.58 7.77 -39.15
CA TYR B 277 9.62 9.15 -39.63
C TYR B 277 10.19 10.07 -38.56
N GLN B 278 11.52 10.24 -38.57
CA GLN B 278 12.22 11.19 -37.71
C GLN B 278 12.67 12.35 -38.60
N PRO B 279 11.85 13.40 -38.74
CA PRO B 279 12.11 14.37 -39.83
C PRO B 279 13.45 15.08 -39.72
N GLU B 280 13.89 15.39 -38.49
CA GLU B 280 15.11 16.15 -38.34
C GLU B 280 16.30 15.46 -38.98
N MET B 281 16.33 14.12 -38.95
CA MET B 281 17.43 13.40 -39.60
C MET B 281 17.15 13.22 -41.09
N ILE B 282 15.90 12.96 -41.47
CA ILE B 282 15.59 12.78 -42.89
C ILE B 282 16.05 14.00 -43.67
N ARG B 283 15.89 15.19 -43.08
CA ARG B 283 16.40 16.40 -43.72
C ARG B 283 17.92 16.43 -43.74
N LYS B 284 18.56 16.00 -42.64
CA LYS B 284 20.02 16.00 -42.61
C LYS B 284 20.60 15.04 -43.65
N ARG B 285 19.98 13.86 -43.80
CA ARG B 285 20.48 12.90 -44.77
C ARG B 285 20.08 13.26 -46.19
N LEU B 286 18.96 13.96 -46.37
CA LEU B 286 18.60 14.45 -47.70
C LEU B 286 19.61 15.48 -48.19
N THR B 287 20.01 16.41 -47.33
CA THR B 287 21.02 17.38 -47.72
C THR B 287 22.37 16.72 -47.97
N GLU B 288 22.62 15.54 -47.40
CA GLU B 288 23.83 14.80 -47.74
C GLU B 288 23.77 14.24 -49.15
N LEU B 289 22.57 14.09 -49.72
CA LEU B 289 22.42 13.59 -51.08
C LEU B 289 22.23 14.71 -52.10
N PHE B 290 21.79 15.90 -51.68
CA PHE B 290 21.53 17.00 -52.60
C PHE B 290 22.25 18.27 -52.19
N GLY B 291 22.43 18.47 -50.89
CA GLY B 291 23.03 19.69 -50.39
C GLY B 291 22.10 20.89 -50.52
N GLU B 292 22.55 21.92 -51.22
CA GLU B 292 21.75 23.12 -51.45
C GLU B 292 21.19 23.17 -52.86
N MET B 293 21.13 22.02 -53.55
CA MET B 293 20.65 21.97 -54.92
C MET B 293 19.29 22.64 -55.07
N THR B 294 19.14 23.40 -56.15
CA THR B 294 17.88 24.05 -56.45
C THR B 294 16.87 23.04 -57.00
N LEU B 295 15.59 23.33 -56.80
CA LEU B 295 14.54 22.51 -57.40
C LEU B 295 14.70 22.47 -58.91
N ASN B 296 14.61 23.62 -59.55
CA ASN B 296 14.88 23.78 -60.98
C ASN B 296 14.07 22.79 -61.82
N TYR B 297 12.75 22.92 -61.73
CA TYR B 297 11.87 22.19 -62.64
C TYR B 297 11.91 22.76 -64.06
N THR B 298 12.61 23.88 -64.28
CA THR B 298 12.75 24.43 -65.62
C THR B 298 13.48 23.48 -66.56
N SER B 299 14.22 22.51 -66.02
CA SER B 299 14.89 21.53 -66.86
C SER B 299 13.91 20.74 -67.72
N LEU B 300 12.62 20.79 -67.42
CA LEU B 300 11.62 20.12 -68.26
C LEU B 300 11.60 20.72 -69.66
N ASP B 301 12.00 21.99 -69.80
CA ASP B 301 12.07 22.60 -71.13
C ASP B 301 13.03 21.84 -72.03
N GLU B 302 14.15 21.37 -71.48
CA GLU B 302 15.12 20.63 -72.27
C GLU B 302 14.52 19.36 -72.85
N THR B 303 13.52 18.78 -72.17
CA THR B 303 12.80 17.62 -72.66
C THR B 303 11.59 18.01 -73.50
N ASP B 304 10.85 19.04 -73.08
CA ASP B 304 9.65 19.48 -73.79
C ASP B 304 9.25 20.87 -73.29
N VAL B 305 8.99 21.79 -74.23
CA VAL B 305 8.72 23.17 -73.86
C VAL B 305 7.36 23.29 -73.17
N ALA B 306 6.32 22.70 -73.77
CA ALA B 306 4.98 22.79 -73.21
C ALA B 306 4.87 22.11 -71.86
N LEU B 307 5.78 21.18 -71.55
CA LEU B 307 5.69 20.44 -70.30
C LEU B 307 5.88 21.35 -69.09
N ARG B 308 6.88 22.22 -69.14
CA ARG B 308 7.10 23.15 -68.03
C ARG B 308 5.86 23.97 -67.73
N ASN B 309 5.25 24.55 -68.77
CA ASN B 309 4.07 25.39 -68.55
C ASN B 309 2.91 24.57 -68.02
N GLN B 310 2.76 23.32 -68.48
CA GLN B 310 1.68 22.48 -67.97
C GLN B 310 1.81 22.27 -66.47
N TYR B 311 3.06 22.16 -65.98
CA TYR B 311 3.28 21.97 -64.56
C TYR B 311 3.01 23.26 -63.78
N GLU B 312 3.33 24.41 -64.37
CA GLU B 312 3.16 25.66 -63.67
C GLU B 312 1.69 26.00 -63.44
N LYS B 313 0.79 25.49 -64.28
CA LYS B 313 -0.63 25.80 -64.14
C LYS B 313 -1.38 24.76 -63.33
N THR B 314 -0.90 23.51 -63.29
CA THR B 314 -1.62 22.47 -62.56
C THR B 314 -1.27 22.48 -61.08
N PHE B 315 -0.02 22.73 -60.73
CA PHE B 315 0.41 22.77 -59.33
C PHE B 315 0.77 24.20 -58.96
N PRO B 316 0.11 24.82 -57.97
CA PRO B 316 0.40 26.22 -57.68
C PRO B 316 1.66 26.41 -56.86
N HIS B 317 1.68 25.87 -55.65
CA HIS B 317 2.79 26.05 -54.71
C HIS B 317 3.84 24.95 -54.83
N LEU B 318 3.84 24.21 -55.95
CA LEU B 318 4.87 23.23 -56.24
C LEU B 318 5.72 23.61 -57.44
N CYS B 319 5.12 24.30 -58.43
CA CYS B 319 5.82 24.72 -59.65
C CYS B 319 5.51 26.19 -59.89
N ASN B 320 6.24 27.07 -59.19
CA ASN B 320 6.10 28.51 -59.39
C ASN B 320 7.47 29.17 -59.27
N GLU B 321 7.46 30.50 -59.33
CA GLU B 321 8.71 31.26 -59.24
C GLU B 321 9.40 31.08 -57.90
N ASN B 322 8.63 30.93 -56.82
CA ASN B 322 9.23 30.88 -55.49
C ASN B 322 9.87 29.53 -55.19
N THR B 323 9.21 28.44 -55.58
CA THR B 323 9.73 27.11 -55.28
C THR B 323 10.82 26.67 -56.26
N ASN B 324 10.90 27.29 -57.43
CA ASN B 324 11.91 26.89 -58.41
C ASN B 324 13.31 27.22 -57.95
N ILE B 325 13.47 28.15 -57.01
CA ILE B 325 14.78 28.54 -56.49
C ILE B 325 15.01 28.06 -55.06
N LYS B 326 14.01 27.45 -54.42
CA LYS B 326 14.14 26.99 -53.04
C LYS B 326 14.78 25.60 -52.99
N PRO B 327 15.32 25.21 -51.83
CA PRO B 327 16.05 23.94 -51.76
C PRO B 327 15.19 22.77 -52.18
N PHE B 328 15.78 21.85 -52.94
CA PHE B 328 15.06 20.65 -53.36
C PHE B 328 14.69 19.78 -52.16
N VAL B 329 15.45 19.89 -51.07
CA VAL B 329 15.11 19.15 -49.86
C VAL B 329 13.76 19.60 -49.32
N ASP B 330 13.61 20.91 -49.10
CA ASP B 330 12.36 21.43 -48.55
C ASP B 330 11.18 21.13 -49.48
N PHE B 331 11.44 20.98 -50.78
CA PHE B 331 10.37 20.64 -51.72
C PHE B 331 9.91 19.21 -51.52
N ILE B 332 10.83 18.26 -51.53
CA ILE B 332 10.45 16.86 -51.38
C ILE B 332 10.07 16.53 -49.95
N MET B 333 10.57 17.30 -48.98
CA MET B 333 10.13 17.12 -47.59
C MET B 333 8.65 17.48 -47.44
N ASN B 334 8.26 18.65 -47.96
CA ASN B 334 6.85 19.02 -47.91
C ASN B 334 6.00 18.05 -48.71
N LEU B 335 6.57 17.42 -49.74
CA LEU B 335 5.84 16.46 -50.54
C LEU B 335 5.66 15.14 -49.81
N TYR B 336 6.69 14.69 -49.08
CA TYR B 336 6.59 13.47 -48.30
C TYR B 336 5.66 13.67 -47.11
N GLN B 337 5.75 14.82 -46.44
CA GLN B 337 4.88 15.08 -45.30
C GLN B 337 3.41 14.98 -45.71
N MET B 338 3.09 15.26 -46.97
CA MET B 338 1.73 15.06 -47.45
C MET B 338 1.37 13.57 -47.43
N HIS B 339 2.23 12.75 -48.02
CA HIS B 339 1.97 11.30 -48.04
C HIS B 339 1.90 10.73 -46.63
N TYR B 340 2.78 11.19 -45.74
CA TYR B 340 2.78 10.69 -44.37
C TYR B 340 1.47 11.04 -43.67
N ASP B 341 1.11 12.32 -43.65
CA ASP B 341 -0.13 12.72 -43.01
C ASP B 341 -1.33 11.99 -43.61
N ASN B 342 -1.31 11.76 -44.92
CA ASN B 342 -2.42 11.07 -45.56
C ASN B 342 -2.50 9.62 -45.10
N LEU B 343 -1.37 8.92 -45.10
CA LEU B 343 -1.35 7.57 -44.54
C LEU B 343 -1.62 7.59 -43.04
N TYR B 344 -1.20 8.64 -42.36
CA TYR B 344 -1.52 8.78 -40.94
C TYR B 344 -3.03 8.85 -40.73
N ARG B 345 -3.72 9.70 -41.49
CA ARG B 345 -5.16 9.82 -41.36
C ARG B 345 -5.88 8.49 -41.62
N VAL B 346 -5.35 7.67 -42.53
CA VAL B 346 -6.03 6.44 -42.89
C VAL B 346 -5.94 5.42 -41.77
N VAL B 347 -4.73 5.13 -41.29
CA VAL B 347 -4.51 3.98 -40.41
C VAL B 347 -4.68 4.35 -38.94
N VAL B 348 -4.00 5.40 -38.47
CA VAL B 348 -4.01 5.68 -37.03
C VAL B 348 -5.43 5.88 -36.52
N PHE B 349 -6.33 6.38 -37.36
CA PHE B 349 -7.71 6.64 -36.97
C PHE B 349 -8.68 5.55 -37.42
N TYR B 350 -8.20 4.53 -38.14
CA TYR B 350 -9.06 3.45 -38.58
C TYR B 350 -9.71 2.76 -37.39
N MET B 351 -11.00 2.43 -37.53
CA MET B 351 -11.79 1.89 -36.43
C MET B 351 -12.26 0.46 -36.66
N GLY B 352 -11.82 -0.20 -37.72
CA GLY B 352 -12.04 -1.62 -37.89
C GLY B 352 -13.21 -1.93 -38.83
N CYS B 353 -13.36 -3.22 -39.09
CA CYS B 353 -14.42 -3.72 -39.94
C CYS B 353 -14.56 -5.22 -39.71
N GLU B 354 -15.80 -5.72 -39.77
CA GLU B 354 -16.01 -7.15 -39.61
C GLU B 354 -15.55 -7.93 -40.84
N ASN B 355 -15.45 -7.29 -42.00
CA ASN B 355 -14.95 -7.94 -43.21
C ASN B 355 -14.39 -6.86 -44.13
N ASN B 356 -13.08 -6.91 -44.39
CA ASN B 356 -12.43 -5.95 -45.26
C ASN B 356 -12.88 -6.05 -46.72
N GLY B 357 -13.73 -7.01 -47.05
CA GLY B 357 -14.17 -7.21 -48.42
C GLY B 357 -13.54 -8.40 -49.10
N TYR B 358 -12.67 -9.14 -48.42
CA TYR B 358 -12.03 -10.30 -49.01
C TYR B 358 -11.87 -11.46 -48.03
N GLY B 359 -12.50 -11.40 -46.87
CA GLY B 359 -12.64 -12.55 -45.98
C GLY B 359 -12.11 -12.35 -44.58
N VAL B 360 -11.22 -11.41 -44.35
CA VAL B 360 -10.53 -11.25 -43.07
C VAL B 360 -11.08 -10.02 -42.36
N PRO B 361 -11.40 -10.11 -41.07
CA PRO B 361 -11.75 -8.90 -40.31
C PRO B 361 -10.50 -8.18 -39.83
N LEU B 362 -10.51 -6.85 -39.99
CA LEU B 362 -9.38 -6.03 -39.58
C LEU B 362 -9.73 -5.27 -38.30
N PRO B 363 -8.87 -5.27 -37.28
CA PRO B 363 -9.20 -4.56 -36.05
C PRO B 363 -8.96 -3.06 -36.19
N ALA B 364 -9.51 -2.32 -35.25
CA ALA B 364 -9.15 -0.91 -35.11
C ALA B 364 -7.71 -0.81 -34.66
N THR B 365 -6.97 0.13 -35.24
CA THR B 365 -5.54 0.22 -34.96
C THR B 365 -5.27 0.50 -33.49
N ASN B 366 -6.20 1.14 -32.79
CA ASN B 366 -6.01 1.37 -31.36
C ASN B 366 -6.10 0.07 -30.57
N SER B 367 -6.87 -0.90 -31.06
CA SER B 367 -6.94 -2.21 -30.40
C SER B 367 -5.84 -3.14 -30.88
N ALA B 368 -5.43 -3.04 -32.15
CA ALA B 368 -4.32 -3.85 -32.64
C ALA B 368 -3.05 -3.52 -31.88
N LEU B 369 -2.84 -2.23 -31.57
CA LEU B 369 -1.70 -1.85 -30.74
C LEU B 369 -1.88 -2.36 -29.31
N TYR B 370 -3.09 -2.23 -28.75
CA TYR B 370 -3.32 -2.64 -27.38
C TYR B 370 -3.23 -4.16 -27.24
N HIS B 371 -3.83 -4.90 -28.17
CA HIS B 371 -3.85 -6.36 -28.07
C HIS B 371 -2.51 -6.99 -28.41
N LYS B 372 -1.74 -6.37 -29.30
CA LYS B 372 -0.47 -6.93 -29.79
C LYS B 372 0.61 -5.87 -29.61
N PRO B 373 1.16 -5.74 -28.41
CA PRO B 373 2.23 -4.75 -28.19
C PRO B 373 3.52 -5.07 -28.92
N SER B 374 3.66 -6.26 -29.50
CA SER B 374 4.89 -6.62 -30.19
C SER B 374 5.12 -5.77 -31.43
N PHE B 375 4.06 -5.21 -32.01
CA PHE B 375 4.21 -4.36 -33.19
C PHE B 375 5.29 -3.30 -32.95
N TYR B 376 5.12 -2.50 -31.89
CA TYR B 376 6.09 -1.46 -31.58
C TYR B 376 7.41 -2.04 -31.12
N LYS B 377 7.37 -3.06 -30.27
CA LYS B 377 8.60 -3.63 -29.74
C LYS B 377 9.47 -4.22 -30.84
N ASP B 378 8.86 -4.65 -31.95
CA ASP B 378 9.64 -5.11 -33.09
C ASP B 378 10.26 -3.95 -33.85
N ILE B 379 9.55 -2.82 -33.94
CA ILE B 379 10.08 -1.67 -34.65
C ILE B 379 11.33 -1.16 -33.96
N VAL B 380 11.36 -1.21 -32.62
CA VAL B 380 12.55 -0.77 -31.90
C VAL B 380 13.71 -1.71 -32.20
N GLU B 381 13.45 -3.02 -32.26
CA GLU B 381 14.50 -3.97 -32.58
C GLU B 381 14.97 -3.78 -34.02
N TRP B 382 14.03 -3.66 -34.96
CA TRP B 382 14.43 -3.40 -36.34
C TRP B 382 15.14 -2.07 -36.47
N ALA B 383 14.78 -1.08 -35.64
CA ALA B 383 15.48 0.20 -35.68
C ALA B 383 16.86 0.08 -35.06
N ARG B 384 16.95 -0.51 -33.87
CA ARG B 384 18.25 -0.74 -33.25
C ARG B 384 19.15 -1.53 -34.20
N THR B 385 18.58 -2.51 -34.90
CA THR B 385 19.37 -3.33 -35.82
C THR B 385 19.92 -2.49 -36.96
N GLN B 386 19.05 -1.71 -37.62
CA GLN B 386 19.51 -0.89 -38.74
C GLN B 386 20.55 0.14 -38.31
N ASN B 387 20.57 0.51 -37.03
CA ASN B 387 21.59 1.45 -36.55
C ASN B 387 22.97 0.81 -36.54
N ILE B 388 23.05 -0.48 -36.19
CA ILE B 388 24.32 -1.20 -36.15
C ILE B 388 24.58 -1.98 -37.43
N THR B 389 23.70 -1.89 -38.42
CA THR B 389 23.85 -2.64 -39.67
C THR B 389 24.30 -1.72 -40.80
N ILE B 390 23.35 -0.97 -41.37
CA ILE B 390 23.67 -0.12 -42.52
C ILE B 390 24.12 1.28 -42.11
N PHE B 391 23.87 1.70 -40.87
CA PHE B 391 24.28 3.02 -40.41
C PHE B 391 25.57 2.99 -39.60
N SER B 392 26.19 1.83 -39.43
CA SER B 392 27.43 1.75 -38.66
C SER B 392 28.45 2.75 -39.18
N LYS B 393 28.48 2.96 -40.50
CA LYS B 393 29.39 3.92 -41.11
C LYS B 393 28.94 5.36 -40.92
N ASP B 394 27.67 5.59 -40.57
CA ASP B 394 27.12 6.92 -40.44
C ASP B 394 27.38 7.50 -39.05
N ASP B 395 27.15 8.81 -38.94
CA ASP B 395 27.37 9.52 -37.69
C ASP B 395 26.27 9.20 -36.69
N SER B 396 26.57 9.45 -35.42
CA SER B 396 25.58 9.19 -34.37
C SER B 396 24.38 10.10 -34.50
N SER B 397 24.56 11.29 -35.05
CA SER B 397 23.49 12.29 -35.13
C SER B 397 22.50 12.03 -36.26
N ILE B 398 22.80 11.10 -37.18
CA ILE B 398 21.90 10.82 -38.29
C ILE B 398 21.46 9.36 -38.21
N LYS B 399 21.40 8.82 -37.00
CA LYS B 399 20.92 7.47 -36.75
C LYS B 399 19.55 7.51 -36.09
N PHE B 400 18.89 6.36 -36.06
CA PHE B 400 17.59 6.27 -35.40
C PHE B 400 17.76 6.62 -33.93
N ASP B 401 17.02 7.63 -33.48
CA ASP B 401 17.07 8.06 -32.08
C ASP B 401 16.06 7.22 -31.31
N GLU B 402 16.56 6.20 -30.60
CA GLU B 402 15.68 5.31 -29.85
C GLU B 402 14.81 6.10 -28.88
N ASP B 403 15.37 7.16 -28.29
CA ASP B 403 14.61 7.98 -27.36
C ASP B 403 13.42 8.65 -28.07
N GLU B 404 13.66 9.24 -29.24
CA GLU B 404 12.59 9.91 -29.97
C GLU B 404 11.56 8.91 -30.49
N LEU B 405 12.01 7.72 -30.91
CA LEU B 405 11.08 6.72 -31.40
C LEU B 405 10.01 6.39 -30.38
N ARG B 406 10.32 6.53 -29.09
CA ARG B 406 9.33 6.33 -28.05
C ARG B 406 8.29 7.44 -28.06
N ARG B 407 8.73 8.68 -28.24
CA ARG B 407 7.79 9.81 -28.33
C ARG B 407 6.90 9.67 -29.56
N ARG B 408 7.46 9.20 -30.68
CA ARG B 408 6.65 9.04 -31.88
C ARG B 408 5.57 7.98 -31.67
N TYR B 409 5.93 6.85 -31.07
CA TYR B 409 4.93 5.83 -30.80
C TYR B 409 3.87 6.32 -29.83
N HIS B 410 4.28 7.14 -28.85
CA HIS B 410 3.31 7.74 -27.94
C HIS B 410 2.32 8.61 -28.69
N GLN B 411 2.79 9.31 -29.73
CA GLN B 411 1.87 10.09 -30.56
C GLN B 411 0.88 9.18 -31.28
N VAL B 412 1.38 8.18 -32.00
CA VAL B 412 0.50 7.25 -32.70
C VAL B 412 -0.41 6.55 -31.71
N TRP B 413 0.08 6.28 -30.50
CA TRP B 413 -0.74 5.65 -29.48
C TRP B 413 -1.89 6.56 -29.08
N ARG B 414 -1.57 7.77 -28.61
CA ARG B 414 -2.60 8.71 -28.17
C ARG B 414 -3.61 8.96 -29.29
N ASP B 415 -3.14 9.41 -30.45
CA ASP B 415 -4.04 9.80 -31.52
C ASP B 415 -4.88 8.65 -32.03
N ALA B 416 -4.42 7.41 -31.86
CA ALA B 416 -5.24 6.27 -32.25
C ALA B 416 -6.50 6.14 -31.39
N TYR B 417 -6.53 6.81 -30.24
CA TYR B 417 -7.68 6.79 -29.35
C TYR B 417 -8.57 8.02 -29.51
N ALA B 418 -8.16 8.99 -30.34
CA ALA B 418 -8.97 10.19 -30.50
C ALA B 418 -10.39 9.89 -30.97
N PRO B 419 -10.62 9.00 -31.94
CA PRO B 419 -12.00 8.64 -32.29
C PRO B 419 -12.80 8.15 -31.09
N THR B 420 -12.31 7.11 -30.41
CA THR B 420 -13.06 6.53 -29.30
C THR B 420 -13.18 7.47 -28.12
N PHE B 421 -12.42 8.56 -28.07
CA PHE B 421 -12.62 9.59 -27.08
C PHE B 421 -13.44 10.76 -27.60
N ARG B 422 -13.40 11.00 -28.91
CA ARG B 422 -14.34 11.94 -29.53
C ARG B 422 -15.77 11.41 -29.45
N ASP B 423 -15.95 10.12 -29.77
CA ASP B 423 -17.28 9.53 -29.75
C ASP B 423 -17.89 9.61 -28.35
N LEU B 424 -17.09 9.34 -27.32
CA LEU B 424 -17.60 9.44 -25.96
C LEU B 424 -17.92 10.88 -25.57
N LEU B 425 -17.16 11.84 -26.11
CA LEU B 425 -17.52 13.25 -25.87
C LEU B 425 -18.75 13.63 -26.69
N HIS B 426 -18.87 13.08 -27.90
CA HIS B 426 -20.07 13.32 -28.71
C HIS B 426 -21.29 12.63 -28.09
N ASP B 427 -21.11 11.41 -27.58
CA ASP B 427 -22.21 10.75 -26.89
C ASP B 427 -22.57 11.48 -25.60
N SER B 428 -21.60 12.10 -24.94
CA SER B 428 -21.89 12.87 -23.74
C SER B 428 -22.53 14.21 -24.09
N TYR B 429 -22.10 14.84 -25.18
CA TYR B 429 -22.73 16.08 -25.62
C TYR B 429 -24.21 15.86 -25.93
N SER B 430 -24.51 14.90 -26.80
CA SER B 430 -25.90 14.70 -27.23
C SER B 430 -26.80 14.35 -26.05
N LEU B 431 -26.25 13.70 -25.03
CA LEU B 431 -27.04 13.39 -23.84
C LEU B 431 -27.12 14.57 -22.88
N THR B 432 -26.17 15.51 -22.95
CA THR B 432 -26.30 16.72 -22.16
C THR B 432 -27.39 17.63 -22.72
N ASN B 433 -27.65 17.54 -24.02
CA ASN B 433 -28.74 18.31 -24.63
C ASN B 433 -30.09 17.75 -24.20
N LYS B 434 -30.25 16.43 -24.27
CA LYS B 434 -31.52 15.81 -23.91
C LYS B 434 -31.92 16.12 -22.47
N LEU B 435 -30.93 16.35 -21.60
CA LEU B 435 -31.25 16.73 -20.22
C LEU B 435 -31.60 18.21 -20.11
N LEU B 436 -30.92 19.06 -20.86
CA LEU B 436 -31.28 20.47 -20.88
C LEU B 436 -32.57 20.70 -21.65
N GLN B 437 -32.86 19.82 -22.62
CA GLN B 437 -34.11 19.94 -23.39
C GLN B 437 -35.31 19.80 -22.47
N GLN B 438 -35.21 18.94 -21.46
CA GLN B 438 -36.31 18.65 -20.56
C GLN B 438 -36.31 19.53 -19.31
N VAL B 439 -35.65 20.68 -19.35
CA VAL B 439 -35.70 21.61 -18.23
C VAL B 439 -35.88 23.04 -18.74
N HIS B 443 -37.58 23.30 -23.92
CA HIS B 443 -36.81 22.65 -24.98
C HIS B 443 -35.67 23.54 -25.46
N VAL B 444 -34.55 23.49 -24.76
CA VAL B 444 -33.34 24.23 -25.16
C VAL B 444 -32.31 23.22 -25.64
N VAL B 445 -31.89 23.36 -26.89
CA VAL B 445 -30.84 22.53 -27.46
C VAL B 445 -29.64 23.42 -27.75
N LEU B 446 -28.44 22.91 -27.47
CA LEU B 446 -27.21 23.65 -27.65
C LEU B 446 -26.50 23.24 -28.93
N ASP B 447 -25.79 24.20 -29.52
CA ASP B 447 -25.10 23.96 -30.78
C ASP B 447 -23.82 23.19 -30.53
N GLU B 448 -23.57 22.16 -31.34
CA GLU B 448 -22.38 21.34 -31.23
C GLU B 448 -21.57 21.50 -32.52
N VAL B 449 -20.44 22.18 -32.42
CA VAL B 449 -19.53 22.31 -33.56
C VAL B 449 -18.91 20.96 -33.83
N GLU B 450 -19.07 20.46 -35.05
CA GLU B 450 -18.53 19.16 -35.41
C GLU B 450 -17.00 19.26 -35.44
N GLY B 451 -16.36 18.25 -36.02
CA GLY B 451 -14.92 18.23 -36.14
C GLY B 451 -14.52 17.71 -37.50
N LYS B 452 -13.23 17.87 -37.81
CA LYS B 452 -12.74 17.45 -39.11
C LYS B 452 -12.94 15.96 -39.31
N LYS B 453 -13.35 15.58 -40.52
CA LYS B 453 -13.52 14.18 -40.87
C LYS B 453 -12.16 13.50 -40.92
N PRO B 454 -12.11 12.17 -40.76
CA PRO B 454 -10.83 11.47 -40.90
C PRO B 454 -10.23 11.56 -42.30
N THR B 455 -10.99 12.01 -43.30
CA THR B 455 -10.50 12.13 -44.66
C THR B 455 -10.28 13.58 -45.07
N ASP B 456 -10.49 14.54 -44.17
CA ASP B 456 -10.27 15.94 -44.47
C ASP B 456 -8.80 16.20 -44.75
N ASP B 457 -8.51 16.83 -45.90
CA ASP B 457 -7.14 17.10 -46.30
C ASP B 457 -6.47 18.15 -45.41
N THR B 458 -7.22 18.81 -44.53
CA THR B 458 -6.67 19.76 -43.59
C THR B 458 -6.38 19.12 -42.23
N LEU B 459 -6.51 17.80 -42.13
CA LEU B 459 -6.34 17.09 -40.88
C LEU B 459 -4.87 16.76 -40.66
N THR B 460 -4.29 17.28 -39.58
CA THR B 460 -2.90 17.01 -39.22
C THR B 460 -2.80 16.36 -37.84
N ASN B 461 -3.17 17.08 -36.78
CA ASN B 461 -3.16 16.55 -35.43
C ASN B 461 -4.56 16.07 -35.04
N ALA B 462 -4.60 15.30 -33.96
CA ALA B 462 -5.84 14.61 -33.59
C ALA B 462 -6.84 15.50 -32.87
N TRP B 463 -6.39 16.60 -32.25
CA TRP B 463 -7.30 17.41 -31.46
C TRP B 463 -8.37 18.09 -32.29
N GLU B 464 -8.13 18.31 -33.59
CA GLU B 464 -9.15 18.91 -34.45
C GLU B 464 -10.20 17.89 -34.88
N LEU B 465 -10.10 16.64 -34.45
CA LEU B 465 -11.18 15.68 -34.61
C LEU B 465 -12.26 15.81 -33.55
N PHE B 466 -11.95 16.49 -32.44
CA PHE B 466 -12.87 16.61 -31.33
C PHE B 466 -13.79 17.81 -31.56
N GLY B 467 -15.09 17.57 -31.57
CA GLY B 467 -16.05 18.65 -31.61
C GLY B 467 -16.07 19.42 -30.31
N THR B 468 -16.78 20.55 -30.34
CA THR B 468 -16.90 21.40 -29.16
C THR B 468 -18.32 21.94 -29.07
N MET B 469 -18.76 22.19 -27.84
CA MET B 469 -20.07 22.78 -27.54
C MET B 469 -19.80 24.08 -26.78
N PRO B 470 -19.64 25.20 -27.49
CA PRO B 470 -19.08 26.40 -26.84
C PRO B 470 -19.88 26.92 -25.66
N GLU B 471 -21.20 26.82 -25.69
CA GLU B 471 -22.03 27.37 -24.62
C GLU B 471 -22.27 26.37 -23.49
N LEU B 472 -21.50 25.28 -23.45
CA LEU B 472 -21.65 24.27 -22.40
C LEU B 472 -20.75 24.67 -21.24
N SER B 473 -21.28 25.52 -20.37
CA SER B 473 -20.59 25.97 -19.17
C SER B 473 -21.60 26.10 -18.05
N LEU B 474 -21.17 25.80 -16.82
CA LEU B 474 -22.09 25.81 -15.69
C LEU B 474 -22.70 27.20 -15.49
N GLU B 475 -21.89 28.24 -15.67
CA GLU B 475 -22.40 29.61 -15.49
C GLU B 475 -23.33 30.03 -16.62
N LYS B 476 -23.31 29.33 -17.76
CA LYS B 476 -24.19 29.64 -18.87
C LYS B 476 -25.47 28.81 -18.87
N ILE B 477 -25.55 27.76 -18.06
CA ILE B 477 -26.70 26.90 -18.03
C ILE B 477 -27.52 27.04 -16.75
N THR B 478 -26.90 27.39 -15.63
CA THR B 478 -27.65 27.56 -14.39
C THR B 478 -28.79 28.55 -14.53
N PRO B 479 -28.65 29.71 -15.18
CA PRO B 479 -29.80 30.59 -15.40
C PRO B 479 -30.82 30.03 -16.37
N LEU B 480 -30.44 29.01 -17.14
CA LEU B 480 -31.30 28.42 -18.16
C LEU B 480 -32.18 27.28 -17.65
N ILE B 481 -32.08 26.93 -16.37
CA ILE B 481 -32.83 25.81 -15.82
C ILE B 481 -34.17 26.33 -15.33
N SER B 482 -34.98 25.44 -14.74
CA SER B 482 -36.26 25.80 -14.17
C SER B 482 -36.45 25.10 -12.84
N VAL B 483 -36.84 25.85 -11.81
CA VAL B 483 -37.11 25.27 -10.49
C VAL B 483 -38.45 24.57 -10.44
N ASP B 484 -39.20 24.56 -11.53
CA ASP B 484 -40.52 23.93 -11.53
C ASP B 484 -40.41 22.42 -11.71
N LYS B 485 -39.65 21.98 -12.71
CA LYS B 485 -39.51 20.56 -13.00
C LYS B 485 -38.26 20.01 -12.30
N ASP B 486 -38.37 19.92 -10.98
CA ASP B 486 -37.28 19.36 -10.18
C ASP B 486 -37.46 17.84 -10.10
N SER B 487 -37.16 17.21 -11.22
CA SER B 487 -36.89 15.78 -11.21
C SER B 487 -35.44 15.60 -10.80
N LYS B 488 -34.95 14.36 -10.75
CA LYS B 488 -33.53 14.22 -10.53
C LYS B 488 -32.73 14.69 -11.74
N LEU B 489 -33.40 15.04 -12.84
CA LEU B 489 -32.72 15.58 -14.01
C LEU B 489 -32.18 16.99 -13.77
N ARG B 490 -32.70 17.73 -12.79
CA ARG B 490 -32.12 19.02 -12.46
C ARG B 490 -30.74 18.85 -11.84
N THR B 491 -30.62 17.95 -10.87
CA THR B 491 -29.32 17.65 -10.28
C THR B 491 -28.45 16.80 -11.20
N ALA B 492 -29.07 16.04 -12.11
CA ALA B 492 -28.29 15.26 -13.06
C ALA B 492 -27.66 16.15 -14.12
N LEU B 493 -28.38 17.19 -14.56
CA LEU B 493 -27.83 18.11 -15.53
C LEU B 493 -26.62 18.85 -14.95
N ILE B 494 -26.77 19.40 -13.74
CA ILE B 494 -25.66 20.13 -13.13
C ILE B 494 -24.46 19.20 -12.95
N LEU B 495 -24.70 17.94 -12.58
CA LEU B 495 -23.60 17.00 -12.43
C LEU B 495 -23.04 16.61 -13.79
N LEU B 496 -23.89 16.35 -14.77
CA LEU B 496 -23.42 15.85 -16.06
C LEU B 496 -22.68 16.92 -16.86
N VAL B 497 -22.92 18.20 -16.59
CA VAL B 497 -22.12 19.23 -17.24
C VAL B 497 -20.75 19.33 -16.59
N GLU B 498 -20.68 19.28 -15.25
CA GLU B 498 -19.40 19.23 -14.58
C GLU B 498 -18.58 18.05 -15.08
N PHE B 499 -19.23 16.93 -15.36
CA PHE B 499 -18.56 15.75 -15.88
C PHE B 499 -18.03 16.02 -17.29
N THR B 500 -18.89 16.51 -18.19
CA THR B 500 -18.48 16.71 -19.57
C THR B 500 -17.49 17.85 -19.71
N THR B 501 -17.60 18.89 -18.89
CA THR B 501 -16.65 19.99 -18.95
C THR B 501 -15.25 19.52 -18.57
N GLN B 502 -15.12 18.88 -17.40
CA GLN B 502 -13.83 18.36 -16.98
C GLN B 502 -13.31 17.31 -17.97
N PHE B 503 -14.19 16.45 -18.46
CA PHE B 503 -13.80 15.44 -19.43
C PHE B 503 -13.13 16.09 -20.65
N HIS B 504 -13.83 17.03 -21.29
CA HIS B 504 -13.26 17.69 -22.46
C HIS B 504 -12.00 18.45 -22.11
N ALA B 505 -11.96 19.04 -20.91
CA ALA B 505 -10.80 19.83 -20.52
C ALA B 505 -9.55 18.98 -20.46
N VAL B 506 -9.63 17.81 -19.80
CA VAL B 506 -8.46 16.96 -19.66
C VAL B 506 -8.11 16.32 -21.00
N ALA B 507 -9.12 16.02 -21.84
CA ALA B 507 -8.83 15.53 -23.17
C ALA B 507 -8.03 16.55 -23.97
N LYS B 508 -8.33 17.83 -23.79
CA LYS B 508 -7.61 18.89 -24.50
C LYS B 508 -6.16 18.95 -24.07
N THR B 509 -5.91 19.16 -22.77
CA THR B 509 -4.55 19.35 -22.29
C THR B 509 -3.64 18.22 -22.72
N TYR B 510 -4.17 17.01 -22.87
CA TYR B 510 -3.35 15.86 -23.24
C TYR B 510 -3.24 15.68 -24.74
N TYR B 511 -4.26 16.08 -25.51
CA TYR B 511 -4.22 15.96 -26.96
C TYR B 511 -3.62 17.19 -27.66
N GLN B 512 -3.48 18.31 -26.95
CA GLN B 512 -2.82 19.49 -27.51
C GLN B 512 -1.30 19.47 -27.31
N LYS B 513 -0.79 18.62 -26.43
CA LYS B 513 0.65 18.49 -26.26
C LYS B 513 1.28 17.95 -27.55
N ASP B 514 2.27 18.68 -28.05
CA ASP B 514 2.94 18.28 -29.29
C ASP B 514 3.90 17.12 -29.03
N ARG B 515 4.22 16.40 -30.12
CA ARG B 515 5.01 15.17 -30.00
C ARG B 515 6.37 15.44 -29.35
N LYS B 516 6.94 16.63 -29.55
CA LYS B 516 8.21 16.98 -28.94
C LYS B 516 8.08 17.41 -27.48
N ASP B 517 6.86 17.63 -26.99
CA ASP B 517 6.61 17.92 -25.58
C ASP B 517 5.77 16.83 -24.93
N LEU B 518 5.73 15.64 -25.51
CA LEU B 518 4.84 14.57 -25.09
C LEU B 518 5.62 13.59 -24.20
N THR B 519 5.52 13.80 -22.89
CA THR B 519 6.15 12.90 -21.93
C THR B 519 5.17 11.80 -21.53
N GLU B 520 5.72 10.62 -21.23
CA GLU B 520 4.88 9.55 -20.71
C GLU B 520 4.14 9.99 -19.45
N GLU B 521 4.65 10.99 -18.75
CA GLU B 521 3.95 11.52 -17.58
C GLU B 521 2.63 12.15 -17.98
N ASP B 522 2.55 12.72 -19.19
CA ASP B 522 1.30 13.29 -19.66
C ASP B 522 0.23 12.22 -19.79
N ASN B 523 0.58 11.05 -20.31
CA ASN B 523 -0.40 9.98 -20.44
C ASN B 523 -0.86 9.49 -19.07
N LEU B 524 0.03 9.48 -18.09
CA LEU B 524 -0.37 9.11 -16.74
C LEU B 524 -1.33 10.14 -16.16
N GLU B 525 -0.99 11.43 -16.29
CA GLU B 525 -1.90 12.49 -15.87
C GLU B 525 -3.28 12.31 -16.51
N PHE B 526 -3.30 12.07 -17.82
CA PHE B 526 -4.58 11.91 -18.52
C PHE B 526 -5.34 10.70 -18.01
N SER B 527 -4.63 9.59 -17.76
CA SER B 527 -5.33 8.38 -17.31
C SER B 527 -5.77 8.50 -15.86
N GLU B 528 -4.92 9.05 -14.99
CA GLU B 528 -5.30 9.18 -13.59
C GLU B 528 -6.35 10.27 -13.38
N GLN B 529 -6.51 11.18 -14.33
CA GLN B 529 -7.53 12.21 -14.21
C GLN B 529 -8.90 11.66 -14.60
N LEU B 530 -8.96 10.86 -15.67
CA LEU B 530 -10.24 10.31 -16.11
C LEU B 530 -10.81 9.33 -15.08
N VAL B 531 -9.96 8.52 -14.45
CA VAL B 531 -10.45 7.62 -13.41
C VAL B 531 -10.89 8.43 -12.19
N GLN B 532 -10.28 9.58 -11.95
CA GLN B 532 -10.76 10.46 -10.89
C GLN B 532 -12.12 11.04 -11.27
N LEU B 533 -12.31 11.34 -12.56
CA LEU B 533 -13.62 11.79 -13.03
C LEU B 533 -14.66 10.69 -12.91
N TYR B 534 -14.31 9.48 -13.34
CA TYR B 534 -15.26 8.38 -13.31
C TYR B 534 -15.71 8.04 -11.89
N THR B 535 -14.78 8.02 -10.94
CA THR B 535 -15.11 7.48 -9.61
C THR B 535 -16.02 8.41 -8.84
N ASN B 536 -15.97 9.72 -9.07
CA ASN B 536 -16.79 10.66 -8.30
C ASN B 536 -18.09 11.06 -9.00
N TYR B 537 -18.21 10.82 -10.31
CA TYR B 537 -19.41 11.21 -11.04
C TYR B 537 -20.23 10.04 -11.57
N ASN B 538 -19.65 8.84 -11.70
CA ASN B 538 -20.36 7.75 -12.33
C ASN B 538 -21.59 7.35 -11.52
N LEU B 539 -21.42 7.15 -10.21
CA LEU B 539 -22.54 6.74 -9.38
C LEU B 539 -23.52 7.89 -9.15
N LYS B 540 -22.98 9.07 -8.83
CA LYS B 540 -23.83 10.19 -8.43
C LYS B 540 -24.92 10.46 -9.46
N ILE B 541 -24.57 10.47 -10.74
CA ILE B 541 -25.56 10.77 -11.77
C ILE B 541 -26.34 9.53 -12.19
N ARG B 542 -25.71 8.35 -12.23
CA ARG B 542 -26.43 7.17 -12.68
C ARG B 542 -27.52 6.76 -11.70
N GLN B 543 -27.39 7.13 -10.42
CA GLN B 543 -28.50 6.97 -9.49
C GLN B 543 -29.49 8.12 -9.60
N SER B 544 -29.05 9.28 -10.08
CA SER B 544 -29.97 10.38 -10.36
C SER B 544 -30.81 10.12 -11.60
N LEU B 545 -30.39 9.19 -12.46
CA LEU B 545 -31.18 8.72 -13.59
C LEU B 545 -31.80 7.36 -13.33
N ALA B 546 -31.83 6.91 -12.07
CA ALA B 546 -32.35 5.59 -11.77
C ALA B 546 -33.80 5.45 -12.23
N HIS B 547 -34.60 6.50 -12.08
CA HIS B 547 -36.01 6.41 -12.42
C HIS B 547 -36.26 6.54 -13.91
N THR B 548 -35.41 7.26 -14.64
CA THR B 548 -35.59 7.35 -16.08
C THR B 548 -35.16 6.06 -16.76
N SER B 549 -35.47 5.97 -18.04
CA SER B 549 -35.22 4.75 -18.81
C SER B 549 -34.21 4.99 -19.91
N THR B 550 -34.68 5.46 -21.08
CA THR B 550 -33.80 5.64 -22.23
C THR B 550 -32.66 6.61 -21.94
N LEU B 551 -32.81 7.51 -20.97
CA LEU B 551 -31.72 8.41 -20.63
C LEU B 551 -30.64 7.68 -19.85
N ALA B 552 -31.02 6.81 -18.92
CA ALA B 552 -30.03 6.10 -18.11
C ALA B 552 -29.25 5.12 -18.97
N GLY B 553 -29.95 4.23 -19.69
CA GLY B 553 -29.26 3.29 -20.55
C GLY B 553 -28.37 3.96 -21.56
N GLU B 554 -28.71 5.18 -21.98
CA GLU B 554 -27.87 5.92 -22.90
C GLU B 554 -26.58 6.38 -22.24
N PHE B 555 -26.64 6.70 -20.94
CA PHE B 555 -25.43 7.04 -20.20
C PHE B 555 -24.67 5.82 -19.72
N ASN B 556 -25.32 4.66 -19.65
CA ASN B 556 -24.60 3.44 -19.28
C ASN B 556 -23.48 3.16 -20.27
N ARG B 557 -23.74 3.37 -21.56
CA ARG B 557 -22.72 3.13 -22.57
C ARG B 557 -21.58 4.14 -22.46
N ILE B 558 -21.89 5.37 -22.05
CA ILE B 558 -20.86 6.38 -21.92
C ILE B 558 -19.89 6.02 -20.79
N ALA B 559 -20.43 5.49 -19.69
CA ALA B 559 -19.58 5.19 -18.54
C ALA B 559 -18.71 3.96 -18.81
N VAL B 560 -19.30 2.89 -19.32
CA VAL B 560 -18.51 1.68 -19.61
C VAL B 560 -17.39 2.01 -20.59
N GLY B 561 -17.70 2.80 -21.62
CA GLY B 561 -16.67 3.20 -22.55
C GLY B 561 -15.59 4.05 -21.90
N LEU B 562 -16.00 4.96 -21.02
CA LEU B 562 -15.04 5.78 -20.29
C LEU B 562 -14.11 4.90 -19.47
N LYS B 563 -14.68 4.01 -18.65
CA LYS B 563 -13.87 3.10 -17.84
C LYS B 563 -12.99 2.22 -18.71
N GLN B 564 -13.60 1.57 -19.70
CA GLN B 564 -12.85 0.63 -20.54
C GLN B 564 -11.66 1.30 -21.21
N TYR B 565 -11.89 2.44 -21.86
CA TYR B 565 -10.84 3.10 -22.64
C TYR B 565 -10.01 4.07 -21.82
N THR B 566 -10.32 4.27 -20.54
CA THR B 566 -9.40 5.01 -19.68
C THR B 566 -8.23 4.15 -19.26
N GLU B 567 -8.43 2.84 -19.17
CA GLU B 567 -7.35 1.91 -18.81
C GLU B 567 -6.64 1.36 -20.04
N ARG B 568 -7.38 1.06 -21.10
CA ARG B 568 -6.74 0.60 -22.33
C ARG B 568 -5.78 1.63 -22.90
N ALA B 569 -5.97 2.91 -22.57
CA ALA B 569 -5.12 3.98 -23.09
C ALA B 569 -3.87 4.22 -22.24
N ASN B 570 -3.76 3.57 -21.09
CA ASN B 570 -2.60 3.76 -20.21
C ASN B 570 -1.34 3.30 -20.91
N PHE B 571 -0.43 4.24 -21.18
CA PHE B 571 0.74 3.96 -22.02
C PHE B 571 1.82 3.23 -21.25
N GLN B 572 2.17 3.73 -20.06
CA GLN B 572 3.23 3.09 -19.28
C GLN B 572 2.90 1.62 -18.99
N LEU B 573 1.62 1.31 -18.78
CA LEU B 573 1.23 -0.08 -18.57
C LEU B 573 1.18 -0.86 -19.87
N HIS B 574 0.94 -0.20 -21.00
CA HIS B 574 0.90 -0.91 -22.28
C HIS B 574 2.28 -1.43 -22.66
N LEU B 575 3.34 -0.72 -22.27
CA LEU B 575 4.68 -1.14 -22.64
C LEU B 575 5.15 -2.35 -21.85
N THR B 576 4.47 -2.69 -20.75
CA THR B 576 4.82 -3.86 -19.95
C THR B 576 4.03 -5.09 -20.34
N THR B 577 3.21 -5.02 -21.39
CA THR B 577 2.40 -6.15 -21.82
C THR B 577 3.09 -6.87 -22.98
N THR B 578 2.70 -8.12 -23.17
CA THR B 578 3.17 -8.93 -24.29
C THR B 578 1.97 -9.52 -25.02
N ASP B 579 2.19 -9.91 -26.28
CA ASP B 579 1.09 -10.45 -27.07
C ASP B 579 0.39 -11.58 -26.35
N GLU B 580 1.13 -12.41 -25.62
CA GLU B 580 0.52 -13.55 -24.94
C GLU B 580 -0.27 -13.09 -23.72
N GLN B 581 0.25 -12.11 -22.97
CA GLN B 581 -0.47 -11.60 -21.82
C GLN B 581 -1.81 -10.99 -22.21
N MET B 582 -1.86 -10.35 -23.38
CA MET B 582 -3.07 -9.67 -23.82
C MET B 582 -4.11 -10.63 -24.37
N LYS B 583 -3.74 -11.88 -24.68
CA LYS B 583 -4.74 -12.89 -24.99
C LYS B 583 -5.36 -13.49 -23.73
N GLU B 584 -4.71 -13.34 -22.58
CA GLU B 584 -5.26 -13.82 -21.32
C GLU B 584 -6.17 -12.81 -20.64
N ALA B 585 -6.01 -11.52 -20.95
CA ALA B 585 -6.93 -10.51 -20.44
C ALA B 585 -8.27 -10.52 -21.17
N THR B 586 -8.32 -11.12 -22.37
CA THR B 586 -9.56 -11.15 -23.15
C THR B 586 -10.46 -12.30 -22.71
N VAL B 587 -9.90 -13.50 -22.60
CA VAL B 587 -10.69 -14.64 -22.13
C VAL B 587 -11.12 -14.44 -20.68
N ALA B 588 -10.32 -13.73 -19.89
CA ALA B 588 -10.63 -13.50 -18.49
C ALA B 588 -11.89 -12.65 -18.34
N GLY C 12 -16.18 -20.99 66.17
CA GLY C 12 -16.91 -22.23 65.99
C GLY C 12 -16.92 -22.71 64.55
N LEU C 13 -17.62 -21.97 63.70
CA LEU C 13 -17.74 -22.31 62.28
C LEU C 13 -17.43 -21.08 61.45
N PRO C 14 -16.80 -21.24 60.26
CA PRO C 14 -16.42 -20.07 59.48
C PRO C 14 -17.56 -19.11 59.21
N LYS C 15 -17.23 -17.85 58.94
CA LYS C 15 -18.25 -16.83 58.71
C LYS C 15 -19.02 -17.12 57.42
N LYS C 16 -18.32 -17.43 56.33
CA LYS C 16 -18.92 -17.64 55.03
C LYS C 16 -19.06 -19.12 54.69
N ALA C 17 -19.18 -19.97 55.71
CA ALA C 17 -19.43 -21.39 55.50
C ALA C 17 -20.92 -21.68 55.67
N LEU C 18 -21.39 -22.69 54.97
CA LEU C 18 -22.78 -23.12 55.02
C LEU C 18 -22.89 -24.48 55.70
N LYS C 19 -24.12 -24.87 56.00
CA LYS C 19 -24.40 -26.16 56.60
C LYS C 19 -25.25 -26.99 55.65
N GLU C 20 -24.94 -28.29 55.56
CA GLU C 20 -25.65 -29.16 54.61
C GLU C 20 -27.16 -29.10 54.81
N SER C 21 -27.61 -28.88 56.04
CA SER C 21 -29.04 -28.78 56.29
C SER C 21 -29.66 -27.54 55.65
N GLN C 22 -28.84 -26.56 55.24
CA GLN C 22 -29.32 -25.33 54.63
C GLN C 22 -29.35 -25.39 53.11
N LEU C 23 -29.31 -26.58 52.53
CA LEU C 23 -29.22 -26.76 51.08
C LEU C 23 -30.47 -27.45 50.55
N GLN C 24 -31.12 -26.81 49.57
CA GLN C 24 -32.26 -27.40 48.88
C GLN C 24 -31.75 -28.18 47.67
N PHE C 25 -31.82 -29.51 47.75
CA PHE C 25 -31.33 -30.36 46.69
C PHE C 25 -32.30 -30.38 45.51
N LEU C 26 -31.76 -30.71 44.34
CA LEU C 26 -32.56 -30.76 43.11
C LEU C 26 -32.04 -31.85 42.18
N GLN C 38 -19.55 -37.48 42.20
CA GLN C 38 -20.58 -37.48 43.23
C GLN C 38 -21.08 -36.06 43.50
N THR C 39 -21.43 -35.35 42.44
CA THR C 39 -21.84 -33.96 42.51
C THR C 39 -23.36 -33.84 42.48
N TYR C 40 -23.89 -32.99 43.36
CA TYR C 40 -25.31 -32.68 43.43
C TYR C 40 -25.53 -31.20 43.15
N LYS C 41 -26.71 -30.86 42.63
CA LYS C 41 -27.10 -29.47 42.41
C LYS C 41 -27.90 -28.98 43.60
N VAL C 42 -27.51 -27.83 44.15
CA VAL C 42 -28.09 -27.29 45.37
C VAL C 42 -28.25 -25.78 45.25
N SER C 43 -29.11 -25.23 46.10
CA SER C 43 -29.30 -23.80 46.23
C SER C 43 -29.30 -23.44 47.72
N PHE C 44 -29.09 -22.16 48.01
CA PHE C 44 -29.10 -21.68 49.39
C PHE C 44 -29.33 -20.18 49.40
N ILE C 45 -29.50 -19.63 50.59
CA ILE C 45 -29.79 -18.23 50.80
C ILE C 45 -28.56 -17.53 51.33
N GLU C 46 -28.26 -16.35 50.77
CA GLU C 46 -27.15 -15.54 51.24
C GLU C 46 -27.42 -14.07 50.92
N ASN C 47 -27.33 -13.22 51.94
CA ASN C 47 -27.56 -11.79 51.79
C ASN C 47 -28.89 -11.51 51.07
N GLY C 48 -29.93 -12.24 51.46
CA GLY C 48 -31.27 -11.95 50.98
C GLY C 48 -31.57 -12.36 49.56
N VAL C 49 -30.75 -13.22 48.95
CA VAL C 49 -30.98 -13.67 47.59
C VAL C 49 -30.55 -15.13 47.47
N ILE C 50 -31.23 -15.87 46.61
CA ILE C 50 -30.91 -17.27 46.38
C ILE C 50 -29.73 -17.36 45.45
N LYS C 51 -28.85 -18.34 45.70
CA LYS C 51 -27.66 -18.55 44.89
C LYS C 51 -27.56 -20.04 44.57
N ASN C 52 -27.69 -20.39 43.29
CA ASN C 52 -27.48 -21.77 42.88
C ASN C 52 -26.01 -22.16 43.10
N ALA C 53 -25.77 -23.45 43.19
CA ALA C 53 -24.41 -23.95 43.38
C ALA C 53 -24.38 -25.44 43.10
N PHE C 54 -23.18 -26.01 43.12
CA PHE C 54 -22.96 -27.43 42.89
C PHE C 54 -22.23 -28.01 44.08
N TYR C 55 -22.74 -29.14 44.58
CA TYR C 55 -22.35 -29.70 45.86
C TYR C 55 -21.63 -31.03 45.66
N LYS C 56 -20.41 -31.13 46.20
CA LYS C 56 -19.66 -32.38 46.25
C LYS C 56 -19.32 -32.70 47.70
N LYS C 57 -19.34 -33.99 48.02
CA LYS C 57 -19.10 -34.46 49.38
C LYS C 57 -17.73 -35.12 49.49
N LEU C 58 -17.11 -34.94 50.66
CA LEU C 58 -15.85 -35.61 50.95
C LEU C 58 -16.02 -37.12 50.84
N ASP C 59 -15.10 -37.76 50.12
CA ASP C 59 -15.04 -39.22 50.03
C ASP C 59 -13.58 -39.62 50.25
N PRO C 60 -13.12 -39.60 51.50
CA PRO C 60 -11.68 -39.78 51.76
C PRO C 60 -11.05 -40.96 51.03
N LYS C 61 -11.78 -42.04 50.80
CA LYS C 61 -11.20 -43.22 50.18
C LYS C 61 -11.23 -43.17 48.66
N ASN C 62 -12.14 -42.41 48.07
CA ASN C 62 -12.15 -42.18 46.62
C ASN C 62 -11.53 -40.82 46.29
N HIS C 63 -10.29 -40.64 46.76
CA HIS C 63 -9.58 -39.38 46.55
C HIS C 63 -10.33 -38.25 47.24
N TYR C 64 -10.03 -37.01 46.87
CA TYR C 64 -10.69 -35.83 47.44
C TYR C 64 -10.82 -35.91 48.96
N PRO C 65 -9.69 -35.99 49.70
CA PRO C 65 -9.77 -36.04 51.18
C PRO C 65 -10.23 -34.73 51.80
N GLU C 66 -10.00 -34.58 53.12
CA GLU C 66 -10.32 -33.31 53.78
C GLU C 66 -9.39 -32.21 53.29
N LEU C 67 -8.09 -32.48 53.22
CA LEU C 67 -7.14 -31.42 52.92
C LEU C 67 -7.14 -31.04 51.44
N LEU C 68 -7.37 -32.00 50.53
CA LEU C 68 -7.47 -31.65 49.12
C LEU C 68 -8.70 -30.80 48.87
N ALA C 69 -9.81 -31.16 49.52
CA ALA C 69 -11.03 -30.38 49.41
C ALA C 69 -10.88 -29.02 50.08
N LYS C 70 -10.05 -28.94 51.12
CA LYS C 70 -9.89 -27.67 51.84
C LYS C 70 -9.04 -26.68 51.07
N ILE C 71 -8.07 -27.16 50.28
CA ILE C 71 -7.28 -26.25 49.45
C ILE C 71 -8.03 -25.87 48.19
N SER C 72 -8.96 -26.72 47.73
CA SER C 72 -9.70 -26.40 46.52
C SER C 72 -10.56 -25.15 46.71
N VAL C 73 -11.07 -24.92 47.92
CA VAL C 73 -11.87 -23.72 48.16
C VAL C 73 -10.97 -22.51 48.38
N ALA C 74 -9.77 -22.71 48.93
CA ALA C 74 -8.84 -21.60 49.06
C ALA C 74 -8.35 -21.15 47.68
N VAL C 75 -8.16 -22.10 46.77
CA VAL C 75 -7.78 -21.76 45.41
C VAL C 75 -8.88 -20.96 44.74
N SER C 76 -10.14 -21.37 44.94
CA SER C 76 -11.26 -20.63 44.36
C SER C 76 -11.23 -19.17 44.79
N LEU C 77 -10.76 -18.89 46.01
CA LEU C 77 -10.66 -17.52 46.46
C LEU C 77 -9.50 -16.80 45.79
N PHE C 78 -8.30 -17.39 45.84
CA PHE C 78 -7.15 -16.80 45.17
C PHE C 78 -7.49 -16.38 43.75
N LYS C 79 -8.19 -17.23 43.02
CA LYS C 79 -8.51 -16.92 41.63
C LYS C 79 -9.53 -15.79 41.54
N ARG C 80 -10.49 -15.75 42.47
CA ARG C 80 -11.45 -14.66 42.47
C ARG C 80 -10.80 -13.32 42.76
N ILE C 81 -9.58 -13.32 43.31
CA ILE C 81 -8.90 -12.06 43.60
C ILE C 81 -8.44 -11.40 42.30
N PHE C 82 -7.90 -12.19 41.37
CA PHE C 82 -7.41 -11.64 40.11
C PHE C 82 -8.22 -12.02 38.89
N GLN C 83 -9.07 -13.04 38.97
CA GLN C 83 -10.01 -13.32 37.89
C GLN C 83 -11.36 -12.65 38.11
N GLY C 84 -11.61 -12.13 39.31
CA GLY C 84 -12.87 -11.47 39.57
C GLY C 84 -14.01 -12.46 39.60
N ARG C 85 -15.11 -12.10 38.96
CA ARG C 85 -16.29 -12.95 38.92
C ARG C 85 -16.15 -14.14 37.99
N ARG C 86 -15.03 -14.24 37.26
CA ARG C 86 -14.84 -15.33 36.30
C ARG C 86 -14.38 -16.62 36.96
N SER C 87 -14.23 -16.66 38.28
CA SER C 87 -13.79 -17.85 39.00
C SER C 87 -14.89 -18.29 39.95
N ALA C 88 -15.37 -19.52 39.78
CA ALA C 88 -16.43 -20.04 40.62
C ALA C 88 -16.08 -19.87 42.09
N GLU C 89 -16.99 -19.28 42.86
CA GLU C 89 -16.79 -19.10 44.28
C GLU C 89 -17.19 -20.38 45.01
N GLU C 90 -16.25 -20.95 45.76
CA GLU C 90 -16.48 -22.17 46.50
C GLU C 90 -16.58 -21.87 47.99
N ARG C 91 -17.29 -22.73 48.72
CA ARG C 91 -17.52 -22.57 50.14
C ARG C 91 -17.30 -23.90 50.84
N LEU C 92 -17.25 -23.85 52.17
CA LEU C 92 -17.19 -25.04 53.00
C LEU C 92 -18.57 -25.34 53.57
N VAL C 93 -19.00 -26.58 53.44
CA VAL C 93 -20.29 -27.04 53.95
C VAL C 93 -20.04 -27.98 55.13
N PHE C 94 -20.75 -27.75 56.23
CA PHE C 94 -20.62 -28.54 57.43
C PHE C 94 -21.94 -29.21 57.76
N ASP C 95 -21.88 -30.20 58.65
CA ASP C 95 -23.08 -30.82 59.17
C ASP C 95 -23.64 -29.97 60.30
N ASP C 96 -24.72 -30.45 60.92
CA ASP C 96 -25.32 -29.73 62.03
C ASP C 96 -24.51 -29.82 63.31
N GLU C 97 -23.39 -30.55 63.32
CA GLU C 97 -22.53 -30.69 64.49
C GLU C 97 -21.14 -30.14 64.23
N GLU C 98 -21.01 -29.17 63.31
CA GLU C 98 -19.76 -28.48 63.05
C GLU C 98 -18.65 -29.46 62.68
N ARG C 99 -18.89 -30.22 61.61
CA ARG C 99 -17.90 -31.15 61.07
C ARG C 99 -17.93 -31.08 59.56
N LEU C 100 -16.75 -30.98 58.94
CA LEU C 100 -16.66 -30.80 57.50
C LEU C 100 -17.26 -32.00 56.77
N VAL C 101 -17.93 -31.73 55.65
CA VAL C 101 -18.64 -32.77 54.92
C VAL C 101 -18.43 -32.66 53.41
N GLY C 102 -18.08 -31.48 52.92
CA GLY C 102 -17.92 -31.33 51.48
C GLY C 102 -17.58 -29.91 51.10
N THR C 103 -17.68 -29.65 49.80
CA THR C 103 -17.35 -28.36 49.21
C THR C 103 -18.48 -27.90 48.30
N LEU C 104 -18.46 -26.61 47.98
CA LEU C 104 -19.43 -26.00 47.09
C LEU C 104 -18.72 -25.38 45.88
N SER C 105 -19.52 -24.93 44.92
CA SER C 105 -18.99 -24.17 43.78
C SER C 105 -20.17 -23.41 43.17
N ILE C 106 -20.34 -22.16 43.64
CA ILE C 106 -21.46 -21.34 43.17
C ILE C 106 -21.36 -21.17 41.66
N SER C 107 -22.50 -21.32 40.99
CA SER C 107 -22.53 -21.23 39.53
C SER C 107 -22.11 -19.84 39.07
N VAL C 108 -21.24 -19.80 38.05
CA VAL C 108 -20.79 -18.55 37.47
C VAL C 108 -21.77 -18.16 36.36
N ASP C 109 -22.37 -16.99 36.49
CA ASP C 109 -23.40 -16.54 35.55
C ASP C 109 -22.87 -16.57 34.12
N GLY C 110 -23.59 -17.30 33.25
CA GLY C 110 -23.22 -17.38 31.84
C GLY C 110 -22.20 -18.46 31.53
N PHE C 111 -22.36 -19.63 32.16
CA PHE C 111 -21.43 -20.74 31.98
C PHE C 111 -22.00 -21.73 30.97
N LYS C 112 -21.31 -21.87 29.83
CA LYS C 112 -21.63 -22.87 28.82
C LYS C 112 -20.32 -23.63 28.56
N GLY C 113 -20.09 -24.71 29.28
CA GLY C 113 -18.84 -25.44 29.13
C GLY C 113 -18.57 -25.87 27.71
N PHE C 114 -17.29 -26.01 27.37
CA PHE C 114 -16.88 -26.38 26.03
C PHE C 114 -17.08 -27.87 25.78
N ASN C 115 -17.13 -28.25 24.51
CA ASN C 115 -17.45 -29.61 24.12
C ASN C 115 -16.24 -30.53 24.17
N PHE C 116 -16.50 -31.82 24.34
CA PHE C 116 -15.54 -32.88 24.11
C PHE C 116 -15.76 -33.41 22.68
N HIS C 117 -14.75 -34.12 22.15
CA HIS C 117 -14.80 -34.48 20.74
C HIS C 117 -15.99 -35.36 20.37
N LYS C 118 -16.67 -35.96 21.36
CA LYS C 118 -17.84 -36.79 21.08
C LYS C 118 -19.12 -36.12 21.58
N GLU C 119 -19.47 -34.96 21.03
CA GLU C 119 -20.62 -34.20 21.53
C GLU C 119 -21.28 -33.44 20.39
N SER C 120 -22.41 -32.82 20.71
CA SER C 120 -23.24 -32.15 19.72
C SER C 120 -22.56 -30.90 19.18
N VAL C 121 -23.01 -30.49 17.99
CA VAL C 121 -22.51 -29.30 17.31
C VAL C 121 -23.69 -28.39 17.02
N PRO C 122 -23.89 -27.33 17.83
CA PRO C 122 -24.99 -26.40 17.54
C PRO C 122 -24.96 -25.88 16.11
N GLN C 123 -26.09 -25.42 15.61
CA GLN C 123 -26.21 -24.95 14.22
C GLN C 123 -26.60 -23.48 14.25
N GLU C 124 -25.61 -22.61 14.46
CA GLU C 124 -25.82 -21.18 14.46
C GLU C 124 -24.47 -20.48 14.43
N SER C 125 -24.37 -19.41 13.63
CA SER C 125 -23.10 -18.71 13.49
C SER C 125 -22.58 -18.15 14.81
N SER C 126 -23.45 -17.92 15.79
CA SER C 126 -23.06 -17.30 17.05
C SER C 126 -23.32 -18.14 18.29
N ALA C 127 -24.15 -19.19 18.20
CA ALA C 127 -24.36 -20.09 19.32
C ALA C 127 -23.45 -21.30 19.27
N LYS C 128 -22.94 -21.64 18.08
CA LYS C 128 -21.94 -22.70 17.94
C LYS C 128 -20.56 -22.22 18.39
N GLU C 129 -20.34 -20.91 18.42
CA GLU C 129 -19.09 -20.34 18.90
C GLU C 129 -18.93 -20.41 20.41
N GLN C 130 -19.97 -20.83 21.15
CA GLN C 130 -19.87 -20.92 22.60
C GLN C 130 -19.33 -22.27 23.07
N VAL C 131 -19.65 -23.35 22.36
CA VAL C 131 -19.17 -24.67 22.75
C VAL C 131 -17.89 -25.04 22.01
N ILE C 132 -17.79 -24.66 20.74
CA ILE C 132 -16.56 -24.81 19.97
C ILE C 132 -16.08 -23.41 19.62
N PRO C 133 -15.21 -22.80 20.43
CA PRO C 133 -14.91 -21.38 20.25
C PRO C 133 -14.00 -21.13 19.06
N SER C 134 -14.25 -20.02 18.37
CA SER C 134 -13.38 -19.58 17.30
C SER C 134 -12.21 -18.80 17.89
N THR C 135 -11.03 -18.97 17.29
CA THR C 135 -9.84 -18.28 17.80
C THR C 135 -10.06 -16.77 17.87
N ARG C 136 -10.94 -16.24 17.02
CA ARG C 136 -11.22 -14.81 17.08
C ARG C 136 -12.13 -14.44 18.23
N THR C 137 -13.01 -15.35 18.66
CA THR C 137 -13.86 -15.08 19.81
C THR C 137 -13.12 -15.29 21.13
N LEU C 138 -12.04 -16.08 21.13
CA LEU C 138 -11.22 -16.20 22.32
C LEU C 138 -10.52 -14.89 22.63
N ILE C 139 -10.13 -14.15 21.59
CA ILE C 139 -9.53 -12.84 21.78
C ILE C 139 -10.60 -11.80 22.09
N GLU C 140 -11.82 -12.01 21.59
CA GLU C 140 -12.91 -11.07 21.82
C GLU C 140 -13.46 -11.19 23.24
N LYS C 141 -13.48 -12.40 23.80
CA LYS C 141 -14.03 -12.63 25.13
C LYS C 141 -12.95 -12.82 26.19
N SER C 142 -11.69 -12.57 25.85
CA SER C 142 -10.56 -12.65 26.78
C SER C 142 -10.56 -13.98 27.55
N PHE C 143 -10.19 -15.03 26.82
CA PHE C 143 -10.03 -16.35 27.42
C PHE C 143 -8.61 -16.60 27.90
N MET C 144 -7.68 -15.70 27.59
CA MET C 144 -6.31 -15.85 28.08
C MET C 144 -6.23 -15.68 29.59
N GLU C 145 -7.01 -14.75 30.14
CA GLU C 145 -7.02 -14.54 31.58
C GLU C 145 -7.33 -15.83 32.33
N ILE C 146 -8.17 -16.69 31.75
CA ILE C 146 -8.54 -17.94 32.40
C ILE C 146 -7.40 -18.95 32.32
N LEU C 147 -6.85 -19.14 31.12
CA LEU C 147 -5.81 -20.15 30.95
C LEU C 147 -4.54 -19.79 31.73
N LEU C 148 -4.21 -18.50 31.81
CA LEU C 148 -3.04 -18.11 32.59
C LEU C 148 -3.25 -18.42 34.07
N GLY C 149 -4.46 -18.19 34.57
CA GLY C 149 -4.73 -18.48 35.97
C GLY C 149 -4.52 -19.95 36.31
N ARG C 150 -4.96 -20.84 35.43
CA ARG C 150 -4.78 -22.26 35.69
C ARG C 150 -3.31 -22.67 35.61
N TRP C 151 -2.57 -22.12 34.64
CA TRP C 151 -1.14 -22.42 34.57
C TRP C 151 -0.39 -21.78 35.74
N PHE C 152 -0.86 -20.63 36.23
CA PHE C 152 -0.18 -19.95 37.32
C PHE C 152 -0.12 -20.82 38.57
N LEU C 153 -1.16 -21.61 38.81
CA LEU C 153 -1.24 -22.45 40.00
C LEU C 153 -1.10 -23.93 39.68
N ASP C 154 -0.54 -24.26 38.51
CA ASP C 154 -0.24 -25.64 38.12
C ASP C 154 -1.49 -26.52 38.23
N ASP C 155 -2.46 -26.22 37.37
CA ASP C 155 -3.65 -27.05 37.27
C ASP C 155 -3.39 -28.21 36.32
N ASP C 156 -3.88 -29.39 36.71
CA ASP C 156 -3.66 -30.60 35.92
C ASP C 156 -4.90 -31.04 35.14
N ASP C 157 -6.09 -30.57 35.52
CA ASP C 157 -7.34 -30.98 34.90
C ASP C 157 -7.92 -29.81 34.12
N GLY C 158 -7.34 -29.55 32.95
CA GLY C 158 -7.85 -28.53 32.06
C GLY C 158 -8.68 -29.05 30.91
N HIS C 159 -9.60 -30.00 31.18
CA HIS C 159 -10.40 -30.58 30.12
C HIS C 159 -11.60 -29.69 29.79
N PRO C 160 -12.12 -29.76 28.56
CA PRO C 160 -13.09 -28.73 28.10
C PRO C 160 -14.23 -28.46 29.07
N HIS C 161 -14.69 -29.47 29.82
CA HIS C 161 -15.87 -29.28 30.66
C HIS C 161 -15.59 -28.40 31.87
N ASN C 162 -14.33 -28.23 32.25
CA ASN C 162 -13.95 -27.31 33.33
C ASN C 162 -13.69 -25.89 32.84
N LEU C 163 -13.90 -25.62 31.55
CA LEU C 163 -13.59 -24.33 30.95
C LEU C 163 -14.82 -23.77 30.25
N SER C 164 -14.99 -22.46 30.35
CA SER C 164 -16.12 -21.78 29.74
C SER C 164 -15.67 -20.46 29.14
N LEU C 165 -16.57 -19.84 28.37
CA LEU C 165 -16.33 -18.53 27.81
C LEU C 165 -16.46 -17.42 28.84
N ALA C 166 -16.80 -17.74 30.09
CA ALA C 166 -16.94 -16.73 31.13
C ALA C 166 -16.24 -17.10 32.43
N GLY C 167 -15.60 -18.26 32.53
CA GLY C 167 -14.91 -18.61 33.75
C GLY C 167 -14.57 -20.09 33.80
N ASP C 168 -13.93 -20.46 34.90
CA ASP C 168 -13.58 -21.84 35.21
C ASP C 168 -14.22 -22.23 36.54
N ILE C 169 -14.34 -23.53 36.78
CA ILE C 169 -15.17 -24.02 37.89
C ILE C 169 -14.45 -25.07 38.72
N ASP C 170 -13.68 -25.96 38.09
CA ASP C 170 -13.06 -27.07 38.79
C ASP C 170 -11.69 -26.66 39.30
N PHE C 171 -11.48 -26.80 40.62
CA PHE C 171 -10.19 -26.47 41.23
C PHE C 171 -9.63 -27.61 42.08
N ASP C 172 -10.20 -28.81 42.02
CA ASP C 172 -9.73 -29.88 42.87
C ASP C 172 -8.34 -30.38 42.50
N MET C 173 -7.77 -29.91 41.38
CA MET C 173 -6.44 -30.33 40.93
C MET C 173 -5.56 -29.12 40.69
N PHE C 174 -5.53 -28.20 41.65
CA PHE C 174 -4.58 -27.10 41.68
C PHE C 174 -3.49 -27.41 42.69
N PHE C 175 -2.42 -26.61 42.66
CA PHE C 175 -1.24 -26.87 43.48
C PHE C 175 -0.81 -28.33 43.33
N TYR C 176 -0.76 -28.78 42.08
CA TYR C 176 -0.67 -30.22 41.81
C TYR C 176 0.62 -30.82 42.38
N TRP C 177 1.72 -30.06 42.39
CA TRP C 177 2.96 -30.61 42.93
C TRP C 177 2.83 -30.98 44.39
N PHE C 178 1.83 -30.43 45.09
CA PHE C 178 1.53 -30.80 46.47
C PHE C 178 0.26 -31.63 46.57
N THR C 179 -0.48 -31.78 45.47
CA THR C 179 -1.76 -32.48 45.46
C THR C 179 -1.78 -33.72 44.58
N ILE C 180 -0.75 -33.94 43.75
CA ILE C 180 -0.76 -35.11 42.87
C ILE C 180 -0.87 -36.39 43.68
N TYR C 181 -0.39 -36.36 44.93
CA TYR C 181 -0.37 -37.54 45.78
C TYR C 181 -1.76 -37.89 46.33
N MET C 182 -2.76 -37.03 46.12
CA MET C 182 -4.12 -37.28 46.57
C MET C 182 -5.07 -37.65 45.43
N LYS C 183 -4.57 -37.82 44.21
CA LYS C 183 -5.42 -38.14 43.06
C LYS C 183 -4.73 -39.18 42.19
N GLU C 184 -5.47 -39.68 41.21
CA GLU C 184 -4.94 -40.66 40.25
C GLU C 184 -5.27 -40.24 38.82
N ARG C 195 8.10 -29.14 43.54
CA ARG C 195 7.84 -27.72 43.79
C ARG C 195 7.33 -27.04 42.52
N VAL C 196 6.80 -25.83 42.67
CA VAL C 196 6.31 -25.07 41.52
C VAL C 196 7.49 -24.63 40.67
N ASN C 197 7.31 -24.66 39.34
CA ASN C 197 8.37 -24.31 38.39
C ASN C 197 7.72 -23.70 37.15
N LEU C 198 7.44 -22.41 37.23
CA LEU C 198 7.01 -21.63 36.07
C LEU C 198 8.25 -21.00 35.43
N THR C 199 8.57 -21.42 34.21
CA THR C 199 9.78 -21.00 33.53
C THR C 199 9.46 -20.03 32.40
N VAL C 200 10.49 -19.27 32.01
CA VAL C 200 10.34 -18.35 30.89
C VAL C 200 10.01 -19.11 29.60
N ARG C 201 10.53 -20.34 29.46
CA ARG C 201 10.42 -21.04 28.18
C ARG C 201 8.97 -21.23 27.78
N ASP C 202 8.09 -21.59 28.71
CA ASP C 202 6.68 -21.73 28.39
C ASP C 202 5.89 -20.43 28.57
N TRP C 203 6.43 -19.47 29.33
CA TRP C 203 5.79 -18.17 29.42
C TRP C 203 5.88 -17.40 28.11
N GLU C 204 6.94 -17.62 27.33
CA GLU C 204 7.03 -17.00 26.01
C GLU C 204 5.98 -17.57 25.08
N GLY C 205 6.06 -18.87 24.80
CA GLY C 205 5.10 -19.52 23.94
C GLY C 205 3.92 -20.09 24.71
N PHE C 206 2.98 -19.22 25.06
CA PHE C 206 1.77 -19.55 25.80
C PHE C 206 0.55 -19.26 24.94
N PRO C 207 -0.50 -20.10 24.97
CA PRO C 207 -0.80 -21.23 25.87
C PRO C 207 -0.11 -22.54 25.50
N ASN C 208 0.89 -22.49 24.64
CA ASN C 208 1.68 -23.67 24.32
C ASN C 208 2.57 -24.06 25.50
N VAL C 209 1.97 -24.59 26.57
CA VAL C 209 2.75 -25.01 27.72
C VAL C 209 3.58 -26.24 27.36
N LYS C 210 4.77 -26.33 27.93
CA LYS C 210 5.65 -27.46 27.67
C LYS C 210 6.44 -27.88 28.90
N ASP C 211 7.09 -26.93 29.58
CA ASP C 211 7.84 -27.27 30.78
C ASP C 211 6.91 -27.66 31.92
N SER C 212 5.85 -26.88 32.13
CA SER C 212 4.78 -27.27 33.04
C SER C 212 3.88 -28.27 32.32
N LYS C 213 3.87 -29.51 32.80
CA LYS C 213 3.21 -30.59 32.08
C LYS C 213 1.87 -30.95 32.68
N PRO C 214 0.77 -30.33 32.24
CA PRO C 214 -0.56 -30.77 32.66
C PRO C 214 -1.00 -31.99 31.86
N PHE C 215 -2.16 -32.53 32.25
CA PHE C 215 -2.75 -33.66 31.56
C PHE C 215 -3.78 -33.23 30.52
N HIS C 216 -4.58 -32.22 30.82
CA HIS C 216 -5.56 -31.65 29.89
C HIS C 216 -5.25 -30.18 29.65
N TRP C 217 -5.21 -29.78 28.38
CA TRP C 217 -5.01 -28.39 28.02
C TRP C 217 -5.67 -28.10 26.68
N PRO C 218 -6.27 -26.92 26.49
CA PRO C 218 -6.99 -26.66 25.22
C PRO C 218 -6.12 -26.70 23.98
N THR C 219 -4.83 -26.36 24.09
CA THR C 219 -3.96 -26.40 22.91
C THR C 219 -3.64 -27.83 22.49
N TYR C 220 -3.75 -28.79 23.40
CA TYR C 220 -3.46 -30.17 23.08
C TYR C 220 -4.41 -30.71 22.02
N LYS C 221 -3.99 -31.78 21.36
CA LYS C 221 -4.87 -32.60 20.54
C LYS C 221 -5.06 -34.00 21.07
N ASN C 222 -4.17 -34.47 21.96
CA ASN C 222 -4.33 -35.74 22.66
C ASN C 222 -4.17 -35.50 24.14
N PRO C 223 -5.16 -35.82 24.98
CA PRO C 223 -4.95 -35.71 26.43
C PRO C 223 -3.70 -36.48 26.85
N GLY C 224 -2.86 -35.83 27.66
CA GLY C 224 -1.58 -36.42 28.03
C GLY C 224 -0.47 -36.17 27.04
N GLN C 225 -0.50 -35.04 26.34
CA GLN C 225 0.48 -34.76 25.28
C GLN C 225 1.85 -34.44 25.85
N GLU C 226 2.00 -33.28 26.49
CA GLU C 226 3.28 -32.87 27.04
C GLU C 226 3.41 -33.27 28.50
N TYR C 247 -10.57 -32.70 23.06
CA TYR C 247 -10.97 -31.39 22.55
C TYR C 247 -11.40 -31.45 21.09
N PRO C 248 -12.35 -30.60 20.69
CA PRO C 248 -12.78 -30.57 19.30
C PRO C 248 -11.78 -29.88 18.39
N ASP C 249 -11.05 -28.88 18.90
CA ASP C 249 -10.11 -28.15 18.06
C ASP C 249 -8.82 -27.79 18.80
N PRO C 250 -7.67 -28.35 18.41
CA PRO C 250 -6.42 -27.96 19.07
C PRO C 250 -5.86 -26.63 18.56
N GLY C 251 -5.98 -26.39 17.25
CA GLY C 251 -5.33 -25.24 16.64
C GLY C 251 -5.91 -23.90 17.07
N GLN C 252 -7.19 -23.86 17.41
CA GLN C 252 -7.81 -22.58 17.76
C GLN C 252 -7.20 -21.99 19.03
N PHE C 253 -6.74 -22.84 19.94
CA PHE C 253 -6.06 -22.38 21.13
C PHE C 253 -4.55 -22.32 20.96
N GLU C 254 -3.97 -23.23 20.18
CA GLU C 254 -2.55 -23.15 19.86
C GLU C 254 -2.24 -21.90 19.04
N GLN C 255 -3.23 -21.42 18.28
CA GLN C 255 -3.06 -20.25 17.44
C GLN C 255 -2.92 -18.96 18.25
N LEU C 256 -3.32 -18.95 19.53
CA LEU C 256 -3.22 -17.74 20.32
C LEU C 256 -1.77 -17.36 20.60
N ALA C 257 -0.84 -18.32 20.51
CA ALA C 257 0.58 -17.96 20.59
C ALA C 257 1.05 -17.24 19.34
N HIS C 258 0.34 -17.41 18.22
CA HIS C 258 0.71 -16.74 16.98
C HIS C 258 0.20 -15.31 16.95
N GLU C 259 -1.00 -15.07 17.47
CA GLU C 259 -1.60 -13.74 17.41
C GLU C 259 -0.91 -12.81 18.41
N PRO C 260 -0.46 -11.63 17.99
CA PRO C 260 0.17 -10.72 18.96
C PRO C 260 -0.82 -10.13 19.95
N VAL C 261 -2.05 -9.84 19.50
CA VAL C 261 -3.05 -9.30 20.42
C VAL C 261 -3.33 -10.28 21.55
N ALA C 262 -3.26 -11.58 21.26
CA ALA C 262 -3.46 -12.57 22.31
C ALA C 262 -2.35 -12.54 23.34
N GLN C 263 -1.12 -12.21 22.92
CA GLN C 263 -0.02 -12.10 23.86
C GLN C 263 -0.13 -10.85 24.71
N GLU C 264 -0.68 -9.77 24.15
CA GLU C 264 -0.90 -8.57 24.95
C GLU C 264 -1.95 -8.82 26.02
N GLN C 265 -2.93 -9.68 25.74
CA GLN C 265 -3.87 -10.08 26.79
C GLN C 265 -3.17 -10.92 27.85
N LYS C 266 -2.25 -11.80 27.42
CA LYS C 266 -1.52 -12.62 28.39
C LYS C 266 -0.76 -11.76 29.38
N PHE C 267 -0.10 -10.72 28.89
CA PHE C 267 0.59 -9.80 29.79
C PHE C 267 -0.41 -9.09 30.70
N ALA C 268 -1.52 -8.65 30.15
CA ALA C 268 -2.54 -8.00 30.97
C ALA C 268 -3.05 -8.93 32.05
N ALA C 269 -3.07 -10.24 31.78
CA ALA C 269 -3.47 -11.20 32.80
C ALA C 269 -2.37 -11.40 33.84
N ALA C 270 -1.14 -11.57 33.37
CA ALA C 270 -0.03 -11.74 34.31
C ALA C 270 0.16 -10.50 35.17
N LEU C 271 -0.09 -9.32 34.61
CA LEU C 271 0.05 -8.10 35.40
C LEU C 271 -1.07 -7.98 36.43
N LYS C 272 -2.25 -8.50 36.13
CA LYS C 272 -3.34 -8.49 37.10
C LYS C 272 -3.01 -9.37 38.29
N ILE C 273 -2.52 -10.58 38.04
CA ILE C 273 -2.15 -11.49 39.12
C ILE C 273 -1.08 -10.85 40.01
N LEU C 274 -0.19 -10.06 39.41
CA LEU C 274 0.91 -9.49 40.17
C LEU C 274 0.48 -8.28 40.99
N LEU C 275 -0.48 -7.51 40.49
CA LEU C 275 -0.89 -6.27 41.14
C LEU C 275 -2.05 -6.45 42.10
N THR C 276 -2.92 -7.44 41.86
CA THR C 276 -4.06 -7.66 42.74
C THR C 276 -3.68 -8.33 44.05
N TYR C 277 -2.46 -8.84 44.18
CA TYR C 277 -2.07 -9.55 45.38
C TYR C 277 -1.87 -8.58 46.54
N GLN C 278 -2.94 -8.29 47.27
CA GLN C 278 -2.85 -7.50 48.50
C GLN C 278 -2.95 -8.45 49.68
N PRO C 279 -1.83 -8.96 50.18
CA PRO C 279 -1.89 -10.08 51.13
C PRO C 279 -2.65 -9.77 52.40
N GLU C 280 -2.59 -8.52 52.87
CA GLU C 280 -3.28 -8.18 54.11
C GLU C 280 -4.78 -8.40 53.98
N MET C 281 -5.32 -8.27 52.77
CA MET C 281 -6.75 -8.51 52.55
C MET C 281 -7.03 -10.00 52.35
N ILE C 282 -6.24 -10.65 51.50
CA ILE C 282 -6.49 -12.06 51.20
C ILE C 282 -6.47 -12.89 52.48
N ARG C 283 -5.64 -12.52 53.45
CA ARG C 283 -5.65 -13.24 54.72
C ARG C 283 -6.94 -13.00 55.49
N LYS C 284 -7.46 -11.76 55.44
CA LYS C 284 -8.75 -11.50 56.06
C LYS C 284 -9.86 -12.24 55.32
N ARG C 285 -9.77 -12.33 53.99
CA ARG C 285 -10.80 -12.99 53.21
C ARG C 285 -10.72 -14.51 53.36
N LEU C 286 -9.51 -15.06 53.45
CA LEU C 286 -9.38 -16.50 53.62
C LEU C 286 -9.94 -16.94 54.97
N THR C 287 -9.66 -16.18 56.03
CA THR C 287 -10.25 -16.50 57.33
C THR C 287 -11.77 -16.39 57.29
N GLU C 288 -12.31 -15.65 56.32
CA GLU C 288 -13.77 -15.60 56.16
C GLU C 288 -14.32 -16.93 55.66
N LEU C 289 -13.51 -17.70 54.93
CA LEU C 289 -13.93 -18.99 54.42
C LEU C 289 -13.50 -20.15 55.31
N PHE C 290 -12.54 -19.95 56.20
CA PHE C 290 -12.02 -21.00 57.06
C PHE C 290 -12.12 -20.68 58.55
N GLY C 291 -12.03 -19.40 58.93
CA GLY C 291 -12.26 -19.03 60.31
C GLY C 291 -11.26 -19.58 61.30
N GLU C 292 -9.98 -19.48 60.97
CA GLU C 292 -8.90 -19.93 61.84
C GLU C 292 -8.84 -21.45 61.96
N MET C 293 -9.46 -22.16 61.02
CA MET C 293 -9.37 -23.62 60.99
C MET C 293 -7.90 -24.05 60.98
N THR C 294 -7.60 -25.12 61.69
CA THR C 294 -6.25 -25.64 61.71
C THR C 294 -5.92 -26.32 60.38
N LEU C 295 -4.63 -26.35 60.05
CA LEU C 295 -4.18 -27.09 58.87
C LEU C 295 -4.68 -28.53 58.91
N ASN C 296 -4.27 -29.26 59.94
CA ASN C 296 -4.75 -30.63 60.17
C ASN C 296 -4.50 -31.51 58.96
N TYR C 297 -3.23 -31.61 58.57
CA TYR C 297 -2.84 -32.56 57.54
C TYR C 297 -2.82 -33.98 58.06
N THR C 298 -2.83 -34.17 59.39
CA THR C 298 -2.93 -35.50 59.96
C THR C 298 -4.27 -36.16 59.63
N SER C 299 -5.26 -35.36 59.20
CA SER C 299 -6.54 -35.92 58.78
C SER C 299 -6.41 -36.90 57.63
N LEU C 300 -5.24 -36.94 56.96
CA LEU C 300 -5.01 -37.96 55.95
C LEU C 300 -5.08 -39.36 56.52
N ASP C 301 -4.94 -39.53 57.83
CA ASP C 301 -5.06 -40.85 58.43
C ASP C 301 -6.41 -41.48 58.10
N GLU C 302 -7.47 -40.67 58.07
CA GLU C 302 -8.80 -41.19 57.73
C GLU C 302 -8.83 -41.74 56.31
N THR C 303 -7.96 -41.24 55.43
CA THR C 303 -7.81 -41.77 54.08
C THR C 303 -6.81 -42.92 54.04
N ASP C 304 -5.61 -42.68 54.54
CA ASP C 304 -4.54 -43.67 54.58
C ASP C 304 -3.38 -43.11 55.39
N VAL C 305 -2.96 -43.84 56.42
CA VAL C 305 -1.87 -43.35 57.25
C VAL C 305 -0.57 -43.33 56.46
N ALA C 306 -0.40 -44.28 55.53
CA ALA C 306 0.81 -44.30 54.72
C ALA C 306 0.93 -43.06 53.85
N LEU C 307 -0.20 -42.46 53.46
CA LEU C 307 -0.15 -41.24 52.66
C LEU C 307 0.36 -40.06 53.49
N ARG C 308 -0.11 -39.94 54.73
CA ARG C 308 0.39 -38.88 55.60
C ARG C 308 1.91 -38.93 55.70
N ASN C 309 2.47 -40.13 55.82
CA ASN C 309 3.92 -40.26 55.91
C ASN C 309 4.62 -39.75 54.65
N GLN C 310 3.98 -39.91 53.48
CA GLN C 310 4.58 -39.40 52.25
C GLN C 310 4.77 -37.88 52.33
N TYR C 311 3.79 -37.18 52.89
CA TYR C 311 3.91 -35.73 53.01
C TYR C 311 4.93 -35.34 54.07
N GLU C 312 4.99 -36.10 55.17
CA GLU C 312 6.02 -35.87 56.17
C GLU C 312 7.41 -36.18 55.63
N LYS C 313 7.50 -36.98 54.56
CA LYS C 313 8.78 -37.36 53.96
C LYS C 313 9.19 -36.48 52.79
N THR C 314 8.26 -36.14 51.91
CA THR C 314 8.60 -35.34 50.73
C THR C 314 8.57 -33.85 51.02
N PHE C 315 7.59 -33.38 51.79
CA PHE C 315 7.47 -31.97 52.18
C PHE C 315 7.53 -31.89 53.70
N PRO C 316 8.74 -32.00 54.28
CA PRO C 316 8.84 -31.92 55.75
C PRO C 316 8.82 -30.50 56.30
N HIS C 317 9.16 -29.49 55.50
CA HIS C 317 9.21 -28.13 55.99
C HIS C 317 7.86 -27.44 56.01
N LEU C 318 6.81 -28.09 55.51
CA LEU C 318 5.45 -27.54 55.55
C LEU C 318 4.42 -28.47 56.17
N CYS C 319 4.64 -29.78 56.19
CA CYS C 319 3.73 -30.75 56.81
C CYS C 319 4.53 -31.51 57.88
N ASN C 320 4.60 -30.93 59.08
CA ASN C 320 5.28 -31.54 60.20
C ASN C 320 4.48 -31.30 61.47
N GLU C 321 5.03 -31.74 62.60
CA GLU C 321 4.30 -31.64 63.87
C GLU C 321 4.01 -30.19 64.23
N ASN C 322 4.93 -29.27 63.92
CA ASN C 322 4.76 -27.89 64.37
C ASN C 322 3.79 -27.12 63.49
N THR C 323 3.76 -27.40 62.19
CA THR C 323 2.83 -26.72 61.29
C THR C 323 1.43 -27.32 61.33
N ASN C 324 1.27 -28.53 61.86
CA ASN C 324 -0.04 -29.16 61.85
C ASN C 324 -1.05 -28.45 62.74
N ILE C 325 -0.57 -27.68 63.73
CA ILE C 325 -1.45 -26.94 64.62
C ILE C 325 -1.57 -25.48 64.21
N LYS C 326 -0.84 -25.05 63.18
CA LYS C 326 -0.90 -23.68 62.73
C LYS C 326 -2.09 -23.49 61.79
N PRO C 327 -2.63 -22.27 61.71
CA PRO C 327 -3.84 -22.06 60.91
C PRO C 327 -3.64 -22.47 59.45
N PHE C 328 -4.68 -23.07 58.87
CA PHE C 328 -4.64 -23.43 57.46
C PHE C 328 -4.45 -22.22 56.57
N VAL C 329 -4.83 -21.03 57.05
CA VAL C 329 -4.58 -19.81 56.29
C VAL C 329 -3.08 -19.61 56.09
N ASP C 330 -2.31 -19.65 57.17
CA ASP C 330 -0.87 -19.43 57.06
C ASP C 330 -0.20 -20.48 56.17
N PHE C 331 -0.77 -21.68 56.13
CA PHE C 331 -0.18 -22.74 55.31
C PHE C 331 -0.40 -22.46 53.82
N ILE C 332 -1.64 -22.14 53.44
CA ILE C 332 -1.95 -21.93 52.03
C ILE C 332 -1.38 -20.60 51.54
N MET C 333 -1.22 -19.63 52.44
CA MET C 333 -0.58 -18.37 52.06
C MET C 333 0.88 -18.59 51.71
N ASN C 334 1.63 -19.26 52.58
CA ASN C 334 3.02 -19.57 52.27
C ASN C 334 3.14 -20.36 50.99
N LEU C 335 2.09 -21.11 50.63
CA LEU C 335 2.09 -21.89 49.39
C LEU C 335 1.82 -21.00 48.19
N TYR C 336 0.91 -20.04 48.32
CA TYR C 336 0.64 -19.12 47.22
C TYR C 336 1.80 -18.16 47.02
N GLN C 337 2.41 -17.71 48.11
CA GLN C 337 3.56 -16.80 48.01
C GLN C 337 4.68 -17.43 47.17
N MET C 338 4.77 -18.76 47.17
CA MET C 338 5.74 -19.43 46.31
C MET C 338 5.41 -19.22 44.84
N HIS C 339 4.15 -19.46 44.47
CA HIS C 339 3.72 -19.25 43.09
C HIS C 339 3.88 -17.78 42.69
N TYR C 340 3.54 -16.86 43.58
CA TYR C 340 3.65 -15.44 43.28
C TYR C 340 5.10 -15.06 42.99
N ASP C 341 6.00 -15.37 43.93
CA ASP C 341 7.41 -15.07 43.71
C ASP C 341 7.92 -15.74 42.44
N ASN C 342 7.43 -16.95 42.14
CA ASN C 342 7.87 -17.66 40.94
C ASN C 342 7.36 -16.96 39.68
N LEU C 343 6.07 -16.58 39.68
CA LEU C 343 5.56 -15.80 38.56
C LEU C 343 6.20 -14.42 38.51
N TYR C 344 6.55 -13.85 39.66
CA TYR C 344 7.19 -12.55 39.71
C TYR C 344 8.52 -12.58 38.98
N ARG C 345 9.34 -13.61 39.25
CA ARG C 345 10.66 -13.69 38.61
C ARG C 345 10.53 -13.79 37.09
N VAL C 346 9.57 -14.57 36.61
CA VAL C 346 9.47 -14.81 35.18
C VAL C 346 9.02 -13.55 34.45
N VAL C 347 7.95 -12.92 34.93
CA VAL C 347 7.33 -11.83 34.19
C VAL C 347 8.01 -10.49 34.47
N VAL C 348 8.16 -10.13 35.76
CA VAL C 348 8.65 -8.80 36.09
C VAL C 348 10.04 -8.56 35.53
N PHE C 349 10.87 -9.60 35.45
CA PHE C 349 12.25 -9.45 34.99
C PHE C 349 12.45 -9.84 33.53
N TYR C 350 11.39 -10.26 32.84
CA TYR C 350 11.50 -10.64 31.45
C TYR C 350 12.05 -9.48 30.63
N MET C 351 12.96 -9.79 29.70
CA MET C 351 13.65 -8.77 28.91
C MET C 351 13.38 -8.83 27.42
N GLY C 352 12.49 -9.70 26.97
CA GLY C 352 12.04 -9.70 25.58
C GLY C 352 12.67 -10.80 24.76
N CYS C 353 12.19 -10.89 23.52
CA CYS C 353 12.66 -11.90 22.57
C CYS C 353 12.24 -11.48 21.17
N GLU C 354 13.09 -11.76 20.18
CA GLU C 354 12.73 -11.43 18.81
C GLU C 354 11.66 -12.39 18.29
N ASN C 355 11.60 -13.60 18.82
CA ASN C 355 10.58 -14.57 18.45
C ASN C 355 10.40 -15.55 19.60
N ASN C 356 9.19 -15.59 20.16
CA ASN C 356 8.86 -16.52 21.24
C ASN C 356 8.83 -17.97 20.79
N GLY C 357 9.20 -18.28 19.55
CA GLY C 357 9.09 -19.62 19.02
C GLY C 357 7.82 -19.89 18.26
N TYR C 358 6.94 -18.90 18.13
CA TYR C 358 5.67 -19.09 17.44
C TYR C 358 5.26 -17.90 16.59
N GLY C 359 6.13 -16.91 16.38
CA GLY C 359 5.93 -15.89 15.38
C GLY C 359 5.80 -14.48 15.90
N VAL C 360 5.56 -14.30 17.19
CA VAL C 360 5.27 -12.99 17.78
C VAL C 360 6.49 -12.55 18.59
N PRO C 361 6.96 -11.32 18.44
CA PRO C 361 7.97 -10.78 19.36
C PRO C 361 7.32 -10.17 20.59
N LEU C 362 7.88 -10.49 21.76
CA LEU C 362 7.40 -9.96 23.02
C LEU C 362 8.37 -8.90 23.53
N PRO C 363 7.90 -7.73 23.97
CA PRO C 363 8.82 -6.72 24.49
C PRO C 363 9.28 -7.09 25.90
N ALA C 364 10.32 -6.38 26.34
CA ALA C 364 10.73 -6.47 27.73
C ALA C 364 9.63 -5.90 28.61
N THR C 365 9.40 -6.55 29.76
CA THR C 365 8.32 -6.11 30.63
C THR C 365 8.47 -4.65 31.04
N ASN C 366 9.69 -4.11 31.03
CA ASN C 366 9.86 -2.68 31.27
C ASN C 366 9.43 -1.85 30.06
N SER C 367 9.49 -2.43 28.87
CA SER C 367 9.11 -1.67 27.67
C SER C 367 7.60 -1.69 27.47
N ALA C 368 6.95 -2.81 27.78
CA ALA C 368 5.49 -2.87 27.66
C ALA C 368 4.81 -1.93 28.64
N LEU C 369 5.37 -1.81 29.85
CA LEU C 369 4.82 -0.87 30.83
C LEU C 369 5.07 0.57 30.42
N TYR C 370 6.27 0.87 29.91
CA TYR C 370 6.59 2.23 29.53
C TYR C 370 5.78 2.68 28.33
N HIS C 371 5.66 1.82 27.31
CA HIS C 371 4.98 2.19 26.08
C HIS C 371 3.46 2.20 26.22
N LYS C 372 2.90 1.37 27.11
CA LYS C 372 1.46 1.22 27.29
C LYS C 372 1.09 1.49 28.74
N PRO C 373 0.92 2.77 29.12
CA PRO C 373 0.46 3.07 30.48
C PRO C 373 -0.95 2.58 30.75
N SER C 374 -1.67 2.16 29.69
CA SER C 374 -3.06 1.71 29.86
C SER C 374 -3.12 0.41 30.65
N PHE C 375 -2.06 -0.39 30.62
CA PHE C 375 -2.04 -1.63 31.40
C PHE C 375 -2.44 -1.37 32.84
N TYR C 376 -1.71 -0.49 33.53
CA TYR C 376 -2.02 -0.19 34.92
C TYR C 376 -3.33 0.58 35.05
N LYS C 377 -3.58 1.51 34.12
CA LYS C 377 -4.83 2.27 34.17
C LYS C 377 -6.04 1.35 34.01
N ASP C 378 -5.86 0.20 33.35
CA ASP C 378 -6.95 -0.76 33.22
C ASP C 378 -7.15 -1.57 34.49
N ILE C 379 -6.06 -1.94 35.16
CA ILE C 379 -6.18 -2.74 36.39
C ILE C 379 -6.79 -1.92 37.50
N VAL C 380 -6.39 -0.66 37.63
CA VAL C 380 -6.94 0.19 38.70
C VAL C 380 -8.42 0.40 38.49
N GLU C 381 -8.86 0.56 37.24
CA GLU C 381 -10.29 0.65 36.96
C GLU C 381 -10.98 -0.69 37.19
N TRP C 382 -10.35 -1.79 36.73
CA TRP C 382 -10.91 -3.11 36.95
C TRP C 382 -11.04 -3.43 38.45
N ALA C 383 -10.14 -2.89 39.26
CA ALA C 383 -10.26 -3.08 40.71
C ALA C 383 -11.41 -2.24 41.26
N ARG C 384 -11.48 -0.97 40.87
CA ARG C 384 -12.60 -0.14 41.26
C ARG C 384 -13.92 -0.80 40.89
N THR C 385 -13.97 -1.42 39.71
CA THR C 385 -15.19 -2.10 39.28
C THR C 385 -15.53 -3.26 40.21
N GLN C 386 -14.56 -4.13 40.48
CA GLN C 386 -14.82 -5.26 41.36
C GLN C 386 -15.17 -4.81 42.78
N ASN C 387 -14.73 -3.61 43.19
CA ASN C 387 -15.04 -3.13 44.53
C ASN C 387 -16.53 -2.84 44.69
N ILE C 388 -17.15 -2.24 43.67
CA ILE C 388 -18.56 -1.87 43.72
C ILE C 388 -19.45 -2.89 43.03
N THR C 389 -18.88 -4.02 42.60
CA THR C 389 -19.66 -5.04 41.89
C THR C 389 -19.90 -6.25 42.80
N ILE C 390 -18.93 -7.15 42.88
CA ILE C 390 -19.09 -8.36 43.67
C ILE C 390 -18.60 -8.20 45.11
N PHE C 391 -17.83 -7.15 45.39
CA PHE C 391 -17.40 -6.85 46.75
C PHE C 391 -18.27 -5.80 47.42
N SER C 392 -19.32 -5.33 46.74
CA SER C 392 -20.24 -4.39 47.37
C SER C 392 -20.85 -4.99 48.64
N LYS C 393 -21.06 -6.30 48.65
CA LYS C 393 -21.61 -6.96 49.83
C LYS C 393 -20.60 -7.05 50.97
N ASP C 394 -19.31 -6.92 50.67
CA ASP C 394 -18.26 -7.06 51.66
C ASP C 394 -17.96 -5.71 52.33
N ASP C 395 -17.22 -5.79 53.43
CA ASP C 395 -16.92 -4.61 54.23
C ASP C 395 -15.86 -3.75 53.55
N SER C 396 -15.77 -2.50 54.01
CA SER C 396 -14.81 -1.56 53.42
C SER C 396 -13.37 -2.01 53.64
N SER C 397 -13.10 -2.72 54.73
CA SER C 397 -11.75 -3.11 55.09
C SER C 397 -11.24 -4.30 54.28
N ILE C 398 -12.10 -4.96 53.53
CA ILE C 398 -11.72 -6.17 52.79
C ILE C 398 -11.89 -5.92 51.30
N LYS C 399 -11.74 -4.67 50.88
CA LYS C 399 -11.84 -4.26 49.49
C LYS C 399 -10.47 -3.84 48.96
N PHE C 400 -10.39 -3.69 47.64
CA PHE C 400 -9.15 -3.26 47.00
C PHE C 400 -8.76 -1.87 47.47
N ASP C 401 -7.57 -1.74 48.02
CA ASP C 401 -7.03 -0.46 48.47
C ASP C 401 -6.22 0.15 47.33
N GLU C 402 -6.74 1.24 46.74
CA GLU C 402 -6.05 1.86 45.62
C GLU C 402 -4.62 2.26 45.99
N ASP C 403 -4.44 2.84 47.18
CA ASP C 403 -3.10 3.24 47.58
C ASP C 403 -2.15 2.04 47.62
N GLU C 404 -2.64 0.91 48.12
CA GLU C 404 -1.84 -0.31 48.09
C GLU C 404 -1.60 -0.77 46.66
N LEU C 405 -2.63 -0.69 45.81
CA LEU C 405 -2.47 -1.05 44.40
C LEU C 405 -1.47 -0.14 43.70
N ARG C 406 -1.34 1.11 44.17
CA ARG C 406 -0.37 2.03 43.58
C ARG C 406 1.05 1.64 43.97
N ARG C 407 1.30 1.40 45.26
CA ARG C 407 2.63 0.99 45.69
C ARG C 407 3.03 -0.34 45.07
N ARG C 408 2.06 -1.24 44.88
CA ARG C 408 2.37 -2.52 44.25
C ARG C 408 2.86 -2.32 42.83
N TYR C 409 2.16 -1.48 42.05
CA TYR C 409 2.63 -1.19 40.70
C TYR C 409 3.98 -0.50 40.73
N HIS C 410 4.19 0.39 41.69
CA HIS C 410 5.49 1.04 41.81
C HIS C 410 6.59 0.00 42.02
N GLN C 411 6.29 -1.05 42.79
CA GLN C 411 7.26 -2.13 42.97
C GLN C 411 7.54 -2.83 41.65
N VAL C 412 6.49 -3.27 40.96
CA VAL C 412 6.69 -3.94 39.68
C VAL C 412 7.35 -3.01 38.68
N TRP C 413 7.07 -1.71 38.77
CA TRP C 413 7.74 -0.74 37.91
C TRP C 413 9.24 -0.70 38.20
N ARG C 414 9.60 -0.45 39.46
CA ARG C 414 11.01 -0.41 39.85
C ARG C 414 11.70 -1.72 39.48
N ASP C 415 11.17 -2.85 39.97
CA ASP C 415 11.85 -4.12 39.77
C ASP C 415 11.90 -4.56 38.32
N ALA C 416 10.98 -4.08 37.48
CA ALA C 416 11.02 -4.41 36.06
C ALA C 416 12.22 -3.78 35.37
N TYR C 417 12.86 -2.78 35.98
CA TYR C 417 14.05 -2.15 35.44
C TYR C 417 15.34 -2.67 36.07
N ALA C 418 15.25 -3.56 37.06
CA ALA C 418 16.46 -4.04 37.71
C ALA C 418 17.43 -4.68 36.73
N PRO C 419 17.00 -5.53 35.78
CA PRO C 419 17.95 -6.04 34.78
C PRO C 419 18.70 -4.95 34.04
N THR C 420 17.98 -3.99 33.46
CA THR C 420 18.60 -2.96 32.65
C THR C 420 19.51 -2.03 33.45
N PHE C 421 19.43 -2.05 34.78
CA PHE C 421 20.34 -1.24 35.60
C PHE C 421 21.56 -2.02 36.08
N ARG C 422 21.45 -3.33 36.31
CA ARG C 422 22.65 -4.12 36.55
C ARG C 422 23.52 -4.15 35.29
N ASP C 423 22.90 -4.31 34.13
CA ASP C 423 23.67 -4.31 32.89
C ASP C 423 24.46 -3.02 32.74
N LEU C 424 23.84 -1.87 33.04
CA LEU C 424 24.55 -0.61 32.94
C LEU C 424 25.63 -0.50 34.02
N LEU C 425 25.35 -1.02 35.21
CA LEU C 425 26.37 -1.02 36.26
C LEU C 425 27.45 -2.04 35.98
N HIS C 426 27.10 -3.18 35.38
CA HIS C 426 28.11 -4.16 35.01
C HIS C 426 28.95 -3.65 33.85
N ASP C 427 28.32 -2.98 32.87
CA ASP C 427 29.07 -2.37 31.79
C ASP C 427 29.98 -1.26 32.31
N SER C 428 29.54 -0.54 33.35
CA SER C 428 30.38 0.48 33.95
C SER C 428 31.49 -0.15 34.79
N TYR C 429 31.16 -1.21 35.53
CA TYR C 429 32.21 -1.94 36.24
C TYR C 429 33.27 -2.46 35.28
N SER C 430 32.84 -3.18 34.24
CA SER C 430 33.79 -3.80 33.32
C SER C 430 34.68 -2.77 32.64
N LEU C 431 34.17 -1.56 32.41
CA LEU C 431 35.00 -0.52 31.78
C LEU C 431 35.89 0.18 32.78
N THR C 432 35.50 0.22 34.06
CA THR C 432 36.40 0.75 35.08
C THR C 432 37.58 -0.18 35.29
N ASN C 433 37.40 -1.48 35.02
CA ASN C 433 38.49 -2.43 35.11
C ASN C 433 39.45 -2.24 33.93
N LYS C 434 38.89 -2.16 32.71
CA LYS C 434 39.74 -1.99 31.53
C LYS C 434 40.54 -0.70 31.61
N LEU C 435 40.04 0.30 32.35
CA LEU C 435 40.82 1.51 32.57
C LEU C 435 41.87 1.32 33.65
N LEU C 436 41.60 0.50 34.65
CA LEU C 436 42.58 0.25 35.70
C LEU C 436 43.74 -0.59 35.19
N GLN C 437 43.47 -1.50 34.25
CA GLN C 437 44.55 -2.32 33.69
C GLN C 437 45.53 -1.48 32.87
N GLN C 438 45.01 -0.50 32.14
CA GLN C 438 45.83 0.30 31.24
C GLN C 438 46.46 1.52 31.91
N VAL C 439 46.42 1.60 33.24
CA VAL C 439 46.99 2.76 33.94
C VAL C 439 47.80 2.33 35.15
N SER C 440 47.66 1.07 35.57
CA SER C 440 48.24 0.61 36.83
C SER C 440 49.70 0.19 36.65
N THR C 441 50.45 0.27 37.75
CA THR C 441 51.83 -0.21 37.77
C THR C 441 51.89 -1.70 37.48
N PHE C 442 51.17 -2.49 38.28
CA PHE C 442 51.18 -3.94 38.17
C PHE C 442 50.01 -4.38 37.29
N HIS C 443 49.68 -5.67 37.33
CA HIS C 443 48.56 -6.25 36.60
C HIS C 443 47.52 -6.64 37.65
N VAL C 444 46.65 -5.69 38.00
CA VAL C 444 45.63 -5.87 39.02
C VAL C 444 44.28 -6.06 38.35
N VAL C 445 43.55 -7.09 38.77
CA VAL C 445 42.19 -7.33 38.31
C VAL C 445 41.25 -7.11 39.48
N LEU C 446 40.11 -6.49 39.22
CA LEU C 446 39.07 -6.28 40.22
C LEU C 446 37.93 -7.26 39.98
N ASP C 447 37.45 -7.87 41.04
CA ASP C 447 36.42 -8.89 40.96
C ASP C 447 35.03 -8.30 41.21
N GLU C 448 34.05 -8.78 40.45
CA GLU C 448 32.66 -8.40 40.61
C GLU C 448 31.87 -9.64 41.02
N VAL C 449 31.29 -9.61 42.21
CA VAL C 449 30.43 -10.71 42.65
C VAL C 449 29.14 -10.64 41.84
N GLU C 450 28.90 -11.64 41.00
CA GLU C 450 27.72 -11.64 40.16
C GLU C 450 26.48 -11.94 40.99
N GLY C 451 25.45 -11.12 40.82
CA GLY C 451 24.23 -11.29 41.58
C GLY C 451 23.44 -12.51 41.13
N LYS C 452 22.40 -12.82 41.92
CA LYS C 452 21.55 -13.96 41.63
C LYS C 452 20.90 -13.79 40.26
N LYS C 453 20.76 -14.89 39.54
CA LYS C 453 20.08 -14.85 38.26
C LYS C 453 18.58 -14.69 38.47
N PRO C 454 17.85 -14.26 37.44
CA PRO C 454 16.40 -14.05 37.61
C PRO C 454 15.61 -15.31 37.91
N THR C 455 16.19 -16.50 37.73
CA THR C 455 15.47 -17.75 37.95
C THR C 455 15.90 -18.48 39.21
N ASP C 456 16.80 -17.91 40.01
CA ASP C 456 17.22 -18.55 41.24
C ASP C 456 16.06 -18.65 42.21
N ASP C 457 15.82 -19.87 42.72
CA ASP C 457 14.66 -20.11 43.57
C ASP C 457 14.72 -19.37 44.89
N THR C 458 15.86 -18.84 45.28
CA THR C 458 16.00 -18.08 46.53
C THR C 458 15.90 -16.58 46.31
N LEU C 459 15.53 -16.14 45.11
CA LEU C 459 15.47 -14.71 44.79
C LEU C 459 14.14 -14.16 45.30
N THR C 460 14.22 -13.20 46.22
CA THR C 460 13.04 -12.63 46.86
C THR C 460 12.85 -11.17 46.50
N ASN C 461 13.77 -10.30 46.86
CA ASN C 461 13.70 -8.89 46.46
C ASN C 461 14.60 -8.66 45.25
N ALA C 462 14.35 -7.55 44.56
CA ALA C 462 15.01 -7.31 43.29
C ALA C 462 16.46 -6.86 43.44
N TRP C 463 16.83 -6.30 44.58
CA TRP C 463 18.19 -5.81 44.77
C TRP C 463 19.21 -6.93 44.67
N GLU C 464 18.79 -8.19 44.86
CA GLU C 464 19.72 -9.31 44.80
C GLU C 464 20.16 -9.63 43.38
N LEU C 465 19.59 -8.97 42.37
CA LEU C 465 20.03 -9.17 41.00
C LEU C 465 21.28 -8.36 40.67
N PHE C 466 21.60 -7.36 41.47
CA PHE C 466 22.71 -6.46 41.18
C PHE C 466 24.00 -7.03 41.73
N GLY C 467 25.02 -7.12 40.88
CA GLY C 467 26.33 -7.48 41.35
C GLY C 467 26.91 -6.38 42.24
N THR C 468 28.02 -6.71 42.89
CA THR C 468 28.68 -5.79 43.80
C THR C 468 30.17 -5.84 43.57
N MET C 469 30.82 -4.68 43.69
CA MET C 469 32.25 -4.53 43.51
C MET C 469 32.79 -3.82 44.73
N PRO C 470 33.05 -4.57 45.81
CA PRO C 470 33.35 -3.92 47.10
C PRO C 470 34.66 -3.14 47.11
N GLU C 471 35.65 -3.56 46.33
CA GLU C 471 36.96 -2.93 46.35
C GLU C 471 37.04 -1.72 45.43
N LEU C 472 35.92 -1.24 44.92
CA LEU C 472 35.89 -0.06 44.06
C LEU C 472 35.65 1.16 44.95
N SER C 473 36.75 1.69 45.50
CA SER C 473 36.72 2.87 46.34
C SER C 473 37.93 3.72 46.03
N LEU C 474 37.73 5.04 45.97
CA LEU C 474 38.80 5.95 45.55
C LEU C 474 39.99 5.91 46.51
N GLU C 475 39.72 5.77 47.82
CA GLU C 475 40.80 5.92 48.79
C GLU C 475 41.79 4.77 48.74
N LYS C 476 41.35 3.58 48.32
CA LYS C 476 42.20 2.40 48.27
C LYS C 476 42.61 2.01 46.86
N ILE C 477 42.09 2.69 45.84
CA ILE C 477 42.45 2.40 44.46
C ILE C 477 43.38 3.44 43.86
N THR C 478 43.36 4.67 44.34
CA THR C 478 44.26 5.69 43.82
C THR C 478 45.73 5.29 43.89
N PRO C 479 46.23 4.65 44.96
CA PRO C 479 47.65 4.30 45.01
C PRO C 479 48.07 3.30 43.95
N LEU C 480 47.13 2.62 43.30
CA LEU C 480 47.47 1.62 42.28
C LEU C 480 47.74 2.25 40.92
N ILE C 481 47.68 3.57 40.81
CA ILE C 481 47.76 4.27 39.54
C ILE C 481 49.21 4.67 39.27
N SER C 482 49.74 4.21 38.13
CA SER C 482 51.07 4.60 37.71
C SER C 482 51.02 6.00 37.11
N VAL C 483 51.90 6.89 37.60
CA VAL C 483 51.94 8.26 37.09
C VAL C 483 52.73 8.39 35.81
N ASP C 484 53.33 7.30 35.32
CA ASP C 484 54.11 7.32 34.08
C ASP C 484 53.36 6.72 32.91
N LYS C 485 52.22 6.06 33.17
CA LYS C 485 51.42 5.40 32.14
C LYS C 485 50.14 6.18 31.84
N ASP C 486 50.13 7.48 32.15
CA ASP C 486 48.94 8.33 31.97
C ASP C 486 48.94 8.90 30.56
N SER C 487 48.26 8.22 29.64
CA SER C 487 47.93 8.79 28.33
C SER C 487 46.59 9.51 28.36
N LYS C 488 46.31 10.24 29.45
CA LYS C 488 45.06 10.92 29.77
C LYS C 488 44.00 9.93 30.23
N LEU C 489 44.24 8.62 30.17
CA LEU C 489 43.31 7.65 30.74
C LEU C 489 43.34 7.66 32.26
N ARG C 490 44.39 8.21 32.87
CA ARG C 490 44.41 8.35 34.32
C ARG C 490 43.27 9.23 34.79
N THR C 491 43.01 10.33 34.08
CA THR C 491 41.91 11.21 34.43
C THR C 491 40.55 10.58 34.16
N ALA C 492 40.49 9.60 33.25
CA ALA C 492 39.23 8.92 32.99
C ALA C 492 38.90 7.90 34.07
N LEU C 493 39.90 7.18 34.56
CA LEU C 493 39.66 6.18 35.60
C LEU C 493 39.10 6.83 36.85
N ILE C 494 39.75 7.88 37.34
CA ILE C 494 39.30 8.53 38.57
C ILE C 494 37.89 9.06 38.39
N LEU C 495 37.56 9.55 37.19
CA LEU C 495 36.20 10.02 36.94
C LEU C 495 35.22 8.86 36.95
N LEU C 496 35.56 7.76 36.27
CA LEU C 496 34.65 6.64 36.17
C LEU C 496 34.50 5.90 37.50
N VAL C 497 35.43 6.08 38.43
CA VAL C 497 35.25 5.53 39.77
C VAL C 497 34.22 6.33 40.54
N GLU C 498 34.34 7.66 40.52
CA GLU C 498 33.33 8.51 41.13
C GLU C 498 31.97 8.30 40.48
N PHE C 499 31.94 8.11 39.16
CA PHE C 499 30.67 7.92 38.46
C PHE C 499 30.02 6.60 38.84
N THR C 500 30.77 5.50 38.76
CA THR C 500 30.19 4.19 39.03
C THR C 500 29.88 3.99 40.51
N THR C 501 30.63 4.63 41.40
CA THR C 501 30.31 4.55 42.82
C THR C 501 28.98 5.22 43.12
N GLN C 502 28.82 6.48 42.70
CA GLN C 502 27.58 7.20 42.92
C GLN C 502 26.41 6.50 42.23
N PHE C 503 26.61 6.04 41.00
CA PHE C 503 25.57 5.29 40.29
C PHE C 503 25.05 4.14 41.16
N HIS C 504 25.95 3.30 41.65
CA HIS C 504 25.55 2.20 42.52
C HIS C 504 24.91 2.69 43.80
N ALA C 505 25.38 3.82 44.33
CA ALA C 505 24.87 4.31 45.61
C ALA C 505 23.40 4.71 45.51
N VAL C 506 23.03 5.44 44.46
CA VAL C 506 21.65 5.88 44.31
C VAL C 506 20.76 4.71 43.93
N ALA C 507 21.27 3.79 43.10
CA ALA C 507 20.51 2.59 42.77
C ALA C 507 20.20 1.79 44.03
N LYS C 508 21.19 1.68 44.93
CA LYS C 508 20.99 0.93 46.16
C LYS C 508 19.91 1.56 47.03
N THR C 509 20.05 2.86 47.32
CA THR C 509 19.09 3.53 48.18
C THR C 509 17.66 3.36 47.69
N TYR C 510 17.47 3.29 46.36
CA TYR C 510 16.13 3.19 45.79
C TYR C 510 15.66 1.75 45.63
N TYR C 511 16.57 0.80 45.38
CA TYR C 511 16.19 -0.59 45.21
C TYR C 511 16.12 -1.35 46.52
N GLN C 512 16.65 -0.80 47.61
CA GLN C 512 16.49 -1.42 48.92
C GLN C 512 15.19 -1.01 49.59
N LYS C 513 14.53 0.03 49.09
CA LYS C 513 13.23 0.43 49.63
C LYS C 513 12.21 -0.68 49.41
N ASP C 514 11.66 -1.22 50.50
CA ASP C 514 10.61 -2.20 50.38
C ASP C 514 9.26 -1.52 50.14
N ARG C 515 8.29 -2.30 49.65
CA ARG C 515 7.00 -1.73 49.31
C ARG C 515 6.38 -1.00 50.51
N LYS C 516 6.75 -1.42 51.73
CA LYS C 516 6.20 -0.78 52.92
C LYS C 516 6.75 0.63 53.13
N ASP C 517 7.87 0.96 52.49
CA ASP C 517 8.43 2.31 52.57
C ASP C 517 8.67 2.91 51.19
N LEU C 518 7.98 2.40 50.17
CA LEU C 518 8.24 2.80 48.79
C LEU C 518 7.31 3.94 48.42
N THR C 519 7.80 5.17 48.56
CA THR C 519 7.05 6.35 48.18
C THR C 519 7.38 6.73 46.74
N GLU C 520 6.39 7.30 46.05
CA GLU C 520 6.64 7.84 44.72
C GLU C 520 7.73 8.90 44.75
N GLU C 521 7.94 9.55 45.90
CA GLU C 521 9.03 10.51 46.02
C GLU C 521 10.38 9.83 45.91
N ASP C 522 10.47 8.56 46.36
CA ASP C 522 11.74 7.84 46.25
C ASP C 522 12.15 7.69 44.79
N ASN C 523 11.20 7.39 43.90
CA ASN C 523 11.53 7.28 42.49
C ASN C 523 11.96 8.62 41.91
N LEU C 524 11.37 9.71 42.39
CA LEU C 524 11.81 11.04 41.95
C LEU C 524 13.23 11.32 42.41
N GLU C 525 13.50 11.06 43.69
CA GLU C 525 14.87 11.19 44.21
C GLU C 525 15.85 10.37 43.36
N PHE C 526 15.47 9.14 43.04
CA PHE C 526 16.33 8.28 42.23
C PHE C 526 16.57 8.86 40.85
N SER C 527 15.50 9.36 40.21
CA SER C 527 15.65 9.88 38.85
C SER C 527 16.34 11.24 38.85
N GLU C 528 16.03 12.09 39.83
CA GLU C 528 16.67 13.40 39.89
C GLU C 528 18.16 13.29 40.22
N GLN C 529 18.57 12.20 40.87
CA GLN C 529 19.98 12.01 41.18
C GLN C 529 20.74 11.44 39.98
N LEU C 530 20.12 10.49 39.27
CA LEU C 530 20.77 9.93 38.09
C LEU C 530 20.89 10.95 36.97
N VAL C 531 19.87 11.80 36.80
CA VAL C 531 19.96 12.81 35.75
C VAL C 531 21.02 13.85 36.10
N GLN C 532 21.20 14.13 37.39
CA GLN C 532 22.29 15.01 37.79
C GLN C 532 23.63 14.30 37.65
N LEU C 533 23.67 12.99 37.86
CA LEU C 533 24.90 12.24 37.64
C LEU C 533 25.32 12.29 36.18
N TYR C 534 24.38 12.04 35.27
CA TYR C 534 24.71 12.05 33.85
C TYR C 534 25.28 13.41 33.44
N THR C 535 24.68 14.49 33.94
CA THR C 535 25.11 15.82 33.53
C THR C 535 26.49 16.19 34.08
N ASN C 536 26.91 15.55 35.17
CA ASN C 536 28.18 15.93 35.81
C ASN C 536 29.37 15.18 35.23
N TYR C 537 29.17 13.97 34.70
CA TYR C 537 30.27 13.14 34.24
C TYR C 537 30.23 12.81 32.75
N ASN C 538 29.08 12.96 32.09
CA ASN C 538 28.98 12.52 30.69
C ASN C 538 29.97 13.27 29.81
N LEU C 539 30.05 14.59 29.94
CA LEU C 539 30.97 15.36 29.11
C LEU C 539 32.41 15.14 29.55
N LYS C 540 32.68 15.28 30.85
CA LYS C 540 34.04 15.18 31.34
C LYS C 540 34.66 13.84 31.00
N ILE C 541 33.88 12.76 31.06
CA ILE C 541 34.44 11.42 30.86
C ILE C 541 34.74 11.19 29.39
N ARG C 542 33.76 11.42 28.51
CA ARG C 542 33.98 11.14 27.10
C ARG C 542 34.89 12.17 26.44
N GLN C 543 35.17 13.29 27.12
CA GLN C 543 36.25 14.16 26.66
C GLN C 543 37.62 13.57 27.00
N SER C 544 37.73 12.85 28.11
CA SER C 544 38.98 12.20 28.48
C SER C 544 39.25 10.95 27.66
N LEU C 545 38.23 10.37 27.03
CA LEU C 545 38.39 9.25 26.11
C LEU C 545 38.28 9.67 24.65
N ALA C 546 38.35 10.98 24.36
CA ALA C 546 38.16 11.43 22.99
C ALA C 546 39.15 10.77 22.05
N HIS C 547 40.38 10.54 22.51
CA HIS C 547 41.43 10.04 21.64
C HIS C 547 41.34 8.53 21.40
N THR C 548 40.88 7.77 22.39
CA THR C 548 40.81 6.33 22.23
C THR C 548 39.70 5.95 21.26
N SER C 549 39.64 4.65 20.94
CA SER C 549 38.70 4.16 19.94
C SER C 549 37.70 3.25 20.62
N THR C 550 37.94 1.94 20.69
CA THR C 550 36.94 1.02 21.24
C THR C 550 36.66 1.31 22.71
N LEU C 551 37.62 1.89 23.43
CA LEU C 551 37.39 2.22 24.83
C LEU C 551 36.36 3.35 24.96
N ALA C 552 36.40 4.31 24.05
CA ALA C 552 35.43 5.40 24.09
C ALA C 552 34.04 4.91 23.70
N GLY C 553 33.92 4.27 22.52
CA GLY C 553 32.62 3.76 22.10
C GLY C 553 31.99 2.85 23.13
N GLU C 554 32.82 2.18 23.95
CA GLU C 554 32.27 1.32 25.00
C GLU C 554 31.58 2.12 26.09
N PHE C 555 32.08 3.33 26.38
CA PHE C 555 31.40 4.20 27.32
C PHE C 555 30.30 5.01 26.67
N ASN C 556 30.36 5.20 25.34
CA ASN C 556 29.27 5.90 24.67
C ASN C 556 27.94 5.17 24.86
N ARG C 557 27.98 3.83 24.82
CA ARG C 557 26.77 3.06 25.03
C ARG C 557 26.32 3.10 26.49
N ILE C 558 27.25 3.24 27.42
CA ILE C 558 26.87 3.30 28.83
C ILE C 558 26.13 4.59 29.13
N ALA C 559 26.58 5.71 28.57
CA ALA C 559 25.93 6.99 28.83
C ALA C 559 24.58 7.07 28.13
N VAL C 560 24.53 6.66 26.87
CA VAL C 560 23.26 6.65 26.14
C VAL C 560 22.23 5.83 26.90
N GLY C 561 22.63 4.67 27.42
CA GLY C 561 21.71 3.86 28.20
C GLY C 561 21.26 4.54 29.47
N LEU C 562 22.18 5.19 30.16
CA LEU C 562 21.82 5.88 31.40
C LEU C 562 20.80 6.98 31.15
N LYS C 563 21.08 7.87 30.20
CA LYS C 563 20.14 8.96 29.89
C LYS C 563 18.79 8.40 29.49
N GLN C 564 18.77 7.44 28.58
CA GLN C 564 17.50 6.89 28.10
C GLN C 564 16.68 6.32 29.25
N TYR C 565 17.30 5.47 30.08
CA TYR C 565 16.58 4.76 31.14
C TYR C 565 16.52 5.54 32.45
N THR C 566 17.14 6.71 32.53
CA THR C 566 16.89 7.57 33.68
C THR C 566 15.53 8.24 33.54
N GLU C 567 15.05 8.42 32.31
CA GLU C 567 13.75 9.03 32.05
C GLU C 567 12.66 7.98 31.90
N ARG C 568 12.94 6.87 31.19
CA ARG C 568 11.92 5.83 31.03
C ARG C 568 11.51 5.25 32.37
N ALA C 569 12.38 5.31 33.38
CA ALA C 569 12.08 4.76 34.69
C ALA C 569 11.40 5.75 35.62
N ASN C 570 11.28 7.02 35.21
CA ASN C 570 10.61 8.02 36.03
C ASN C 570 9.15 7.65 36.21
N PHE C 571 8.74 7.34 37.44
CA PHE C 571 7.42 6.80 37.67
C PHE C 571 6.34 7.87 37.62
N GLN C 572 6.56 9.00 38.27
CA GLN C 572 5.56 10.06 38.25
C GLN C 572 5.30 10.53 36.82
N LEU C 573 6.34 10.60 36.00
CA LEU C 573 6.15 11.01 34.61
C LEU C 573 5.42 9.94 33.83
N HIS C 574 5.57 8.68 34.23
CA HIS C 574 4.86 7.59 33.57
C HIS C 574 3.37 7.63 33.85
N LEU C 575 2.98 8.11 35.04
CA LEU C 575 1.57 8.15 35.40
C LEU C 575 0.81 9.24 34.67
N THR C 576 1.51 10.22 34.09
CA THR C 576 0.86 11.30 33.35
C THR C 576 0.77 11.03 31.86
N THR C 577 1.26 9.88 31.39
CA THR C 577 1.23 9.54 29.99
C THR C 577 0.10 8.54 29.71
N THR C 578 -0.33 8.51 28.45
CA THR C 578 -1.35 7.58 28.00
C THR C 578 -0.81 6.80 26.82
N ASP C 579 -1.50 5.69 26.53
CA ASP C 579 -1.09 4.82 25.43
C ASP C 579 -0.84 5.60 24.15
N GLU C 580 -1.60 6.67 23.91
CA GLU C 580 -1.41 7.46 22.70
C GLU C 580 -0.16 8.34 22.77
N GLN C 581 0.07 9.00 23.90
CA GLN C 581 1.21 9.90 24.00
C GLN C 581 2.52 9.18 23.71
N MET C 582 2.63 7.91 24.10
CA MET C 582 3.88 7.17 23.92
C MET C 582 4.06 6.68 22.50
N LYS C 583 3.01 6.67 21.68
CA LYS C 583 3.17 6.36 20.27
C LYS C 583 3.74 7.54 19.50
N GLU C 584 3.60 8.76 20.02
CA GLU C 584 4.17 9.94 19.40
C GLU C 584 5.57 10.26 19.91
N ALA C 585 5.92 9.77 21.10
CA ALA C 585 7.25 10.01 21.65
C ALA C 585 8.31 9.13 21.00
N THR C 586 7.91 8.04 20.35
CA THR C 586 8.87 7.14 19.70
C THR C 586 9.18 7.58 18.27
N VAL C 587 8.19 8.12 17.55
CA VAL C 587 8.43 8.61 16.19
C VAL C 587 9.14 9.96 16.17
N ALA C 588 9.24 10.63 17.31
CA ALA C 588 9.87 11.95 17.37
C ALA C 588 11.15 11.90 18.20
N GLY D 12 50.91 52.28 -5.57
CA GLY D 12 51.11 52.53 -6.99
C GLY D 12 50.50 51.44 -7.86
N LEU D 13 51.04 50.24 -7.76
CA LEU D 13 50.59 49.09 -8.52
C LEU D 13 50.30 47.93 -7.56
N PRO D 14 49.29 47.10 -7.86
CA PRO D 14 48.96 46.01 -6.95
C PRO D 14 50.19 45.15 -6.64
N LYS D 15 50.17 44.52 -5.47
CA LYS D 15 51.32 43.73 -5.04
C LYS D 15 51.54 42.53 -5.95
N LYS D 16 50.48 41.78 -6.25
CA LYS D 16 50.58 40.55 -7.01
C LYS D 16 50.14 40.72 -8.46
N ALA D 17 50.27 41.93 -9.01
CA ALA D 17 50.00 42.16 -10.42
C ALA D 17 51.31 42.12 -11.20
N LEU D 18 51.21 41.73 -12.47
CA LEU D 18 52.38 41.59 -13.34
C LEU D 18 52.36 42.63 -14.44
N LYS D 19 53.47 42.68 -15.18
CA LYS D 19 53.64 43.60 -16.30
C LYS D 19 53.80 42.76 -17.57
N GLU D 20 53.09 43.15 -18.64
CA GLU D 20 53.19 42.38 -19.88
C GLU D 20 54.62 42.32 -20.37
N SER D 21 55.42 43.34 -20.05
CA SER D 21 56.82 43.34 -20.46
C SER D 21 57.63 42.25 -19.76
N GLN D 22 57.11 41.67 -18.68
CA GLN D 22 57.79 40.62 -17.93
C GLN D 22 57.31 39.21 -18.32
N LEU D 23 56.66 39.07 -19.47
CA LEU D 23 56.07 37.81 -19.89
C LEU D 23 56.84 37.25 -21.07
N GLN D 24 57.34 36.03 -20.93
CA GLN D 24 58.09 35.35 -21.99
C GLN D 24 57.12 34.48 -22.78
N PHE D 25 56.82 34.88 -24.01
CA PHE D 25 55.88 34.15 -24.87
C PHE D 25 56.56 32.94 -25.50
N THR D 39 44.06 34.06 -27.16
CA THR D 39 44.77 33.68 -25.95
C THR D 39 46.16 33.15 -26.28
N TYR D 40 47.15 33.52 -25.47
CA TYR D 40 48.54 33.12 -25.67
C TYR D 40 49.01 32.22 -24.55
N LYS D 41 50.02 31.39 -24.85
CA LYS D 41 50.76 30.67 -23.84
C LYS D 41 51.88 31.57 -23.33
N VAL D 42 51.99 31.69 -22.01
CA VAL D 42 52.92 32.63 -21.39
C VAL D 42 53.57 31.97 -20.18
N SER D 43 54.79 32.41 -19.88
CA SER D 43 55.51 32.00 -18.68
C SER D 43 56.10 33.23 -18.01
N PHE D 44 56.42 33.09 -16.73
CA PHE D 44 56.99 34.19 -15.96
C PHE D 44 57.60 33.60 -14.68
N ILE D 45 58.29 34.47 -13.94
CA ILE D 45 58.94 34.08 -12.69
C ILE D 45 58.18 34.70 -11.53
N GLU D 46 57.97 33.90 -10.48
CA GLU D 46 57.31 34.36 -9.27
C GLU D 46 57.85 33.56 -8.09
N ASN D 47 58.26 34.29 -7.05
CA ASN D 47 58.85 33.67 -5.86
C ASN D 47 59.98 32.72 -6.25
N GLY D 48 60.81 33.15 -7.20
CA GLY D 48 61.99 32.39 -7.56
C GLY D 48 61.74 31.13 -8.35
N VAL D 49 60.56 31.00 -8.96
CA VAL D 49 60.20 29.81 -9.71
C VAL D 49 59.39 30.22 -10.93
N ILE D 50 59.53 29.45 -12.00
CA ILE D 50 58.81 29.70 -13.24
C ILE D 50 57.39 29.16 -13.11
N LYS D 51 56.42 29.92 -13.62
CA LYS D 51 55.01 29.54 -13.60
C LYS D 51 54.43 29.75 -14.98
N ASN D 52 54.05 28.67 -15.64
CA ASN D 52 53.34 28.79 -16.91
C ASN D 52 51.93 29.34 -16.67
N ALA D 53 51.36 29.92 -17.72
CA ALA D 53 50.03 30.52 -17.62
C ALA D 53 49.53 30.79 -19.03
N PHE D 54 48.29 31.28 -19.11
CA PHE D 54 47.65 31.63 -20.37
C PHE D 54 47.20 33.10 -20.31
N TYR D 55 47.46 33.82 -21.39
CA TYR D 55 47.34 35.28 -21.42
C TYR D 55 46.17 35.72 -22.29
N LYS D 56 45.29 36.53 -21.72
CA LYS D 56 44.19 37.15 -22.43
C LYS D 56 44.38 38.66 -22.40
N LYS D 57 43.98 39.33 -23.48
CA LYS D 57 44.08 40.77 -23.59
C LYS D 57 42.68 41.38 -23.55
N LEU D 58 42.55 42.53 -22.90
CA LEU D 58 41.29 43.26 -22.97
C LEU D 58 40.95 43.56 -24.42
N ASP D 59 39.66 43.56 -24.72
CA ASP D 59 39.19 43.85 -26.06
C ASP D 59 37.75 44.36 -25.96
N PRO D 60 37.55 45.58 -25.41
CA PRO D 60 36.22 46.14 -25.17
C PRO D 60 35.35 46.18 -26.42
N TYR D 64 35.37 41.43 -23.70
CA TYR D 64 36.13 41.25 -22.47
C TYR D 64 36.52 42.61 -21.90
N PRO D 65 35.52 43.39 -21.46
CA PRO D 65 35.80 44.76 -20.98
C PRO D 65 36.69 44.79 -19.73
N GLU D 66 36.76 45.96 -19.10
CA GLU D 66 37.62 46.12 -17.91
C GLU D 66 37.00 45.41 -16.71
N LEU D 67 35.68 45.52 -16.51
CA LEU D 67 35.03 45.00 -15.32
C LEU D 67 34.66 43.53 -15.38
N LEU D 68 34.71 42.88 -16.54
CA LEU D 68 34.57 41.43 -16.59
C LEU D 68 35.91 40.73 -16.47
N ALA D 69 36.97 41.33 -17.03
CA ALA D 69 38.32 40.85 -16.78
C ALA D 69 38.72 41.09 -15.33
N LYS D 70 38.17 42.13 -14.69
CA LYS D 70 38.54 42.42 -13.30
C LYS D 70 37.80 41.53 -12.30
N ILE D 71 36.54 41.17 -12.60
CA ILE D 71 35.85 40.25 -11.70
C ILE D 71 36.32 38.82 -11.94
N SER D 72 36.73 38.48 -13.17
CA SER D 72 37.21 37.14 -13.44
C SER D 72 38.43 36.80 -12.60
N VAL D 73 39.25 37.80 -12.27
CA VAL D 73 40.39 37.54 -11.41
C VAL D 73 39.96 37.48 -9.95
N ALA D 74 38.87 38.17 -9.59
CA ALA D 74 38.39 38.12 -8.21
C ALA D 74 37.75 36.78 -7.90
N VAL D 75 36.96 36.22 -8.83
CA VAL D 75 36.37 34.92 -8.61
C VAL D 75 37.46 33.85 -8.59
N SER D 76 38.50 34.00 -9.40
CA SER D 76 39.61 33.06 -9.37
C SER D 76 40.17 32.92 -7.97
N LEU D 77 40.17 34.00 -7.19
CA LEU D 77 40.59 33.93 -5.80
C LEU D 77 39.51 33.34 -4.90
N PHE D 78 38.29 33.87 -5.00
CA PHE D 78 37.17 33.36 -4.20
C PHE D 78 37.08 31.84 -4.29
N LYS D 79 37.19 31.29 -5.51
CA LYS D 79 37.10 29.85 -5.66
C LYS D 79 38.31 29.16 -5.05
N ARG D 80 39.49 29.77 -5.17
CA ARG D 80 40.71 29.19 -4.62
C ARG D 80 40.68 29.13 -3.09
N ILE D 81 39.79 29.89 -2.45
CA ILE D 81 39.72 29.88 -0.99
C ILE D 81 39.00 28.63 -0.48
N PHE D 82 37.88 28.25 -1.12
CA PHE D 82 37.16 27.05 -0.72
C PHE D 82 37.44 25.86 -1.62
N GLN D 83 38.12 26.08 -2.75
CA GLN D 83 38.72 25.03 -3.54
C GLN D 83 40.22 25.09 -3.34
N GLY D 84 40.91 24.03 -3.73
CA GLY D 84 42.36 24.02 -3.58
C GLY D 84 43.07 24.61 -4.77
N ARG D 85 44.11 23.93 -5.23
CA ARG D 85 44.77 24.29 -6.49
C ARG D 85 43.94 23.90 -7.70
N ARG D 86 42.74 23.34 -7.50
CA ARG D 86 41.87 22.92 -8.58
C ARG D 86 41.18 24.09 -9.27
N SER D 87 41.45 25.32 -8.84
CA SER D 87 40.89 26.51 -9.47
C SER D 87 42.05 27.35 -9.98
N ALA D 88 42.07 27.60 -11.28
CA ALA D 88 43.15 28.37 -11.88
C ALA D 88 43.30 29.71 -11.17
N GLU D 89 44.53 30.02 -10.79
CA GLU D 89 44.84 31.30 -10.16
C GLU D 89 45.04 32.35 -11.26
N GLU D 90 44.27 33.44 -11.20
CA GLU D 90 44.34 34.49 -12.20
C GLU D 90 44.98 35.74 -11.60
N ARG D 91 45.61 36.53 -12.47
CA ARG D 91 46.29 37.75 -12.07
C ARG D 91 45.92 38.88 -13.03
N LEU D 92 46.24 40.10 -12.63
CA LEU D 92 46.10 41.27 -13.49
C LEU D 92 47.46 41.63 -14.06
N VAL D 93 47.51 41.83 -15.37
CA VAL D 93 48.73 42.22 -16.08
C VAL D 93 48.55 43.65 -16.56
N PHE D 94 49.57 44.47 -16.33
CA PHE D 94 49.57 45.86 -16.73
C PHE D 94 50.67 46.11 -17.75
N ASP D 95 50.62 47.28 -18.39
CA ASP D 95 51.70 47.69 -19.27
C ASP D 95 52.83 48.26 -18.43
N ASP D 96 53.88 48.74 -19.10
CA ASP D 96 55.01 49.29 -18.38
C ASP D 96 54.72 50.67 -17.79
N GLU D 97 53.53 51.23 -18.01
CA GLU D 97 53.18 52.54 -17.47
C GLU D 97 51.90 52.49 -16.64
N GLU D 98 51.66 51.38 -15.94
CA GLU D 98 50.54 51.23 -15.01
C GLU D 98 49.19 51.39 -15.73
N ARG D 99 48.95 50.52 -16.71
CA ARG D 99 47.67 50.46 -17.39
C ARG D 99 47.33 49.00 -17.68
N LEU D 100 46.11 48.60 -17.35
CA LEU D 100 45.70 47.21 -17.55
C LEU D 100 45.69 46.86 -19.03
N VAL D 101 46.09 45.63 -19.35
CA VAL D 101 46.19 45.18 -20.74
C VAL D 101 45.66 43.76 -20.89
N GLY D 102 45.48 43.05 -19.79
CA GLY D 102 44.99 41.68 -19.89
C GLY D 102 44.85 41.04 -18.53
N THR D 103 44.67 39.71 -18.56
CA THR D 103 44.56 38.90 -17.36
C THR D 103 45.37 37.63 -17.56
N LEU D 104 45.58 36.90 -16.48
CA LEU D 104 46.32 35.64 -16.50
C LEU D 104 45.42 34.50 -16.02
N SER D 105 45.93 33.27 -16.18
CA SER D 105 45.23 32.08 -15.69
C SER D 105 46.29 30.97 -15.56
N ILE D 106 46.90 30.88 -14.37
CA ILE D 106 47.99 29.94 -14.17
C ILE D 106 47.49 28.51 -14.39
N SER D 107 48.23 27.75 -15.19
CA SER D 107 47.84 26.39 -15.51
C SER D 107 47.83 25.53 -14.25
N VAL D 108 46.75 24.77 -14.07
CA VAL D 108 46.63 23.85 -12.95
C VAL D 108 47.10 22.48 -13.39
N ASP D 109 48.11 21.95 -12.69
CA ASP D 109 48.70 20.67 -13.06
C ASP D 109 47.65 19.57 -13.14
N GLY D 110 47.60 18.87 -14.27
CA GLY D 110 46.68 17.78 -14.48
C GLY D 110 45.36 18.20 -15.10
N PHE D 111 45.42 19.14 -16.04
CA PHE D 111 44.25 19.63 -16.74
C PHE D 111 44.23 19.04 -18.15
N LYS D 112 43.16 18.31 -18.47
CA LYS D 112 42.97 17.74 -19.81
C LYS D 112 41.79 18.37 -20.55
N GLY D 113 40.72 18.71 -19.84
CA GLY D 113 39.56 19.29 -20.47
C GLY D 113 38.68 18.24 -21.11
N PHE D 114 37.37 18.31 -20.88
CA PHE D 114 36.45 17.32 -21.41
C PHE D 114 36.21 17.58 -22.89
N ASN D 115 35.90 16.51 -23.62
CA ASN D 115 35.73 16.58 -25.06
C ASN D 115 34.30 16.98 -25.44
N PHE D 116 34.16 17.53 -26.63
CA PHE D 116 32.89 17.86 -27.26
C PHE D 116 32.40 16.71 -28.12
N HIS D 117 31.12 16.80 -28.51
CA HIS D 117 30.50 15.78 -29.37
C HIS D 117 31.16 15.68 -30.74
N LYS D 118 32.04 16.63 -31.10
CA LYS D 118 32.72 16.61 -32.38
C LYS D 118 34.19 16.21 -32.27
N GLU D 119 34.67 15.83 -31.09
CA GLU D 119 36.07 15.55 -30.88
C GLU D 119 36.33 14.05 -30.89
N SER D 120 37.61 13.70 -31.00
CA SER D 120 38.01 12.31 -31.10
C SER D 120 37.81 11.59 -29.78
N VAL D 121 37.80 10.27 -29.85
CA VAL D 121 37.67 9.40 -28.68
C VAL D 121 38.95 8.58 -28.57
N PRO D 122 39.86 8.94 -27.65
CA PRO D 122 41.13 8.20 -27.52
C PRO D 122 40.93 6.70 -27.42
N GLN D 123 42.02 5.94 -27.62
CA GLN D 123 41.94 4.48 -27.66
C GLN D 123 42.02 3.90 -26.25
N GLU D 124 43.17 4.06 -25.60
CA GLU D 124 43.34 3.57 -24.24
C GLU D 124 42.25 4.12 -23.34
N SER D 125 41.51 3.22 -22.69
CA SER D 125 40.41 3.65 -21.82
C SER D 125 40.92 4.47 -20.64
N SER D 126 42.20 4.36 -20.29
CA SER D 126 42.73 5.13 -19.17
C SER D 126 42.93 6.59 -19.53
N ALA D 127 42.95 6.92 -20.82
CA ALA D 127 43.02 8.31 -21.26
C ALA D 127 41.69 8.85 -21.77
N LYS D 128 40.78 7.97 -22.23
CA LYS D 128 39.50 8.43 -22.73
C LYS D 128 38.50 8.68 -21.62
N GLU D 129 38.64 7.99 -20.48
CA GLU D 129 37.75 8.23 -19.35
C GLU D 129 38.02 9.58 -18.68
N GLN D 130 39.09 10.27 -19.07
CA GLN D 130 39.39 11.58 -18.53
C GLN D 130 38.72 12.70 -19.34
N VAL D 131 38.56 12.49 -20.65
CA VAL D 131 37.92 13.48 -21.51
C VAL D 131 36.43 13.21 -21.63
N ILE D 132 36.02 11.94 -21.64
CA ILE D 132 34.62 11.56 -21.59
C ILE D 132 34.37 11.01 -20.18
N PRO D 133 33.69 11.77 -19.31
CA PRO D 133 33.68 11.40 -17.90
C PRO D 133 32.85 10.16 -17.63
N SER D 134 33.38 9.28 -16.78
CA SER D 134 32.64 8.14 -16.27
C SER D 134 32.01 8.48 -14.93
N THR D 135 30.74 8.10 -14.75
CA THR D 135 30.07 8.41 -13.50
C THR D 135 30.81 7.83 -12.30
N ARG D 136 31.54 6.73 -12.50
CA ARG D 136 32.31 6.17 -11.40
C ARG D 136 33.55 7.01 -11.11
N THR D 137 34.11 7.65 -12.13
CA THR D 137 35.33 8.43 -11.94
C THR D 137 35.04 9.82 -11.36
N LEU D 138 33.85 10.36 -11.61
CA LEU D 138 33.50 11.65 -11.04
C LEU D 138 33.31 11.56 -9.53
N ILE D 139 32.85 10.41 -9.04
CA ILE D 139 32.78 10.23 -7.59
C ILE D 139 34.16 9.89 -7.02
N GLU D 140 35.02 9.26 -7.81
CA GLU D 140 36.37 8.96 -7.35
C GLU D 140 37.24 10.21 -7.32
N LYS D 141 37.00 11.15 -8.22
CA LYS D 141 37.79 12.37 -8.34
C LYS D 141 37.15 13.56 -7.63
N SER D 142 36.07 13.33 -6.88
CA SER D 142 35.39 14.38 -6.14
C SER D 142 35.15 15.60 -7.06
N PHE D 143 34.32 15.37 -8.06
CA PHE D 143 34.01 16.39 -9.05
C PHE D 143 32.81 17.23 -8.69
N MET D 144 32.04 16.84 -7.67
CA MET D 144 30.91 17.66 -7.23
C MET D 144 31.38 19.02 -6.72
N GLU D 145 32.55 19.06 -6.09
CA GLU D 145 33.07 20.33 -5.58
C GLU D 145 33.24 21.36 -6.69
N ILE D 146 33.58 20.91 -7.90
CA ILE D 146 33.79 21.84 -9.01
C ILE D 146 32.46 22.36 -9.54
N LEU D 147 31.52 21.45 -9.83
CA LEU D 147 30.24 21.90 -10.40
C LEU D 147 29.49 22.80 -9.43
N LEU D 148 29.52 22.47 -8.14
CA LEU D 148 28.88 23.34 -7.16
C LEU D 148 29.59 24.68 -7.08
N GLY D 149 30.92 24.68 -7.27
CA GLY D 149 31.64 25.95 -7.31
C GLY D 149 31.15 26.86 -8.42
N ARG D 150 30.90 26.29 -9.61
CA ARG D 150 30.33 27.09 -10.69
C ARG D 150 28.92 27.55 -10.34
N TRP D 151 28.11 26.65 -9.78
CA TRP D 151 26.73 26.99 -9.45
C TRP D 151 26.65 27.99 -8.31
N PHE D 152 27.62 27.98 -7.39
CA PHE D 152 27.58 28.90 -6.26
C PHE D 152 27.69 30.35 -6.73
N LEU D 153 28.49 30.60 -7.77
CA LEU D 153 28.75 31.94 -8.27
C LEU D 153 28.05 32.21 -9.60
N ASP D 154 27.05 31.38 -9.95
CA ASP D 154 26.22 31.58 -11.13
C ASP D 154 27.08 31.71 -12.40
N ASP D 155 27.72 30.60 -12.74
CA ASP D 155 28.46 30.50 -13.99
C ASP D 155 27.56 29.99 -15.10
N ASP D 156 27.73 30.57 -16.30
CA ASP D 156 26.93 30.19 -17.46
C ASP D 156 27.71 29.36 -18.47
N ASP D 157 29.03 29.26 -18.33
CA ASP D 157 29.89 28.60 -19.31
C ASP D 157 30.37 27.27 -18.73
N GLY D 158 29.50 26.26 -18.82
CA GLY D 158 29.86 24.91 -18.45
C GLY D 158 30.41 24.15 -19.64
N HIS D 159 31.34 24.78 -20.36
CA HIS D 159 31.86 24.25 -21.60
C HIS D 159 32.84 23.11 -21.33
N PRO D 160 32.80 22.03 -22.12
CA PRO D 160 33.67 20.87 -21.81
C PRO D 160 35.14 21.21 -21.66
N HIS D 161 35.70 21.99 -22.59
CA HIS D 161 37.14 22.26 -22.55
C HIS D 161 37.52 23.28 -21.48
N ASN D 162 36.55 24.04 -20.97
CA ASN D 162 36.77 24.90 -19.82
C ASN D 162 36.57 24.18 -18.50
N LEU D 163 36.28 22.89 -18.54
CA LEU D 163 36.00 22.07 -17.38
C LEU D 163 36.90 20.84 -17.43
N SER D 164 37.43 20.43 -16.28
CA SER D 164 38.35 19.32 -16.23
C SER D 164 38.06 18.43 -15.02
N LEU D 165 38.64 17.24 -15.03
CA LEU D 165 38.53 16.29 -13.94
C LEU D 165 39.36 16.67 -12.73
N ALA D 166 40.14 17.75 -12.83
CA ALA D 166 40.95 18.22 -11.72
C ALA D 166 40.74 19.70 -11.43
N GLY D 167 39.87 20.38 -12.16
CA GLY D 167 39.60 21.77 -11.89
C GLY D 167 38.88 22.43 -13.05
N ASP D 168 38.51 23.68 -12.81
CA ASP D 168 37.92 24.55 -13.83
C ASP D 168 38.82 25.76 -14.00
N ILE D 169 38.68 26.44 -15.15
CA ILE D 169 39.66 27.45 -15.54
C ILE D 169 39.00 28.73 -16.02
N ASP D 170 37.94 28.63 -16.80
CA ASP D 170 37.34 29.78 -17.46
C ASP D 170 36.31 30.42 -16.54
N PHE D 171 36.51 31.70 -16.21
CA PHE D 171 35.59 32.43 -15.34
C PHE D 171 35.10 33.73 -15.98
N ASP D 172 35.29 33.91 -17.28
CA ASP D 172 34.84 35.14 -17.94
C ASP D 172 33.32 35.26 -17.99
N MET D 173 32.59 34.24 -17.54
CA MET D 173 31.12 34.27 -17.49
C MET D 173 30.64 33.92 -16.08
N PHE D 174 31.26 34.54 -15.09
CA PHE D 174 30.85 34.40 -13.69
C PHE D 174 30.02 35.62 -13.27
N PHE D 175 29.39 35.50 -12.09
CA PHE D 175 28.44 36.50 -11.63
C PHE D 175 27.46 36.83 -12.74
N TYR D 176 26.90 35.76 -13.33
CA TYR D 176 26.06 35.89 -14.52
C TYR D 176 24.92 36.89 -14.31
N TRP D 177 24.41 37.00 -13.08
CA TRP D 177 23.29 37.90 -12.81
C TRP D 177 23.68 39.36 -12.99
N PHE D 178 24.97 39.69 -12.85
CA PHE D 178 25.43 41.08 -12.92
C PHE D 178 26.30 41.39 -14.13
N THR D 179 26.86 40.39 -14.80
CA THR D 179 27.82 40.62 -15.87
C THR D 179 27.30 40.17 -17.23
N ILE D 180 26.09 39.64 -17.32
CA ILE D 180 25.56 39.21 -18.61
C ILE D 180 25.47 40.38 -19.58
N TYR D 181 25.38 41.61 -19.08
CA TYR D 181 25.29 42.78 -19.95
C TYR D 181 26.60 43.10 -20.65
N MET D 182 27.72 42.56 -20.16
CA MET D 182 29.04 42.83 -20.73
C MET D 182 29.53 41.72 -21.64
N LYS D 183 28.69 40.72 -21.91
CA LYS D 183 29.03 39.66 -22.86
C LYS D 183 27.90 39.32 -23.84
N GLU D 184 26.64 39.47 -23.44
CA GLU D 184 25.51 39.24 -24.34
C GLU D 184 25.57 37.85 -24.99
N ARG D 195 19.04 38.65 -10.30
CA ARG D 195 20.02 38.73 -9.22
C ARG D 195 20.32 37.35 -8.65
N VAL D 196 21.17 37.30 -7.63
CA VAL D 196 21.57 36.00 -7.06
C VAL D 196 20.32 35.25 -6.63
N ASN D 197 20.22 33.98 -7.06
CA ASN D 197 19.03 33.19 -6.74
C ASN D 197 19.38 31.72 -6.79
N LEU D 198 20.01 31.23 -5.73
CA LEU D 198 20.19 29.79 -5.52
C LEU D 198 19.01 29.29 -4.71
N THR D 199 18.21 28.40 -5.31
CA THR D 199 16.97 27.96 -4.72
C THR D 199 17.15 26.60 -4.06
N VAL D 200 16.31 26.33 -3.05
CA VAL D 200 16.35 25.05 -2.37
C VAL D 200 16.13 23.91 -3.35
N ARG D 201 15.23 24.13 -4.33
CA ARG D 201 14.98 23.10 -5.33
C ARG D 201 16.22 22.80 -6.16
N ASP D 202 17.11 23.79 -6.31
CA ASP D 202 18.38 23.55 -6.99
C ASP D 202 19.38 22.86 -6.07
N TRP D 203 19.34 23.17 -4.78
CA TRP D 203 20.27 22.53 -3.84
C TRP D 203 19.88 21.09 -3.56
N GLU D 204 18.59 20.76 -3.63
CA GLU D 204 18.17 19.37 -3.47
C GLU D 204 18.58 18.53 -4.68
N GLY D 205 18.07 18.88 -5.85
CA GLY D 205 18.34 18.12 -7.06
C GLY D 205 19.53 18.66 -7.85
N PHE D 206 20.69 18.74 -7.22
CA PHE D 206 21.91 19.13 -7.90
C PHE D 206 22.62 17.87 -8.43
N PRO D 207 23.21 17.88 -9.64
CA PRO D 207 23.46 18.99 -10.57
C PRO D 207 22.28 19.39 -11.45
N ASN D 208 21.12 18.78 -11.23
CA ASN D 208 19.93 19.10 -12.02
C ASN D 208 19.36 20.45 -11.64
N VAL D 209 20.07 21.52 -11.99
CA VAL D 209 19.61 22.88 -11.70
C VAL D 209 18.37 23.17 -12.54
N LYS D 210 17.49 24.02 -12.00
CA LYS D 210 16.24 24.34 -12.69
C LYS D 210 15.90 25.82 -12.55
N ASP D 211 15.94 26.35 -11.33
CA ASP D 211 15.60 27.75 -11.13
C ASP D 211 16.72 28.66 -11.64
N SER D 212 17.96 28.42 -11.21
CA SER D 212 19.12 29.10 -11.78
C SER D 212 19.55 28.29 -13.00
N LYS D 213 19.03 28.69 -14.17
CA LYS D 213 19.25 27.93 -15.39
C LYS D 213 20.32 28.60 -16.24
N PRO D 214 21.50 27.98 -16.43
CA PRO D 214 22.49 28.56 -17.33
C PRO D 214 22.21 28.23 -18.79
N PHE D 215 23.19 28.52 -19.66
CA PHE D 215 23.15 28.13 -21.07
C PHE D 215 23.98 26.89 -21.36
N HIS D 216 25.15 26.78 -20.75
CA HIS D 216 26.00 25.60 -20.85
C HIS D 216 26.11 24.95 -19.48
N TRP D 217 25.79 23.65 -19.41
CA TRP D 217 25.89 22.89 -18.17
C TRP D 217 26.08 21.43 -18.53
N PRO D 218 26.84 20.67 -17.73
CA PRO D 218 27.07 19.26 -18.09
C PRO D 218 25.81 18.42 -18.19
N THR D 219 24.80 18.67 -17.35
CA THR D 219 23.59 17.87 -17.43
C THR D 219 22.80 18.18 -18.71
N TYR D 220 22.97 19.37 -19.27
CA TYR D 220 22.24 19.71 -20.48
C TYR D 220 22.64 18.76 -21.60
N LYS D 221 21.65 18.21 -22.30
CA LYS D 221 21.92 17.42 -23.49
C LYS D 221 22.31 18.31 -24.66
N ASN D 222 21.63 19.45 -24.80
CA ASN D 222 21.96 20.46 -25.79
C ASN D 222 21.99 21.80 -25.10
N PRO D 223 23.01 22.63 -25.32
CA PRO D 223 23.08 23.91 -24.62
C PRO D 223 21.80 24.72 -24.76
N GLY D 224 21.38 25.36 -23.68
CA GLY D 224 20.12 26.07 -23.66
C GLY D 224 18.92 25.18 -23.48
N GLN D 225 19.10 24.00 -22.89
CA GLN D 225 17.98 23.08 -22.69
C GLN D 225 16.90 23.72 -21.83
N GLU D 226 17.26 24.11 -20.61
CA GLU D 226 16.34 24.81 -19.73
C GLU D 226 16.75 26.26 -19.62
N TYR D 247 28.24 17.83 -25.02
CA TYR D 247 28.88 16.74 -24.28
C TYR D 247 28.64 15.40 -24.95
N PRO D 248 29.63 14.48 -24.89
CA PRO D 248 29.42 13.16 -25.49
C PRO D 248 28.54 12.28 -24.61
N ASP D 249 28.66 12.44 -23.29
CA ASP D 249 27.89 11.65 -22.32
C ASP D 249 27.46 12.58 -21.20
N PRO D 250 26.36 13.31 -21.38
CA PRO D 250 25.87 14.20 -20.32
C PRO D 250 25.20 13.44 -19.19
N GLY D 251 24.61 12.28 -19.52
CA GLY D 251 23.95 11.48 -18.50
C GLY D 251 24.84 11.10 -17.35
N GLN D 252 26.16 11.10 -17.57
CA GLN D 252 27.09 10.77 -16.49
C GLN D 252 27.04 11.81 -15.38
N PHE D 253 26.64 13.03 -15.71
CA PHE D 253 26.46 14.07 -14.71
C PHE D 253 25.07 14.03 -14.08
N GLU D 254 24.05 13.67 -14.86
CA GLU D 254 22.70 13.58 -14.31
C GLU D 254 22.58 12.45 -13.30
N GLN D 255 23.37 11.38 -13.46
CA GLN D 255 23.26 10.24 -12.56
C GLN D 255 23.86 10.54 -11.19
N LEU D 256 24.62 11.63 -11.04
CA LEU D 256 25.17 11.99 -9.75
C LEU D 256 24.07 12.40 -8.77
N ALA D 257 22.90 12.81 -9.27
CA ALA D 257 21.76 13.03 -8.39
C ALA D 257 21.13 11.72 -7.94
N HIS D 258 21.35 10.63 -8.68
CA HIS D 258 20.83 9.33 -8.28
C HIS D 258 21.70 8.69 -7.21
N GLU D 259 23.01 8.87 -7.29
CA GLU D 259 23.92 8.25 -6.34
C GLU D 259 23.89 9.03 -5.02
N PRO D 260 23.71 8.35 -3.88
CA PRO D 260 23.78 9.09 -2.60
C PRO D 260 25.19 9.51 -2.25
N VAL D 261 26.21 8.74 -2.64
CA VAL D 261 27.59 9.10 -2.35
C VAL D 261 27.92 10.44 -3.01
N ALA D 262 27.37 10.69 -4.20
CA ALA D 262 27.59 11.96 -4.87
C ALA D 262 26.89 13.09 -4.13
N GLN D 263 25.75 12.80 -3.49
CA GLN D 263 25.09 13.82 -2.67
C GLN D 263 25.85 14.04 -1.37
N GLU D 264 26.51 13.00 -0.85
CA GLU D 264 27.38 13.18 0.31
C GLU D 264 28.55 14.09 -0.03
N GLN D 265 29.08 13.98 -1.24
CA GLN D 265 30.14 14.88 -1.69
C GLN D 265 29.61 16.31 -1.84
N LYS D 266 28.37 16.45 -2.31
CA LYS D 266 27.80 17.78 -2.50
C LYS D 266 27.74 18.55 -1.19
N PHE D 267 27.30 17.89 -0.12
CA PHE D 267 27.24 18.57 1.16
C PHE D 267 28.63 18.92 1.67
N ALA D 268 29.59 17.99 1.54
CA ALA D 268 30.95 18.28 1.97
C ALA D 268 31.51 19.50 1.25
N ALA D 269 31.08 19.71 -0.01
CA ALA D 269 31.53 20.89 -0.74
C ALA D 269 30.83 22.14 -0.25
N ALA D 270 29.50 22.07 -0.08
CA ALA D 270 28.76 23.24 0.40
C ALA D 270 29.23 23.64 1.79
N LEU D 271 29.55 22.66 2.63
CA LEU D 271 30.06 22.98 3.96
C LEU D 271 31.45 23.59 3.89
N LYS D 272 32.23 23.22 2.87
CA LYS D 272 33.54 23.83 2.67
C LYS D 272 33.38 25.30 2.29
N ILE D 273 32.43 25.62 1.42
CA ILE D 273 32.19 27.01 1.04
C ILE D 273 31.75 27.83 2.23
N LEU D 274 30.99 27.23 3.15
CA LEU D 274 30.43 27.98 4.26
C LEU D 274 31.45 28.24 5.37
N LEU D 275 32.38 27.30 5.59
CA LEU D 275 33.30 27.41 6.71
C LEU D 275 34.63 28.07 6.35
N THR D 276 35.07 27.95 5.09
CA THR D 276 36.34 28.55 4.70
C THR D 276 36.25 30.08 4.57
N TYR D 277 35.04 30.64 4.59
CA TYR D 277 34.85 32.08 4.41
C TYR D 277 35.31 32.88 5.61
N GLN D 278 36.58 33.29 5.62
CA GLN D 278 37.12 34.17 6.65
C GLN D 278 37.22 35.57 6.07
N PRO D 279 36.19 36.41 6.24
CA PRO D 279 36.14 37.65 5.45
C PRO D 279 37.29 38.61 5.73
N GLU D 280 37.74 38.71 6.98
CA GLU D 280 38.84 39.61 7.29
C GLU D 280 40.10 39.23 6.51
N MET D 281 40.27 37.94 6.22
CA MET D 281 41.45 37.49 5.49
C MET D 281 41.26 37.65 3.98
N ILE D 282 40.10 37.28 3.46
CA ILE D 282 39.85 37.43 2.02
C ILE D 282 40.04 38.88 1.60
N ARG D 283 39.74 39.81 2.49
CA ARG D 283 39.93 41.23 2.18
C ARG D 283 41.40 41.54 1.95
N LYS D 284 42.29 40.97 2.78
CA LYS D 284 43.72 41.21 2.62
C LYS D 284 44.26 40.56 1.35
N ARG D 285 43.78 39.36 1.03
CA ARG D 285 44.29 38.67 -0.15
C ARG D 285 43.80 39.33 -1.43
N LEU D 286 42.58 39.86 -1.42
CA LEU D 286 42.10 40.61 -2.59
C LEU D 286 42.88 41.90 -2.76
N THR D 287 43.18 42.59 -1.66
CA THR D 287 43.98 43.82 -1.74
C THR D 287 45.37 43.52 -2.26
N GLU D 288 45.88 42.30 -2.04
CA GLU D 288 47.14 41.90 -2.66
C GLU D 288 47.00 41.71 -4.16
N LEU D 289 45.78 41.44 -4.65
CA LEU D 289 45.52 41.19 -6.05
C LEU D 289 45.03 42.44 -6.79
N PHE D 290 44.47 43.42 -6.08
CA PHE D 290 43.91 44.61 -6.70
C PHE D 290 44.46 45.89 -6.09
N GLY D 291 44.83 45.85 -4.81
CA GLY D 291 45.26 47.07 -4.16
C GLY D 291 44.08 48.01 -3.96
N GLU D 292 44.36 49.31 -4.02
CA GLU D 292 43.32 50.32 -3.88
C GLU D 292 42.70 50.72 -5.21
N MET D 293 42.96 49.97 -6.28
CA MET D 293 42.35 50.29 -7.56
C MET D 293 40.83 50.27 -7.39
N THR D 294 40.18 51.37 -7.80
CA THR D 294 38.76 51.54 -7.55
C THR D 294 37.92 50.72 -8.52
N LEU D 295 36.64 50.57 -8.19
CA LEU D 295 35.69 49.92 -9.08
C LEU D 295 35.80 50.49 -10.49
N ASN D 296 35.59 51.79 -10.63
CA ASN D 296 35.78 52.49 -11.89
C ASN D 296 34.96 51.82 -13.01
N TYR D 297 33.65 51.76 -12.80
CA TYR D 297 32.76 51.24 -13.83
C TYR D 297 32.60 52.21 -14.99
N THR D 298 33.11 53.44 -14.86
CA THR D 298 33.09 54.37 -15.98
C THR D 298 33.93 53.87 -17.14
N SER D 299 34.84 52.93 -16.90
CA SER D 299 35.64 52.33 -17.97
C SER D 299 34.78 51.65 -19.02
N LEU D 300 33.50 51.43 -18.74
CA LEU D 300 32.58 50.89 -19.75
C LEU D 300 32.47 51.80 -20.97
N ASP D 301 32.84 53.07 -20.83
CA ASP D 301 32.76 54.00 -21.96
C ASP D 301 33.59 53.50 -23.14
N GLU D 302 34.73 52.86 -22.88
CA GLU D 302 35.59 52.42 -23.97
C GLU D 302 34.90 51.42 -24.89
N THR D 303 34.00 50.60 -24.33
CA THR D 303 33.26 49.65 -25.17
C THR D 303 31.97 50.26 -25.71
N ASP D 304 31.19 50.90 -24.84
CA ASP D 304 29.92 51.49 -25.26
C ASP D 304 29.31 52.28 -24.12
N VAL D 305 28.94 53.54 -24.36
CA VAL D 305 28.28 54.31 -23.31
C VAL D 305 26.93 53.69 -22.97
N ALA D 306 26.31 53.00 -23.94
CA ALA D 306 25.01 52.39 -23.70
C ALA D 306 25.06 51.36 -22.58
N LEU D 307 26.21 50.68 -22.42
CA LEU D 307 26.32 49.70 -21.34
C LEU D 307 26.43 50.39 -19.98
N ARG D 308 27.28 51.41 -19.89
CA ARG D 308 27.46 52.09 -18.60
C ARG D 308 26.14 52.65 -18.09
N ASN D 309 25.33 53.24 -18.98
CA ASN D 309 24.06 53.81 -18.55
C ASN D 309 23.13 52.73 -18.01
N GLN D 310 23.19 51.53 -18.60
CA GLN D 310 22.33 50.44 -18.14
C GLN D 310 22.68 50.03 -16.70
N TYR D 311 23.96 50.06 -16.35
CA TYR D 311 24.36 49.62 -15.02
C TYR D 311 23.95 50.62 -13.94
N GLU D 312 24.11 51.92 -14.22
CA GLU D 312 23.65 52.92 -13.26
C GLU D 312 22.13 52.95 -13.16
N LYS D 313 21.43 52.44 -14.17
CA LYS D 313 19.97 52.41 -14.18
C LYS D 313 19.43 51.08 -13.66
N THR D 314 20.10 49.98 -13.96
CA THR D 314 19.62 48.67 -13.53
C THR D 314 20.03 48.37 -12.09
N PHE D 315 21.26 48.71 -11.72
CA PHE D 315 21.78 48.51 -10.36
C PHE D 315 22.18 49.86 -9.80
N PRO D 316 21.23 50.63 -9.27
CA PRO D 316 21.56 51.97 -8.74
C PRO D 316 22.20 51.95 -7.37
N HIS D 317 21.96 50.94 -6.55
CA HIS D 317 22.51 50.92 -5.20
C HIS D 317 23.94 50.39 -5.12
N LEU D 318 24.47 49.86 -6.22
CA LEU D 318 25.85 49.36 -6.24
C LEU D 318 26.71 49.99 -7.32
N CYS D 319 26.12 50.50 -8.40
CA CYS D 319 26.85 51.18 -9.48
C CYS D 319 26.31 52.61 -9.55
N ASN D 320 26.87 53.49 -8.72
CA ASN D 320 26.49 54.89 -8.71
C ASN D 320 27.76 55.74 -8.59
N GLU D 321 27.58 57.04 -8.42
CA GLU D 321 28.71 57.94 -8.30
C GLU D 321 29.55 57.64 -7.06
N ASN D 322 28.92 57.15 -5.99
CA ASN D 322 29.62 56.95 -4.74
C ASN D 322 30.49 55.69 -4.75
N THR D 323 30.00 54.61 -5.34
CA THR D 323 30.76 53.36 -5.37
C THR D 323 31.86 53.39 -6.42
N ASN D 324 31.79 54.31 -7.38
CA ASN D 324 32.78 54.36 -8.44
C ASN D 324 34.15 54.84 -7.95
N ILE D 325 34.20 55.52 -6.80
CA ILE D 325 35.46 56.04 -6.28
C ILE D 325 36.04 55.18 -5.16
N LYS D 326 35.27 54.23 -4.63
CA LYS D 326 35.73 53.37 -3.54
C LYS D 326 36.38 52.11 -4.09
N PRO D 327 37.19 51.43 -3.27
CA PRO D 327 37.99 50.31 -3.78
C PRO D 327 37.13 49.23 -4.42
N PHE D 328 37.67 48.63 -5.48
CA PHE D 328 37.02 47.48 -6.11
C PHE D 328 36.89 46.31 -5.15
N VAL D 329 37.76 46.24 -4.14
CA VAL D 329 37.65 45.18 -3.14
C VAL D 329 36.30 45.25 -2.43
N ASP D 330 35.95 46.43 -1.91
CA ASP D 330 34.69 46.59 -1.20
C ASP D 330 33.48 46.33 -2.09
N PHE D 331 33.62 46.47 -3.41
CA PHE D 331 32.49 46.23 -4.30
C PHE D 331 32.15 44.74 -4.39
N ILE D 332 33.16 43.91 -4.67
CA ILE D 332 32.91 42.47 -4.78
C ILE D 332 32.72 41.81 -3.41
N MET D 333 33.24 42.41 -2.34
CA MET D 333 32.97 41.88 -1.01
C MET D 333 31.48 41.92 -0.70
N ASN D 334 30.84 43.07 -0.96
CA ASN D 334 29.40 43.17 -0.77
C ASN D 334 28.65 42.24 -1.71
N LEU D 335 29.21 41.98 -2.91
CA LEU D 335 28.55 41.07 -3.84
C LEU D 335 28.74 39.61 -3.44
N TYR D 336 29.90 39.27 -2.89
CA TYR D 336 30.10 37.90 -2.41
C TYR D 336 29.27 37.64 -1.17
N GLN D 337 29.19 38.63 -0.27
CA GLN D 337 28.35 38.48 0.92
C GLN D 337 26.91 38.20 0.52
N MET D 338 26.45 38.79 -0.58
CA MET D 338 25.11 38.49 -1.08
C MET D 338 25.02 37.05 -1.54
N HIS D 339 25.99 36.60 -2.35
CA HIS D 339 26.03 35.20 -2.76
C HIS D 339 26.14 34.28 -1.56
N TYR D 340 26.93 34.66 -0.56
CA TYR D 340 27.11 33.82 0.62
C TYR D 340 25.82 33.66 1.40
N ASP D 341 25.19 34.79 1.76
CA ASP D 341 23.94 34.73 2.51
C ASP D 341 22.88 33.91 1.80
N ASN D 342 22.85 33.94 0.46
CA ASN D 342 21.85 33.17 -0.26
C ASN D 342 22.08 31.68 -0.09
N LEU D 343 23.34 31.23 -0.25
CA LEU D 343 23.66 29.84 -0.01
C LEU D 343 23.52 29.48 1.47
N TYR D 344 23.86 30.42 2.35
CA TYR D 344 23.74 30.17 3.79
C TYR D 344 22.30 29.82 4.16
N ARG D 345 21.34 30.59 3.64
CA ARG D 345 19.95 30.32 3.93
C ARG D 345 19.51 28.96 3.42
N VAL D 346 20.00 28.56 2.23
CA VAL D 346 19.52 27.33 1.61
C VAL D 346 20.01 26.12 2.39
N VAL D 347 21.31 26.05 2.69
CA VAL D 347 21.91 24.84 3.24
C VAL D 347 21.82 24.80 4.76
N VAL D 348 22.25 25.86 5.44
CA VAL D 348 22.31 25.81 6.91
C VAL D 348 20.93 25.55 7.48
N PHE D 349 19.88 26.10 6.86
CA PHE D 349 18.52 25.99 7.37
C PHE D 349 17.73 24.87 6.72
N TYR D 350 18.34 24.12 5.81
CA TYR D 350 17.64 23.01 5.17
C TYR D 350 17.16 22.01 6.23
N MET D 351 15.95 21.49 6.03
CA MET D 351 15.29 20.64 7.02
C MET D 351 15.06 19.22 6.53
N GLY D 352 15.58 18.85 5.37
CA GLY D 352 15.55 17.47 4.92
C GLY D 352 14.52 17.24 3.84
N CYS D 353 14.54 16.02 3.31
CA CYS D 353 13.63 15.63 2.24
C CYS D 353 13.56 14.11 2.17
N GLU D 354 12.35 13.59 1.92
CA GLU D 354 12.20 12.14 1.76
C GLU D 354 12.72 11.67 0.41
N ASN D 355 12.69 12.53 -0.61
CA ASN D 355 13.23 12.19 -1.92
C ASN D 355 13.63 13.48 -2.61
N ASN D 356 14.94 13.63 -2.88
CA ASN D 356 15.45 14.82 -3.54
C ASN D 356 14.87 15.01 -4.94
N GLY D 357 14.18 14.01 -5.49
CA GLY D 357 13.62 14.09 -6.83
C GLY D 357 14.31 13.18 -7.82
N TYR D 358 15.33 12.42 -7.41
CA TYR D 358 16.03 11.55 -8.34
C TYR D 358 16.49 10.25 -7.68
N GLY D 359 16.04 9.93 -6.48
CA GLY D 359 16.28 8.63 -5.88
C GLY D 359 16.99 8.66 -4.54
N VAL D 360 17.58 9.77 -4.14
CA VAL D 360 18.38 9.86 -2.91
C VAL D 360 17.57 10.63 -1.88
N PRO D 361 17.45 10.12 -0.64
CA PRO D 361 16.90 10.95 0.44
C PRO D 361 17.99 11.85 1.01
N LEU D 362 17.66 13.13 1.20
CA LEU D 362 18.61 14.08 1.75
C LEU D 362 18.27 14.39 3.19
N PRO D 363 19.21 14.29 4.12
CA PRO D 363 18.89 14.61 5.51
C PRO D 363 18.92 16.12 5.75
N ALA D 364 18.35 16.52 6.88
CA ALA D 364 18.46 17.90 7.31
C ALA D 364 19.90 18.22 7.66
N THR D 365 20.38 19.38 7.21
CA THR D 365 21.74 19.79 7.57
C THR D 365 21.88 19.89 9.08
N ASN D 366 20.77 19.99 9.80
CA ASN D 366 20.83 19.87 11.26
C ASN D 366 21.21 18.46 11.68
N SER D 367 20.70 17.46 10.95
CA SER D 367 20.98 16.06 11.28
C SER D 367 22.26 15.55 10.63
N ALA D 368 22.59 16.01 9.43
CA ALA D 368 23.80 15.54 8.76
C ALA D 368 25.04 15.89 9.56
N LEU D 369 25.05 17.08 10.17
CA LEU D 369 26.19 17.47 11.00
C LEU D 369 26.26 16.60 12.26
N TYR D 370 25.12 16.33 12.89
CA TYR D 370 25.13 15.58 14.14
C TYR D 370 25.55 14.13 13.92
N HIS D 371 25.02 13.50 12.88
CA HIS D 371 25.30 12.08 12.65
C HIS D 371 26.70 11.86 12.09
N LYS D 372 27.24 12.83 11.36
CA LYS D 372 28.54 12.68 10.69
C LYS D 372 29.44 13.84 11.11
N PRO D 373 30.05 13.75 12.30
CA PRO D 373 30.96 14.83 12.74
C PRO D 373 32.24 14.93 11.94
N SER D 374 32.52 13.97 11.05
CA SER D 374 33.74 14.02 10.25
C SER D 374 33.72 15.16 9.24
N PHE D 375 32.54 15.64 8.85
CA PHE D 375 32.47 16.74 7.89
C PHE D 375 33.37 17.89 8.32
N TYR D 376 33.18 18.38 9.55
CA TYR D 376 34.02 19.47 10.04
C TYR D 376 35.46 19.02 10.24
N LYS D 377 35.66 17.80 10.76
CA LYS D 377 37.01 17.32 11.00
C LYS D 377 37.80 17.17 9.72
N ASP D 378 37.11 16.92 8.59
CA ASP D 378 37.82 16.77 7.32
C ASP D 378 38.16 18.12 6.69
N ILE D 379 37.25 19.09 6.75
CA ILE D 379 37.54 20.38 6.13
C ILE D 379 38.59 21.14 6.94
N VAL D 380 38.60 20.95 8.27
CA VAL D 380 39.67 21.56 9.08
C VAL D 380 41.02 20.95 8.73
N GLU D 381 41.04 19.64 8.46
CA GLU D 381 42.27 19.01 7.98
C GLU D 381 42.63 19.52 6.59
N TRP D 382 41.63 19.62 5.70
CA TRP D 382 41.88 20.19 4.37
C TRP D 382 42.34 21.63 4.47
N ALA D 383 41.95 22.34 5.53
CA ALA D 383 42.43 23.71 5.72
C ALA D 383 43.90 23.71 6.15
N ARG D 384 44.25 22.85 7.10
CA ARG D 384 45.65 22.70 7.48
C ARG D 384 46.51 22.34 6.27
N THR D 385 46.01 21.46 5.40
CA THR D 385 46.78 21.04 4.24
C THR D 385 47.05 22.22 3.31
N GLN D 386 46.02 22.97 2.96
CA GLN D 386 46.21 24.13 2.09
C GLN D 386 47.10 25.19 2.73
N ASN D 387 47.17 25.22 4.06
CA ASN D 387 48.04 26.19 4.73
C ASN D 387 49.52 25.86 4.50
N ILE D 388 49.89 24.58 4.57
CA ILE D 388 51.28 24.18 4.39
C ILE D 388 51.57 23.75 2.96
N THR D 389 50.58 23.84 2.06
CA THR D 389 50.76 23.42 0.68
C THR D 389 50.83 24.63 -0.25
N ILE D 390 49.67 25.23 -0.56
CA ILE D 390 49.62 26.32 -1.52
C ILE D 390 49.80 27.69 -0.87
N PHE D 391 49.65 27.79 0.45
CA PHE D 391 49.84 29.05 1.17
C PHE D 391 51.19 29.12 1.88
N SER D 392 52.07 28.14 1.69
CA SER D 392 53.34 28.13 2.41
C SER D 392 54.13 29.40 2.19
N LYS D 393 54.12 29.92 0.96
CA LYS D 393 54.83 31.16 0.65
C LYS D 393 54.09 32.41 1.11
N ASP D 394 52.82 32.29 1.49
CA ASP D 394 52.05 33.44 1.93
C ASP D 394 52.33 33.72 3.41
N ASP D 395 51.91 34.92 3.85
CA ASP D 395 52.16 35.35 5.21
C ASP D 395 51.21 34.66 6.18
N SER D 396 51.59 34.67 7.45
CA SER D 396 50.78 34.01 8.48
C SER D 396 49.42 34.69 8.66
N SER D 397 49.33 35.98 8.36
CA SER D 397 48.09 36.72 8.58
C SER D 397 47.04 36.47 7.51
N ILE D 398 47.40 35.85 6.39
CA ILE D 398 46.44 35.57 5.32
C ILE D 398 46.34 34.07 5.12
N LYS D 399 46.52 33.32 6.20
CA LYS D 399 46.33 31.88 6.22
C LYS D 399 45.08 31.53 7.00
N PHE D 400 44.64 30.29 6.87
CA PHE D 400 43.46 29.84 7.59
C PHE D 400 43.74 29.84 9.09
N ASP D 401 42.95 30.62 9.83
CA ASP D 401 43.02 30.66 11.29
C ASP D 401 42.06 29.64 11.85
N GLU D 402 42.58 28.53 12.39
CA GLU D 402 41.72 27.45 12.84
C GLU D 402 40.68 27.94 13.84
N ASP D 403 41.08 28.82 14.76
CA ASP D 403 40.13 29.32 15.75
C ASP D 403 38.92 29.98 15.07
N GLU D 404 39.17 30.77 14.02
CA GLU D 404 38.05 31.33 13.26
C GLU D 404 37.22 30.24 12.61
N LEU D 405 37.89 29.19 12.11
CA LEU D 405 37.15 28.07 11.55
C LEU D 405 36.32 27.37 12.61
N ARG D 406 36.76 27.37 13.86
CA ARG D 406 35.98 26.77 14.94
C ARG D 406 34.77 27.63 15.25
N ARG D 407 34.96 28.94 15.40
CA ARG D 407 33.83 29.84 15.63
C ARG D 407 32.88 29.84 14.45
N ARG D 408 33.39 29.70 13.23
CA ARG D 408 32.52 29.67 12.07
C ARG D 408 31.67 28.40 12.06
N TYR D 409 32.29 27.25 12.29
CA TYR D 409 31.52 26.02 12.37
C TYR D 409 30.52 26.07 13.50
N HIS D 410 30.91 26.67 14.63
CA HIS D 410 29.99 26.83 15.75
C HIS D 410 28.77 27.63 15.32
N GLN D 411 28.97 28.65 14.49
CA GLN D 411 27.84 29.42 13.98
C GLN D 411 26.97 28.56 13.06
N VAL D 412 27.59 27.90 12.07
CA VAL D 412 26.83 27.03 11.17
C VAL D 412 26.13 25.94 11.98
N TRP D 413 26.75 25.46 13.05
CA TRP D 413 26.12 24.48 13.92
C TRP D 413 24.87 25.05 14.56
N ARG D 414 25.03 26.16 15.29
CA ARG D 414 23.91 26.80 15.98
C ARG D 414 22.78 27.12 15.00
N ASP D 415 23.09 27.92 13.97
CA ASP D 415 22.05 28.40 13.07
C ASP D 415 21.37 27.26 12.32
N ALA D 416 22.07 26.14 12.14
CA ALA D 416 21.42 24.99 11.52
C ALA D 416 20.34 24.40 12.40
N TYR D 417 20.33 24.74 13.69
CA TYR D 417 19.32 24.30 14.63
C TYR D 417 18.24 25.35 14.88
N ALA D 418 18.37 26.54 14.29
CA ALA D 418 17.38 27.59 14.50
C ALA D 418 15.99 27.19 14.04
N PRO D 419 15.79 26.55 12.89
CA PRO D 419 14.44 26.09 12.52
C PRO D 419 13.81 25.22 13.60
N THR D 420 14.48 24.12 13.96
CA THR D 420 13.91 23.21 14.94
C THR D 420 13.80 23.82 16.34
N PHE D 421 14.41 25.00 16.56
CA PHE D 421 14.25 25.70 17.83
C PHE D 421 13.17 26.78 17.79
N ARG D 422 12.94 27.42 16.64
CA ARG D 422 11.78 28.30 16.55
C ARG D 422 10.49 27.48 16.57
N ASP D 423 10.47 26.35 15.86
CA ASP D 423 9.28 25.51 15.84
C ASP D 423 8.88 25.09 17.24
N LEU D 424 9.84 24.68 18.06
CA LEU D 424 9.53 24.29 19.42
C LEU D 424 9.08 25.50 20.25
N LEU D 425 9.64 26.68 19.99
CA LEU D 425 9.16 27.88 20.66
C LEU D 425 7.82 28.34 20.11
N HIS D 426 7.59 28.12 18.82
CA HIS D 426 6.29 28.47 18.24
C HIS D 426 5.19 27.57 18.78
N ASP D 427 5.48 26.27 18.96
CA ASP D 427 4.50 25.36 19.52
C ASP D 427 4.21 25.69 20.98
N SER D 428 5.23 26.12 21.73
CA SER D 428 4.99 26.54 23.11
C SER D 428 4.26 27.88 23.15
N TYR D 429 4.53 28.76 22.18
CA TYR D 429 3.71 29.96 22.02
C TYR D 429 2.26 29.58 21.73
N SER D 430 2.04 28.75 20.70
CA SER D 430 0.69 28.38 20.32
C SER D 430 -0.04 27.66 21.45
N LEU D 431 0.68 26.90 22.26
CA LEU D 431 0.04 26.15 23.35
C LEU D 431 -0.25 27.04 24.56
N THR D 432 0.48 28.15 24.73
CA THR D 432 0.17 29.05 25.83
C THR D 432 -1.14 29.80 25.61
N ASN D 433 -1.58 29.95 24.36
CA ASN D 433 -2.86 30.57 24.10
C ASN D 433 -4.02 29.63 24.42
N LYS D 434 -3.95 28.39 23.95
CA LYS D 434 -5.05 27.46 24.15
C LYS D 434 -5.35 27.26 25.64
N LEU D 435 -4.34 27.40 26.51
CA LEU D 435 -4.60 27.37 27.94
C LEU D 435 -5.14 28.70 28.44
N LEU D 436 -4.76 29.81 27.81
CA LEU D 436 -5.35 31.09 28.18
C LEU D 436 -6.81 31.17 27.77
N GLN D 437 -7.17 30.50 26.68
CA GLN D 437 -8.58 30.47 26.26
C GLN D 437 -9.45 29.72 27.25
N GLN D 438 -8.91 28.69 27.90
CA GLN D 438 -9.68 27.85 28.80
C GLN D 438 -9.72 28.38 30.23
N VAL D 439 -9.07 29.50 30.51
CA VAL D 439 -9.09 30.09 31.84
C VAL D 439 -9.36 31.60 31.83
N SER D 440 -9.25 32.25 30.68
CA SER D 440 -9.40 33.70 30.64
C SER D 440 -10.81 34.11 31.01
N THR D 441 -10.92 35.21 31.75
CA THR D 441 -12.23 35.74 32.12
C THR D 441 -13.00 36.19 30.88
N PHE D 442 -12.33 36.92 29.99
CA PHE D 442 -12.90 37.36 28.72
C PHE D 442 -12.11 36.75 27.58
N HIS D 443 -12.77 36.53 26.45
CA HIS D 443 -12.11 35.96 25.29
C HIS D 443 -10.90 36.81 24.90
N VAL D 444 -9.71 36.22 24.99
CA VAL D 444 -8.47 36.92 24.66
C VAL D 444 -7.56 35.97 23.91
N VAL D 445 -7.18 36.34 22.69
CA VAL D 445 -6.22 35.60 21.88
C VAL D 445 -5.01 36.50 21.66
N LEU D 446 -3.82 35.92 21.72
CA LEU D 446 -2.58 36.67 21.58
C LEU D 446 -1.97 36.48 20.20
N ASP D 447 -1.47 37.57 19.63
CA ASP D 447 -0.79 37.56 18.35
C ASP D 447 0.71 37.47 18.56
N GLU D 448 1.39 36.70 17.70
CA GLU D 448 2.83 36.55 17.73
C GLU D 448 3.41 37.04 16.41
N VAL D 449 4.48 37.83 16.49
CA VAL D 449 5.21 38.22 15.30
C VAL D 449 5.83 36.96 14.70
N GLU D 450 5.44 36.64 13.45
CA GLU D 450 5.87 35.36 12.86
C GLU D 450 7.38 35.33 12.63
N GLY D 451 7.96 36.41 12.13
CA GLY D 451 9.38 36.46 11.86
C GLY D 451 9.71 36.10 10.43
N LYS D 452 10.95 36.42 10.05
CA LYS D 452 11.36 36.28 8.65
C LYS D 452 11.37 34.83 8.21
N LYS D 453 10.96 34.61 6.96
CA LYS D 453 11.05 33.30 6.34
C LYS D 453 12.50 32.94 6.06
N PRO D 454 12.78 31.66 5.80
CA PRO D 454 14.17 31.28 5.51
C PRO D 454 14.71 31.80 4.18
N THR D 455 13.85 32.26 3.27
CA THR D 455 14.29 32.64 1.93
C THR D 455 14.17 34.14 1.62
N ASP D 456 13.59 34.94 2.51
CA ASP D 456 13.51 36.38 2.25
C ASP D 456 14.91 36.98 2.26
N ASP D 457 15.19 37.82 1.26
CA ASP D 457 16.54 38.35 1.06
C ASP D 457 17.03 39.25 2.17
N THR D 458 16.19 39.58 3.15
CA THR D 458 16.61 40.42 4.27
C THR D 458 17.13 39.60 5.44
N LEU D 459 17.24 38.27 5.28
CA LEU D 459 17.68 37.39 6.34
C LEU D 459 19.20 37.28 6.32
N THR D 460 19.83 37.64 7.44
CA THR D 460 21.29 37.53 7.58
C THR D 460 21.66 36.54 8.68
N ASN D 461 21.31 36.82 9.92
CA ASN D 461 21.55 35.93 11.04
C ASN D 461 20.29 35.11 11.34
N ALA D 462 20.47 34.07 12.15
CA ALA D 462 19.39 33.12 12.38
C ALA D 462 18.36 33.61 13.38
N TRP D 463 18.71 34.56 14.24
CA TRP D 463 17.76 35.03 15.25
C TRP D 463 16.54 35.68 14.62
N GLU D 464 16.63 36.10 13.35
CA GLU D 464 15.50 36.69 12.65
C GLU D 464 14.46 35.67 12.22
N LEU D 465 14.74 34.37 12.38
CA LEU D 465 13.72 33.35 12.14
C LEU D 465 12.82 33.13 13.35
N PHE D 466 13.20 33.64 14.52
CA PHE D 466 12.47 33.41 15.75
C PHE D 466 11.35 34.43 15.89
N GLY D 467 10.12 33.94 16.04
CA GLY D 467 9.00 34.82 16.31
C GLY D 467 9.06 35.39 17.71
N THR D 468 8.14 36.32 17.97
CA THR D 468 8.05 36.98 19.27
C THR D 468 6.60 37.15 19.68
N MET D 469 6.35 37.03 20.99
CA MET D 469 5.04 37.31 21.59
C MET D 469 5.23 38.49 22.54
N PRO D 470 5.00 39.72 22.08
CA PRO D 470 5.31 40.88 22.93
C PRO D 470 4.62 40.84 24.28
N GLU D 471 3.45 40.22 24.37
CA GLU D 471 2.66 40.20 25.60
C GLU D 471 2.90 38.95 26.43
N LEU D 472 3.99 38.23 26.20
CA LEU D 472 4.26 36.97 26.91
C LEU D 472 4.97 37.29 28.23
N SER D 473 4.18 37.66 29.23
CA SER D 473 4.71 37.92 30.56
C SER D 473 3.62 37.62 31.60
N LEU D 474 4.04 37.07 32.74
CA LEU D 474 3.07 36.70 33.77
C LEU D 474 2.36 37.92 34.33
N GLU D 475 3.03 39.08 34.38
CA GLU D 475 2.38 40.28 34.89
C GLU D 475 1.25 40.77 33.98
N LYS D 476 1.28 40.40 32.70
CA LYS D 476 0.22 40.77 31.77
C LYS D 476 -0.76 39.64 31.51
N ILE D 477 -0.51 38.45 32.04
CA ILE D 477 -1.39 37.31 31.85
C ILE D 477 -2.19 37.00 33.11
N THR D 478 -1.60 37.19 34.29
CA THR D 478 -2.36 37.01 35.53
C THR D 478 -3.61 37.88 35.57
N PRO D 479 -3.57 39.16 35.16
CA PRO D 479 -4.82 39.93 35.12
C PRO D 479 -5.83 39.42 34.10
N LEU D 480 -5.40 38.61 33.13
CA LEU D 480 -6.30 37.98 32.17
C LEU D 480 -6.86 36.66 32.70
N ILE D 481 -6.45 36.23 33.89
CA ILE D 481 -6.85 34.95 34.44
C ILE D 481 -8.06 35.13 35.34
N SER D 482 -8.90 34.11 35.38
CA SER D 482 -10.08 34.08 36.24
C SER D 482 -9.82 33.17 37.43
N VAL D 483 -10.20 33.62 38.63
CA VAL D 483 -10.06 32.80 39.83
C VAL D 483 -11.14 31.73 39.92
N ASP D 484 -12.14 31.77 39.03
CA ASP D 484 -13.26 30.86 39.08
C ASP D 484 -13.14 29.70 38.10
N LYS D 485 -12.28 29.80 37.09
CA LYS D 485 -12.16 28.80 36.04
C LYS D 485 -10.87 27.99 36.19
N ASP D 486 -10.48 27.69 37.43
CA ASP D 486 -9.24 26.95 37.70
C ASP D 486 -9.54 25.46 37.65
N SER D 487 -9.46 24.89 36.45
CA SER D 487 -9.49 23.44 36.25
C SER D 487 -8.10 22.84 36.21
N LYS D 488 -7.17 23.39 37.01
CA LYS D 488 -5.75 23.04 36.96
C LYS D 488 -5.09 23.63 35.71
N LEU D 489 -5.90 24.11 34.77
CA LEU D 489 -5.35 24.79 33.60
C LEU D 489 -4.86 26.18 33.95
N ARG D 490 -5.32 26.75 35.06
CA ARG D 490 -4.75 28.00 35.56
C ARG D 490 -3.34 27.77 36.09
N THR D 491 -3.16 26.77 36.94
CA THR D 491 -1.84 26.48 37.48
C THR D 491 -0.90 25.95 36.42
N ALA D 492 -1.43 25.36 35.35
CA ALA D 492 -0.58 24.93 34.25
C ALA D 492 -0.16 26.12 33.39
N LEU D 493 -1.08 27.05 33.14
CA LEU D 493 -0.75 28.24 32.35
C LEU D 493 0.34 29.05 33.03
N ILE D 494 0.18 29.29 34.34
CA ILE D 494 1.18 30.06 35.08
C ILE D 494 2.56 29.44 34.89
N LEU D 495 2.63 28.11 34.88
CA LEU D 495 3.90 27.43 34.70
C LEU D 495 4.41 27.59 33.26
N LEU D 496 3.53 27.38 32.28
CA LEU D 496 3.96 27.43 30.89
C LEU D 496 4.35 28.83 30.46
N VAL D 497 3.87 29.87 31.16
CA VAL D 497 4.33 31.23 30.88
C VAL D 497 5.76 31.39 31.38
N GLU D 498 6.04 30.93 32.60
CA GLU D 498 7.40 30.94 33.10
C GLU D 498 8.31 30.08 32.23
N PHE D 499 7.81 28.94 31.76
CA PHE D 499 8.61 28.04 30.94
C PHE D 499 8.96 28.66 29.60
N THR D 500 7.95 29.17 28.89
CA THR D 500 8.21 29.75 27.57
C THR D 500 8.97 31.06 27.67
N THR D 501 8.83 31.79 28.78
CA THR D 501 9.61 33.00 28.97
C THR D 501 11.11 32.69 29.04
N GLN D 502 11.49 31.73 29.90
CA GLN D 502 12.89 31.33 29.98
C GLN D 502 13.35 30.71 28.66
N PHE D 503 12.53 29.84 28.07
CA PHE D 503 12.90 29.20 26.82
C PHE D 503 13.32 30.23 25.78
N HIS D 504 12.45 31.22 25.52
CA HIS D 504 12.80 32.29 24.60
C HIS D 504 13.95 33.13 25.14
N ALA D 505 14.03 33.31 26.46
CA ALA D 505 15.05 34.16 27.04
C ALA D 505 16.45 33.58 26.81
N VAL D 506 16.63 32.29 27.08
CA VAL D 506 17.94 31.67 26.92
C VAL D 506 18.26 31.49 25.43
N ALA D 507 17.24 31.20 24.62
CA ALA D 507 17.47 31.12 23.17
C ALA D 507 17.98 32.44 22.63
N LYS D 508 17.43 33.55 23.12
CA LYS D 508 17.87 34.87 22.66
C LYS D 508 19.33 35.10 23.01
N THR D 509 19.69 34.95 24.28
CA THR D 509 21.05 35.23 24.72
C THR D 509 22.07 34.45 23.92
N TYR D 510 21.74 33.24 23.49
CA TYR D 510 22.68 32.40 22.77
C TYR D 510 22.66 32.61 21.26
N TYR D 511 21.51 32.97 20.69
CA TYR D 511 21.41 33.19 19.25
C TYR D 511 21.79 34.61 18.83
N GLN D 512 21.86 35.55 19.77
CA GLN D 512 22.29 36.90 19.46
C GLN D 512 23.80 37.08 19.48
N LYS D 513 24.53 36.12 20.04
CA LYS D 513 25.99 36.17 20.04
C LYS D 513 26.50 36.16 18.61
N ASP D 514 27.23 37.22 18.23
CA ASP D 514 27.82 37.26 16.91
C ASP D 514 29.10 36.43 16.86
N ARG D 515 29.52 36.12 15.64
CA ARG D 515 30.60 35.14 15.44
C ARG D 515 31.88 35.54 16.17
N LYS D 516 32.17 36.85 16.26
CA LYS D 516 33.39 37.28 16.93
C LYS D 516 33.30 37.19 18.44
N ASP D 517 32.10 36.98 18.99
CA ASP D 517 31.91 36.80 20.43
C ASP D 517 31.28 35.45 20.76
N LEU D 518 31.32 34.50 19.83
CA LEU D 518 30.67 33.19 20.00
C LEU D 518 31.71 32.19 20.48
N THR D 519 31.78 32.01 21.80
CA THR D 519 32.65 31.00 22.38
C THR D 519 31.85 29.71 22.58
N GLU D 520 32.52 28.57 22.38
CA GLU D 520 31.88 27.29 22.64
C GLU D 520 31.42 27.16 24.08
N GLU D 521 31.98 27.95 25.00
CA GLU D 521 31.46 27.97 26.36
C GLU D 521 30.04 28.51 26.41
N ASP D 522 29.68 29.39 25.46
CA ASP D 522 28.32 29.91 25.42
C ASP D 522 27.31 28.81 25.09
N ASN D 523 27.66 27.93 24.16
CA ASN D 523 26.75 26.84 23.81
C ASN D 523 26.50 25.91 24.99
N LEU D 524 27.50 25.73 25.85
CA LEU D 524 27.27 24.94 27.05
C LEU D 524 26.25 25.61 27.95
N GLU D 525 26.44 26.91 28.20
CA GLU D 525 25.46 27.68 28.97
C GLU D 525 24.06 27.52 28.39
N PHE D 526 23.93 27.63 27.06
CA PHE D 526 22.62 27.46 26.43
C PHE D 526 22.09 26.06 26.65
N SER D 527 22.95 25.04 26.52
CA SER D 527 22.47 23.67 26.62
C SER D 527 22.14 23.29 28.05
N GLU D 528 22.98 23.69 29.01
CA GLU D 528 22.71 23.39 30.41
C GLU D 528 21.55 24.20 30.97
N GLN D 529 21.14 25.27 30.28
CA GLN D 529 19.96 26.02 30.70
C GLN D 529 18.68 25.33 30.26
N LEU D 530 18.65 24.80 29.03
CA LEU D 530 17.47 24.09 28.55
C LEU D 530 17.26 22.78 29.31
N VAL D 531 18.36 22.10 29.66
CA VAL D 531 18.21 20.83 30.38
C VAL D 531 17.68 21.07 31.78
N GLN D 532 18.08 22.18 32.41
CA GLN D 532 17.50 22.52 33.71
C GLN D 532 16.08 23.03 33.56
N LEU D 533 15.77 23.69 32.45
CA LEU D 533 14.41 24.12 32.19
C LEU D 533 13.48 22.91 32.06
N TYR D 534 13.90 21.90 31.31
CA TYR D 534 13.09 20.70 31.14
C TYR D 534 12.85 20.00 32.47
N THR D 535 13.89 19.86 33.30
CA THR D 535 13.73 19.14 34.55
C THR D 535 12.89 19.92 35.56
N ASN D 536 12.78 21.22 35.41
CA ASN D 536 12.04 22.03 36.37
C ASN D 536 10.56 22.15 36.04
N TYR D 537 10.19 22.08 34.76
CA TYR D 537 8.82 22.31 34.35
C TYR D 537 8.17 21.11 33.66
N ASN D 538 8.92 20.13 33.19
CA ASN D 538 8.33 19.06 32.39
C ASN D 538 7.27 18.32 33.18
N LEU D 539 7.58 17.94 34.42
CA LEU D 539 6.62 17.16 35.21
C LEU D 539 5.50 18.05 35.72
N LYS D 540 5.83 19.17 36.37
CA LYS D 540 4.80 20.01 36.95
C LYS D 540 3.74 20.37 35.92
N ILE D 541 4.16 20.63 34.68
CA ILE D 541 3.22 21.06 33.65
C ILE D 541 2.42 19.87 33.13
N ARG D 542 3.10 18.79 32.73
CA ARG D 542 2.36 17.71 32.07
C ARG D 542 1.54 16.88 33.05
N GLN D 543 1.84 16.93 34.35
CA GLN D 543 0.93 16.36 35.33
C GLN D 543 -0.21 17.33 35.67
N SER D 544 0.01 18.64 35.49
CA SER D 544 -1.07 19.60 35.62
C SER D 544 -2.04 19.54 34.46
N LEU D 545 -1.64 18.95 33.33
CA LEU D 545 -2.53 18.69 32.21
C LEU D 545 -2.94 17.22 32.11
N ALA D 546 -2.70 16.44 33.17
CA ALA D 546 -2.94 15.00 33.09
C ALA D 546 -4.39 14.70 32.70
N HIS D 547 -5.34 15.49 33.20
CA HIS D 547 -6.75 15.20 32.97
C HIS D 547 -7.20 15.58 31.56
N THR D 548 -6.55 16.55 30.93
CA THR D 548 -6.93 16.94 29.58
C THR D 548 -6.53 15.84 28.59
N SER D 549 -6.96 16.01 27.34
CA SER D 549 -6.70 15.01 26.31
C SER D 549 -5.80 15.60 25.25
N THR D 550 -6.32 16.21 24.20
CA THR D 550 -5.49 16.74 23.14
C THR D 550 -4.60 17.87 23.62
N LEU D 551 -4.97 18.54 24.72
CA LEU D 551 -4.15 19.64 25.23
C LEU D 551 -2.85 19.12 25.85
N ALA D 552 -2.92 17.98 26.54
CA ALA D 552 -1.73 17.41 27.16
C ALA D 552 -0.78 16.85 26.11
N GLY D 553 -1.30 15.99 25.22
CA GLY D 553 -0.46 15.43 24.18
C GLY D 553 0.20 16.48 23.32
N GLU D 554 -0.39 17.68 23.25
CA GLU D 554 0.22 18.76 22.50
C GLU D 554 1.51 19.24 23.16
N PHE D 555 1.55 19.22 24.49
CA PHE D 555 2.77 19.57 25.21
C PHE D 555 3.72 18.40 25.33
N ASN D 556 3.23 17.16 25.19
CA ASN D 556 4.13 16.01 25.18
C ASN D 556 5.11 16.10 24.02
N ARG D 557 4.61 16.44 22.83
CA ARG D 557 5.49 16.54 21.67
C ARG D 557 6.44 17.72 21.78
N ILE D 558 6.04 18.78 22.49
CA ILE D 558 6.94 19.91 22.69
C ILE D 558 8.07 19.53 23.64
N ALA D 559 7.75 18.75 24.69
CA ALA D 559 8.77 18.35 25.64
C ALA D 559 9.71 17.32 25.05
N VAL D 560 9.16 16.32 24.34
CA VAL D 560 10.01 15.34 23.66
C VAL D 560 11.00 16.02 22.74
N GLY D 561 10.51 16.97 21.94
CA GLY D 561 11.40 17.69 21.04
C GLY D 561 12.46 18.49 21.78
N LEU D 562 12.05 19.15 22.86
CA LEU D 562 13.00 19.94 23.64
C LEU D 562 14.12 19.06 24.18
N LYS D 563 13.77 17.95 24.81
CA LYS D 563 14.78 17.03 25.33
C LYS D 563 15.68 16.52 24.23
N GLN D 564 15.09 16.03 23.14
CA GLN D 564 15.89 15.46 22.06
C GLN D 564 16.90 16.46 21.52
N TYR D 565 16.45 17.69 21.24
CA TYR D 565 17.31 18.68 20.61
C TYR D 565 18.05 19.56 21.61
N THR D 566 17.82 19.39 22.91
CA THR D 566 18.73 19.99 23.88
C THR D 566 20.02 19.19 23.97
N GLU D 567 19.96 17.90 23.68
CA GLU D 567 21.12 17.02 23.71
C GLU D 567 21.83 16.97 22.35
N ARG D 568 21.07 16.87 21.27
CA ARG D 568 21.67 16.85 19.94
C ARG D 568 22.38 18.16 19.62
N ALA D 569 21.97 19.25 20.26
CA ALA D 569 22.52 20.57 19.97
C ALA D 569 23.76 20.90 20.79
N ASN D 570 24.14 20.05 21.75
CA ASN D 570 25.30 20.32 22.58
C ASN D 570 26.56 20.32 21.73
N PHE D 571 27.21 21.50 21.60
CA PHE D 571 28.37 21.61 20.74
C PHE D 571 29.61 21.01 21.38
N GLN D 572 29.80 21.25 22.68
CA GLN D 572 30.94 20.68 23.38
C GLN D 572 30.94 19.16 23.28
N LEU D 573 29.76 18.55 23.36
CA LEU D 573 29.64 17.10 23.24
C LEU D 573 29.77 16.63 21.79
N HIS D 574 29.44 17.49 20.83
CA HIS D 574 29.50 17.09 19.43
C HIS D 574 30.95 16.88 18.96
N LEU D 575 31.88 17.68 19.49
CA LEU D 575 33.27 17.58 19.05
C LEU D 575 33.95 16.32 19.58
N THR D 576 33.39 15.69 20.60
CA THR D 576 33.97 14.48 21.18
C THR D 576 33.44 13.21 20.53
N THR D 577 32.61 13.33 19.50
CA THR D 577 31.99 12.19 18.86
C THR D 577 32.72 11.84 17.55
N THR D 578 32.51 10.61 17.12
CA THR D 578 32.98 10.13 15.83
C THR D 578 31.79 9.58 15.05
N ASP D 579 31.99 9.42 13.73
CA ASP D 579 30.93 8.87 12.91
C ASP D 579 30.45 7.52 13.44
N GLU D 580 31.37 6.72 14.00
CA GLU D 580 31.00 5.39 14.47
C GLU D 580 30.19 5.45 15.76
N GLN D 581 30.58 6.33 16.69
CA GLN D 581 29.80 6.46 17.92
C GLN D 581 28.35 6.83 17.62
N MET D 582 28.13 7.64 16.59
CA MET D 582 26.81 8.15 16.28
C MET D 582 25.93 7.14 15.55
N LYS D 583 26.51 6.10 14.97
CA LYS D 583 25.72 4.99 14.45
C LYS D 583 25.32 4.02 15.55
N GLU D 584 26.03 4.01 16.67
CA GLU D 584 25.72 3.13 17.79
C GLU D 584 24.71 3.73 18.76
N ALA D 585 24.48 5.04 18.72
CA ALA D 585 23.48 5.66 19.56
C ALA D 585 22.06 5.23 19.21
N THR D 586 21.87 4.58 18.06
CA THR D 586 20.56 4.14 17.62
C THR D 586 20.19 2.80 18.26
#